data_5CJV
#
_entry.id   5CJV
#
_cell.length_a   317.560
_cell.length_b   317.560
_cell.length_c   343.520
_cell.angle_alpha   90.00
_cell.angle_beta   90.00
_cell.angle_gamma   120.00
#
_symmetry.space_group_name_H-M   'H 3 2'
#
loop_
_entity.id
_entity.type
_entity.pdbx_description
1 polymer 'Isobutyryl-CoA mutase fused'
2 non-polymer COBALAMIN
3 non-polymer "5'-DEOXYADENOSINE"
4 non-polymer 'Isovaleryl-coenzyme A'
5 non-polymer "GUANOSINE-5'-DIPHOSPHATE"
6 non-polymer 'MAGNESIUM ION'
#
_entity_poly.entity_id   1
_entity_poly.type   'polypeptide(L)'
_entity_poly.pdbx_seq_one_letter_code
;MGSSHHHHHHSSGLVPRGSHMTDLSDVSRTAAAKPPAVPGRGPANKVRFVTAASLFDGHDASINIMRRILQSQGCEVIHL
GHNRSVQEVVTAALQEDVQGIAISSYQGGHVEYFKYMIDLLREHGGEHIQVFGGGGGVIVPDEIRELQAYGVARIYSPED
GQRMGLAGMITDMAQRCDIDLTRYAPTTLDTVVAGDRRALAQLITALENGKADPELVSALHAQAKAAAVPVLGITGTGGA
GKSSLTDELIRRFRLDQDDALSIAVISIDPSRRKSGGALLGDRIRMNAINHPNIFMRSLATREAGSEISQALPDVIAACK
AARFDLVIVETSGIGQGDAAIVPHVDLSLYVMTPEFGAASQLEKIDMLDFADFVAINKFDRKGAQDAWRDVAKQVQRNRE
QWHSRAEDMPVYGTQASRFNDDGVTMLYQGLVGALGARGMSLKPGTLPNLEGRISTGQNVIVPPARSRYLAELADTVRAY
HRRVVAQSKLARERQQLRAAHDMLQGAGHESAALETLASERDVSLGAVERKLLAMWPQMQQAYSGDEYVVKIRDKEIRTG
LISTTLSGTKIRKVVLPRFEDEGEILKWLMRENVPGSFPYTAGVFAFKREGEDPTRMFAGEGDAFRTNRRFKLVSEGMEA
KRLSTAFDSVTLYGEDPHERPDIYGKVGNSGVSIATLEDMKVLYDGFDLTNPSTSVSMTINGPAPTILAMFMNTAIDQQI
DRFRADNGRDPTADEEAKIRAWVLQNVRGTVQADILKEDQGQNTCIFSTEFSLKVMGDIQEYFVHHQVRNFYSVSISGYH
IAEAGANPISQLAFTLANGFTYVEAYLARGMHIDDFAPNLSFFFSNGMDPEYSVLGRVARRIWAVTMRDKYGANDRSQKL
KYHIQTSGRSLHAQEIDFNDIRTTLQALIAIYDNCNSLHTNAYDEAITTPTAESVRRALAIQLIINREWGVAKCENPNQG
SFLIEELTDLVEEAVLQEFERIAERGGVLGAMETGYQRGKIQEESLYYEQLKHDGTLPIIGVNTFRNPNGDPTPQTLELA
RSSEDEKQSQLHRLTEFHGAHQADAEAMLARLRQAVIDNRNVFAVLMDAVRVCSLGQITHALFEVGGQYRRNM
;
_entity_poly.pdbx_strand_id   A,B
#
loop_
_chem_comp.id
_chem_comp.type
_chem_comp.name
_chem_comp.formula
5AD non-polymer 5'-DEOXYADENOSINE 'C10 H13 N5 O3'
B12 non-polymer COBALAMIN 'C62 H89 Co N13 O14 P 2'
GDP RNA linking GUANOSINE-5'-DIPHOSPHATE 'C10 H15 N5 O11 P2'
IVC non-polymer 'Isovaleryl-coenzyme A' 'C26 H44 N7 O17 P3 S'
MG non-polymer 'MAGNESIUM ION' 'Mg 2'
#
# COMPACT_ATOMS: atom_id res chain seq x y z
N ARG A 41 -0.15 47.93 -14.04
CA ARG A 41 1.20 48.48 -14.14
C ARG A 41 2.24 47.46 -13.68
N GLY A 42 3.32 47.33 -14.45
CA GLY A 42 4.40 46.42 -14.11
C GLY A 42 5.41 47.08 -13.18
N PRO A 43 6.70 46.74 -13.36
CA PRO A 43 7.76 47.34 -12.55
C PRO A 43 7.98 48.82 -12.89
N ALA A 44 8.71 49.53 -12.04
CA ALA A 44 8.96 50.96 -12.25
C ALA A 44 9.96 51.20 -13.37
N ASN A 45 11.02 50.40 -13.40
CA ASN A 45 12.04 50.50 -14.44
C ASN A 45 11.91 49.42 -15.50
N LYS A 46 12.72 49.52 -16.54
CA LYS A 46 12.82 48.44 -17.52
C LYS A 46 13.61 47.31 -16.91
N VAL A 47 12.92 46.35 -16.30
CA VAL A 47 13.58 45.26 -15.59
C VAL A 47 13.91 44.09 -16.51
N ARG A 48 15.20 43.75 -16.58
CA ARG A 48 15.67 42.69 -17.46
C ARG A 48 16.30 41.53 -16.68
N PHE A 49 16.08 40.32 -17.14
CA PHE A 49 16.61 39.12 -16.49
C PHE A 49 17.37 38.23 -17.47
N VAL A 50 18.35 37.49 -16.95
CA VAL A 50 18.98 36.42 -17.71
C VAL A 50 18.72 35.10 -17.01
N THR A 51 17.97 34.23 -17.67
CA THR A 51 17.60 32.94 -17.08
C THR A 51 18.29 31.79 -17.81
N ALA A 52 18.71 30.79 -17.05
CA ALA A 52 19.38 29.62 -17.60
C ALA A 52 19.42 28.48 -16.59
N ALA A 53 19.74 27.28 -17.08
CA ALA A 53 20.00 26.15 -16.19
C ALA A 53 21.51 25.99 -16.09
N SER A 54 21.97 25.44 -14.95
CA SER A 54 23.41 25.33 -14.68
C SER A 54 24.12 24.46 -15.71
N LEU A 55 25.45 24.44 -15.63
CA LEU A 55 26.26 23.67 -16.55
C LEU A 55 25.95 22.18 -16.47
N PHE A 56 25.81 21.54 -17.62
CA PHE A 56 25.49 20.12 -17.72
C PHE A 56 24.17 19.79 -17.01
N ASP A 57 23.27 20.76 -16.95
CA ASP A 57 21.97 20.56 -16.32
C ASP A 57 20.86 20.62 -17.38
N GLY A 58 20.01 19.62 -17.39
CA GLY A 58 18.91 19.56 -18.33
C GLY A 58 17.59 19.95 -17.71
N HIS A 59 17.59 20.14 -16.39
CA HIS A 59 16.38 20.50 -15.67
C HIS A 59 15.93 21.91 -16.03
N ASP A 60 15.01 22.01 -16.99
CA ASP A 60 14.50 23.32 -17.40
C ASP A 60 13.06 23.53 -16.98
N ALA A 61 12.42 22.46 -16.50
CA ALA A 61 11.01 22.51 -16.12
C ALA A 61 10.76 23.57 -15.06
N SER A 62 11.72 23.70 -14.15
CA SER A 62 11.64 24.70 -13.10
C SER A 62 11.85 26.11 -13.63
N ILE A 63 12.98 26.32 -14.33
CA ILE A 63 13.34 27.64 -14.81
C ILE A 63 12.40 28.17 -15.89
N ASN A 64 11.75 27.26 -16.61
CA ASN A 64 10.85 27.67 -17.70
C ASN A 64 9.55 28.28 -17.19
N ILE A 65 9.08 27.81 -16.05
CA ILE A 65 7.84 28.35 -15.48
C ILE A 65 8.12 29.60 -14.67
N MET A 66 9.40 29.90 -14.47
CA MET A 66 9.80 31.11 -13.76
C MET A 66 9.95 32.28 -14.74
N ARG A 67 10.49 32.00 -15.92
CA ARG A 67 10.65 33.02 -16.96
C ARG A 67 9.29 33.37 -17.55
N ARG A 68 8.30 32.51 -17.30
CA ARG A 68 6.94 32.77 -17.74
C ARG A 68 6.26 33.77 -16.81
N ILE A 69 6.42 33.56 -15.50
CA ILE A 69 5.87 34.49 -14.51
C ILE A 69 6.61 35.82 -14.58
N LEU A 70 7.92 35.76 -14.79
CA LEU A 70 8.73 36.96 -14.97
C LEU A 70 8.21 37.80 -16.12
N GLN A 71 7.97 37.15 -17.25
CA GLN A 71 7.50 37.82 -18.46
C GLN A 71 6.10 38.39 -18.28
N SER A 72 5.24 37.67 -17.57
CA SER A 72 3.86 38.11 -17.37
C SER A 72 3.77 39.28 -16.41
N GLN A 73 4.75 39.40 -15.52
CA GLN A 73 4.77 40.49 -14.56
C GLN A 73 5.39 41.75 -15.16
N GLY A 74 5.95 41.62 -16.35
CA GLY A 74 6.46 42.77 -17.08
C GLY A 74 7.97 42.88 -17.14
N CYS A 75 8.65 41.73 -17.21
CA CYS A 75 10.10 41.72 -17.29
C CYS A 75 10.57 41.20 -18.64
N GLU A 76 11.56 41.86 -19.21
CA GLU A 76 12.21 41.37 -20.41
C GLU A 76 13.18 40.25 -20.01
N VAL A 77 12.92 39.04 -20.51
CA VAL A 77 13.72 37.89 -20.12
C VAL A 77 14.57 37.36 -21.26
N ILE A 78 15.89 37.49 -21.11
CA ILE A 78 16.82 36.88 -22.06
C ILE A 78 17.09 35.45 -21.62
N HIS A 79 16.28 34.52 -22.11
CA HIS A 79 16.38 33.12 -21.72
C HIS A 79 17.50 32.42 -22.50
N LEU A 80 18.41 31.78 -21.78
CA LEU A 80 19.55 31.13 -22.38
C LEU A 80 19.35 29.62 -22.53
N GLY A 81 18.29 29.11 -21.91
CA GLY A 81 17.99 27.69 -21.96
C GLY A 81 18.82 26.87 -20.98
N HIS A 82 18.88 25.56 -21.22
CA HIS A 82 19.58 24.66 -20.33
C HIS A 82 21.08 24.59 -20.64
N ASN A 83 21.82 23.92 -19.77
CA ASN A 83 23.26 23.69 -19.95
C ASN A 83 24.03 24.96 -20.26
N ARG A 84 24.22 25.80 -19.25
CA ARG A 84 24.98 27.02 -19.43
C ARG A 84 26.06 27.15 -18.36
N SER A 85 27.30 27.30 -18.79
CA SER A 85 28.41 27.51 -17.87
C SER A 85 28.30 28.89 -17.23
N VAL A 86 29.08 29.12 -16.17
CA VAL A 86 29.12 30.42 -15.53
C VAL A 86 29.66 31.46 -16.51
N GLN A 87 30.72 31.10 -17.23
CA GLN A 87 31.32 32.00 -18.21
C GLN A 87 30.33 32.43 -19.29
N GLU A 88 29.32 31.59 -19.52
CA GLU A 88 28.27 31.90 -20.49
C GLU A 88 27.24 32.86 -19.91
N VAL A 89 26.68 32.49 -18.77
CA VAL A 89 25.62 33.27 -18.13
C VAL A 89 26.10 34.68 -17.78
N VAL A 90 27.30 34.77 -17.22
CA VAL A 90 27.86 36.06 -16.82
C VAL A 90 28.10 36.97 -18.02
N THR A 91 28.70 36.42 -19.07
CA THR A 91 28.94 37.17 -20.30
C THR A 91 27.63 37.71 -20.87
N ALA A 92 26.61 36.87 -20.88
CA ALA A 92 25.28 37.26 -21.36
C ALA A 92 24.73 38.41 -20.53
N ALA A 93 24.67 38.20 -19.21
CA ALA A 93 24.11 39.20 -18.30
C ALA A 93 24.83 40.53 -18.39
N LEU A 94 26.13 40.49 -18.68
CA LEU A 94 26.93 41.70 -18.76
C LEU A 94 26.68 42.48 -20.04
N GLN A 95 26.47 41.77 -21.14
CA GLN A 95 26.23 42.41 -22.43
C GLN A 95 24.79 42.91 -22.52
N GLU A 96 23.86 42.17 -21.91
CA GLU A 96 22.46 42.58 -21.88
C GLU A 96 22.23 43.68 -20.86
N ASP A 97 23.18 43.83 -19.94
CA ASP A 97 23.08 44.77 -18.81
C ASP A 97 21.77 44.58 -18.07
N VAL A 98 21.63 43.43 -17.42
CA VAL A 98 20.40 43.10 -16.69
C VAL A 98 20.55 43.42 -15.21
N GLN A 99 19.42 43.41 -14.50
CA GLN A 99 19.41 43.64 -13.07
C GLN A 99 19.47 42.33 -12.29
N GLY A 100 19.02 41.25 -12.92
CA GLY A 100 18.93 39.97 -12.25
C GLY A 100 19.31 38.75 -13.06
N ILE A 101 19.79 37.73 -12.36
CA ILE A 101 20.13 36.45 -12.97
C ILE A 101 19.42 35.33 -12.24
N ALA A 102 18.67 34.52 -12.98
CA ALA A 102 17.96 33.38 -12.40
C ALA A 102 18.53 32.07 -12.91
N ILE A 103 19.05 31.24 -12.00
CA ILE A 103 19.69 29.99 -12.37
C ILE A 103 19.05 28.80 -11.66
N SER A 104 18.79 27.72 -12.42
CA SER A 104 18.33 26.47 -11.82
C SER A 104 19.47 25.45 -11.83
N SER A 105 19.78 24.90 -10.66
CA SER A 105 20.83 23.90 -10.55
C SER A 105 20.36 22.64 -9.82
N TYR A 106 20.03 21.60 -10.59
CA TYR A 106 19.52 20.35 -10.01
C TYR A 106 20.54 19.22 -10.06
N GLN A 107 21.69 19.47 -10.67
CA GLN A 107 22.71 18.44 -10.80
C GLN A 107 23.64 18.40 -9.61
N GLY A 108 23.50 19.39 -8.73
CA GLY A 108 24.45 19.56 -7.64
C GLY A 108 25.65 20.34 -8.12
N GLY A 109 26.66 20.45 -7.26
CA GLY A 109 27.82 21.28 -7.58
C GLY A 109 27.41 22.74 -7.65
N HIS A 110 26.29 23.04 -7.01
CA HIS A 110 25.67 24.36 -7.08
C HIS A 110 26.41 25.37 -6.20
N VAL A 111 27.01 24.89 -5.12
CA VAL A 111 27.77 25.76 -4.22
C VAL A 111 28.95 26.36 -4.98
N GLU A 112 29.72 25.49 -5.65
CA GLU A 112 30.86 25.94 -6.43
C GLU A 112 30.41 26.78 -7.61
N TYR A 113 29.29 26.40 -8.22
CA TYR A 113 28.77 27.09 -9.39
C TYR A 113 28.40 28.54 -9.09
N PHE A 114 27.58 28.74 -8.06
CA PHE A 114 27.12 30.08 -7.72
C PHE A 114 28.25 30.94 -7.16
N LYS A 115 29.13 30.34 -6.38
CA LYS A 115 30.30 31.04 -5.88
C LYS A 115 31.15 31.58 -7.03
N TYR A 116 31.35 30.74 -8.03
CA TYR A 116 32.07 31.13 -9.23
C TYR A 116 31.38 32.31 -9.90
N MET A 117 30.06 32.23 -10.02
CA MET A 117 29.29 33.27 -10.69
C MET A 117 29.35 34.59 -9.94
N ILE A 118 29.21 34.52 -8.62
CA ILE A 118 29.30 35.72 -7.79
C ILE A 118 30.68 36.36 -7.93
N ASP A 119 31.72 35.54 -7.85
CA ASP A 119 33.10 36.02 -8.01
C ASP A 119 33.33 36.66 -9.37
N LEU A 120 32.86 35.99 -10.41
CA LEU A 120 33.10 36.43 -11.78
C LEU A 120 32.36 37.72 -12.09
N LEU A 121 31.19 37.90 -11.49
CA LEU A 121 30.40 39.10 -11.69
C LEU A 121 31.07 40.33 -11.10
N ARG A 122 31.55 40.20 -9.86
CA ARG A 122 32.23 41.30 -9.18
C ARG A 122 33.53 41.66 -9.90
N GLU A 123 34.22 40.65 -10.40
CA GLU A 123 35.51 40.83 -11.04
C GLU A 123 35.39 41.62 -12.35
N HIS A 124 34.25 41.48 -13.02
CA HIS A 124 34.06 42.10 -14.33
C HIS A 124 32.91 43.10 -14.37
N GLY A 125 32.78 43.90 -13.32
CA GLY A 125 31.83 44.99 -13.28
C GLY A 125 30.37 44.58 -13.37
N GLY A 126 29.94 43.74 -12.43
CA GLY A 126 28.56 43.29 -12.37
C GLY A 126 28.14 43.00 -10.95
N GLU A 127 28.77 43.68 -10.00
CA GLU A 127 28.49 43.48 -8.59
C GLU A 127 27.06 43.87 -8.24
N HIS A 128 26.51 44.84 -8.97
CA HIS A 128 25.16 45.32 -8.72
C HIS A 128 24.09 44.39 -9.29
N ILE A 129 24.52 43.41 -10.07
CA ILE A 129 23.61 42.40 -10.62
C ILE A 129 23.28 41.37 -9.54
N GLN A 130 21.99 41.18 -9.29
CA GLN A 130 21.55 40.23 -8.27
C GLN A 130 21.36 38.83 -8.86
N VAL A 131 21.82 37.83 -8.12
CA VAL A 131 21.72 36.44 -8.58
C VAL A 131 20.69 35.65 -7.76
N PHE A 132 19.79 34.97 -8.47
CA PHE A 132 18.77 34.14 -7.81
C PHE A 132 18.91 32.70 -8.25
N GLY A 133 18.66 31.77 -7.32
CA GLY A 133 18.81 30.36 -7.61
C GLY A 133 17.69 29.49 -7.09
N GLY A 134 17.69 28.23 -7.52
CA GLY A 134 16.72 27.26 -7.07
C GLY A 134 17.08 25.89 -7.60
N GLY A 135 16.91 24.87 -6.77
CA GLY A 135 17.24 23.51 -7.17
C GLY A 135 16.41 22.50 -6.43
N GLY A 136 15.27 22.95 -5.90
CA GLY A 136 14.41 22.07 -5.14
C GLY A 136 15.09 21.58 -3.88
N GLY A 137 15.05 20.28 -3.66
CA GLY A 137 15.60 19.69 -2.45
C GLY A 137 17.10 19.45 -2.52
N VAL A 138 17.66 19.60 -3.72
CA VAL A 138 19.10 19.38 -3.94
C VAL A 138 19.93 20.35 -3.11
N ILE A 139 19.54 21.63 -3.14
CA ILE A 139 20.23 22.66 -2.35
C ILE A 139 19.68 22.71 -0.93
N VAL A 140 20.34 21.99 -0.02
CA VAL A 140 19.93 21.92 1.37
C VAL A 140 20.02 23.29 2.05
N PRO A 141 19.22 23.51 3.11
CA PRO A 141 19.19 24.77 3.87
C PRO A 141 20.55 25.35 4.23
N ASP A 142 21.48 24.51 4.67
CA ASP A 142 22.82 24.98 5.05
C ASP A 142 23.54 25.63 3.89
N GLU A 143 23.40 25.05 2.71
CA GLU A 143 24.05 25.57 1.52
C GLU A 143 23.38 26.85 1.03
N ILE A 144 22.09 27.00 1.35
CA ILE A 144 21.36 28.21 1.00
C ILE A 144 21.86 29.39 1.83
N ARG A 145 21.99 29.16 3.13
CA ARG A 145 22.49 30.20 4.03
C ARG A 145 23.93 30.56 3.66
N GLU A 146 24.70 29.57 3.24
CA GLU A 146 26.09 29.80 2.82
C GLU A 146 26.15 30.65 1.56
N LEU A 147 25.39 30.24 0.55
CA LEU A 147 25.40 30.91 -0.74
C LEU A 147 24.81 32.32 -0.66
N GLN A 148 23.78 32.49 0.16
CA GLN A 148 23.17 33.80 0.33
C GLN A 148 24.10 34.71 1.12
N ALA A 149 24.93 34.12 1.97
CA ALA A 149 25.94 34.88 2.72
C ALA A 149 27.10 35.25 1.82
N TYR A 150 27.32 34.44 0.78
CA TYR A 150 28.43 34.66 -0.14
C TYR A 150 28.17 35.86 -1.05
N GLY A 151 26.93 36.01 -1.49
CA GLY A 151 26.56 37.11 -2.36
C GLY A 151 25.24 36.89 -3.11
N VAL A 152 24.81 35.63 -3.19
CA VAL A 152 23.56 35.30 -3.86
C VAL A 152 22.39 36.00 -3.18
N ALA A 153 21.53 36.63 -3.99
CA ALA A 153 20.37 37.34 -3.47
C ALA A 153 19.45 36.41 -2.69
N ARG A 154 18.83 35.47 -3.40
CA ARG A 154 17.96 34.48 -2.76
C ARG A 154 18.03 33.13 -3.47
N ILE A 155 18.01 32.07 -2.69
CA ILE A 155 17.83 30.73 -3.24
C ILE A 155 16.59 30.10 -2.63
N TYR A 156 15.64 29.76 -3.49
CA TYR A 156 14.32 29.34 -3.04
C TYR A 156 14.20 27.83 -2.87
N SER A 157 13.81 27.41 -1.67
CA SER A 157 13.58 26.01 -1.36
C SER A 157 12.14 25.65 -1.72
N PRO A 158 11.83 24.35 -1.82
CA PRO A 158 10.44 23.94 -2.07
C PRO A 158 9.49 24.45 -0.99
N GLU A 159 10.01 24.64 0.21
CA GLU A 159 9.21 25.18 1.30
C GLU A 159 8.94 26.67 1.09
N ASP A 160 9.90 27.36 0.48
CA ASP A 160 9.72 28.77 0.13
C ASP A 160 8.62 28.90 -0.92
N GLY A 161 8.61 27.96 -1.86
CA GLY A 161 7.62 27.95 -2.93
C GLY A 161 6.22 27.74 -2.39
N GLN A 162 6.09 26.92 -1.37
CA GLN A 162 4.79 26.66 -0.77
C GLN A 162 4.28 27.89 -0.04
N ARG A 163 5.15 28.52 0.74
CA ARG A 163 4.76 29.67 1.55
C ARG A 163 4.48 30.89 0.68
N MET A 164 5.39 31.18 -0.24
CA MET A 164 5.31 32.39 -1.05
C MET A 164 4.40 32.22 -2.26
N GLY A 165 4.34 31.00 -2.78
CA GLY A 165 3.61 30.75 -4.00
C GLY A 165 4.48 30.99 -5.21
N LEU A 166 4.06 30.47 -6.36
CA LEU A 166 4.80 30.62 -7.60
C LEU A 166 4.97 32.08 -7.97
N ALA A 167 3.88 32.82 -7.93
CA ALA A 167 3.89 34.25 -8.26
C ALA A 167 4.60 35.05 -7.17
N GLY A 168 4.51 34.57 -5.94
CA GLY A 168 5.11 35.24 -4.80
C GLY A 168 6.62 35.33 -4.90
N MET A 169 7.26 34.22 -5.27
CA MET A 169 8.70 34.19 -5.45
C MET A 169 9.14 35.19 -6.52
N ILE A 170 8.47 35.16 -7.66
CA ILE A 170 8.83 36.00 -8.78
C ILE A 170 8.54 37.47 -8.49
N THR A 171 7.49 37.74 -7.72
CA THR A 171 7.20 39.10 -7.29
C THR A 171 8.35 39.61 -6.42
N ASP A 172 8.76 38.80 -5.44
CA ASP A 172 9.88 39.12 -4.58
C ASP A 172 11.16 39.31 -5.39
N MET A 173 11.35 38.43 -6.35
CA MET A 173 12.55 38.44 -7.19
C MET A 173 12.59 39.69 -8.08
N ALA A 174 11.42 40.07 -8.60
CA ALA A 174 11.32 41.21 -9.50
C ALA A 174 11.46 42.53 -8.78
N GLN A 175 10.82 42.64 -7.62
CA GLN A 175 10.85 43.88 -6.85
C GLN A 175 12.24 44.21 -6.34
N ARG A 176 13.06 43.17 -6.14
CA ARG A 176 14.46 43.38 -5.75
C ARG A 176 15.24 44.01 -6.88
N CYS A 177 14.98 43.55 -8.10
CA CYS A 177 15.74 43.99 -9.27
C CYS A 177 15.13 45.22 -9.92
N ASP A 178 14.11 45.78 -9.28
CA ASP A 178 13.44 46.97 -9.82
C ASP A 178 14.28 48.22 -9.56
N ILE A 179 15.42 48.30 -10.23
CA ILE A 179 16.34 49.43 -10.05
C ILE A 179 16.70 50.06 -11.39
N ASP A 180 17.11 51.33 -11.35
CA ASP A 180 17.47 52.06 -12.57
C ASP A 180 18.96 51.95 -12.86
N LEU A 181 19.30 51.25 -13.95
CA LEU A 181 20.69 50.99 -14.28
C LEU A 181 21.34 52.11 -15.10
N THR A 182 20.61 53.20 -15.31
CA THR A 182 21.12 54.29 -16.12
C THR A 182 22.15 55.14 -15.38
N ARG A 183 22.26 54.91 -14.06
CA ARG A 183 23.25 55.62 -13.26
C ARG A 183 24.65 55.07 -13.51
N TYR A 184 24.73 53.81 -13.92
CA TYR A 184 26.01 53.17 -14.20
C TYR A 184 26.48 53.46 -15.62
N ALA A 185 25.65 54.17 -16.38
CA ALA A 185 25.96 54.50 -17.77
C ALA A 185 27.08 55.52 -17.86
N PRO A 186 27.97 55.36 -18.86
CA PRO A 186 29.06 56.31 -19.08
C PRO A 186 28.54 57.68 -19.52
N THR A 187 29.25 58.74 -19.16
CA THR A 187 28.85 60.09 -19.52
C THR A 187 29.62 60.59 -20.74
N THR A 188 30.76 59.96 -21.00
CA THR A 188 31.56 60.27 -22.19
C THR A 188 31.83 59.02 -23.00
N LEU A 189 32.12 59.18 -24.29
CA LEU A 189 32.33 58.05 -25.17
C LEU A 189 33.74 57.47 -25.06
N ASP A 190 34.56 58.08 -24.19
CA ASP A 190 35.95 57.68 -24.01
C ASP A 190 36.10 56.19 -23.72
N THR A 191 35.29 55.69 -22.79
CA THR A 191 35.32 54.29 -22.42
C THR A 191 34.90 53.39 -23.57
N VAL A 192 33.76 53.71 -24.19
CA VAL A 192 33.16 52.87 -25.22
C VAL A 192 34.04 52.74 -26.47
N VAL A 193 34.56 53.86 -26.95
CA VAL A 193 35.40 53.89 -28.15
C VAL A 193 36.71 53.13 -27.93
N ALA A 194 37.21 53.17 -26.70
CA ALA A 194 38.44 52.50 -26.34
C ALA A 194 38.35 50.99 -26.55
N GLY A 195 37.13 50.46 -26.47
CA GLY A 195 36.90 49.04 -26.69
C GLY A 195 36.21 48.38 -25.52
N ASP A 196 35.86 49.18 -24.51
CA ASP A 196 35.15 48.67 -23.34
C ASP A 196 33.78 48.15 -23.76
N ARG A 197 33.58 46.84 -23.63
CA ARG A 197 32.33 46.21 -24.03
C ARG A 197 31.28 46.30 -22.93
N ARG A 198 31.72 46.46 -21.69
CA ARG A 198 30.81 46.62 -20.56
C ARG A 198 30.23 48.02 -20.55
N ALA A 199 31.06 49.00 -20.89
CA ALA A 199 30.61 50.38 -20.99
C ALA A 199 29.63 50.54 -22.16
N LEU A 200 29.90 49.81 -23.23
CA LEU A 200 29.02 49.81 -24.39
C LEU A 200 27.65 49.27 -24.04
N ALA A 201 27.64 48.17 -23.30
CA ALA A 201 26.39 47.52 -22.89
C ALA A 201 25.56 48.44 -22.00
N GLN A 202 26.24 49.24 -21.19
CA GLN A 202 25.57 50.17 -20.28
C GLN A 202 25.13 51.44 -20.99
N LEU A 203 25.94 51.88 -21.95
CA LEU A 203 25.59 53.05 -22.76
C LEU A 203 24.32 52.77 -23.57
N ILE A 204 24.17 51.52 -24.00
CA ILE A 204 22.98 51.11 -24.73
C ILE A 204 21.73 51.17 -23.86
N THR A 205 21.88 50.74 -22.61
CA THR A 205 20.77 50.76 -21.65
C THR A 205 20.36 52.21 -21.37
N ALA A 206 21.31 53.13 -21.51
CA ALA A 206 21.02 54.55 -21.34
C ALA A 206 20.32 55.10 -22.57
N LEU A 207 20.79 54.69 -23.74
CA LEU A 207 20.21 55.15 -25.00
C LEU A 207 18.81 54.58 -25.22
N GLU A 208 18.62 53.33 -24.84
CA GLU A 208 17.34 52.66 -25.02
C GLU A 208 16.25 53.29 -24.16
N ASN A 209 16.61 53.67 -22.95
CA ASN A 209 15.67 54.27 -22.01
C ASN A 209 15.53 55.78 -22.21
N GLY A 210 16.34 56.32 -23.11
CA GLY A 210 16.28 57.74 -23.44
C GLY A 210 16.78 58.63 -22.33
N LYS A 211 17.60 58.09 -21.45
CA LYS A 211 18.17 58.86 -20.35
C LYS A 211 19.58 59.34 -20.68
N ALA A 212 19.97 59.20 -21.94
CA ALA A 212 21.26 59.67 -22.41
C ALA A 212 21.19 61.14 -22.81
N ASP A 213 22.25 61.89 -22.50
CA ASP A 213 22.29 63.31 -22.77
C ASP A 213 22.26 63.60 -24.28
N PRO A 214 21.44 64.57 -24.70
CA PRO A 214 21.28 64.96 -26.10
C PRO A 214 22.59 65.34 -26.79
N GLU A 215 23.47 66.03 -26.08
CA GLU A 215 24.76 66.43 -26.63
C GLU A 215 25.67 65.21 -26.81
N LEU A 216 25.44 64.19 -25.98
CA LEU A 216 26.19 62.94 -26.07
C LEU A 216 25.70 62.10 -27.24
N VAL A 217 24.39 62.12 -27.47
CA VAL A 217 23.76 61.37 -28.54
C VAL A 217 24.24 61.83 -29.91
N SER A 218 24.18 63.14 -30.14
CA SER A 218 24.63 63.72 -31.40
C SER A 218 26.13 63.51 -31.60
N ALA A 219 26.88 63.54 -30.50
CA ALA A 219 28.32 63.30 -30.55
C ALA A 219 28.61 61.85 -30.91
N LEU A 220 27.70 60.96 -30.52
CA LEU A 220 27.83 59.54 -30.81
C LEU A 220 27.59 59.26 -32.30
N HIS A 221 26.53 59.86 -32.84
CA HIS A 221 26.20 59.71 -34.25
C HIS A 221 27.26 60.37 -35.13
N ALA A 222 27.87 61.43 -34.62
CA ALA A 222 28.92 62.14 -35.34
C ALA A 222 30.13 61.25 -35.55
N GLN A 223 30.50 60.51 -34.50
CA GLN A 223 31.65 59.63 -34.58
C GLN A 223 31.26 58.31 -35.27
N ALA A 224 29.99 57.97 -35.21
CA ALA A 224 29.48 56.77 -35.86
C ALA A 224 29.52 56.94 -37.38
N LYS A 225 29.31 58.17 -37.84
CA LYS A 225 29.37 58.49 -39.26
C LYS A 225 30.80 58.34 -39.77
N ALA A 226 31.75 58.85 -38.99
CA ALA A 226 33.16 58.78 -39.35
C ALA A 226 33.72 57.38 -39.16
N ALA A 227 32.98 56.54 -38.44
CA ALA A 227 33.42 55.18 -38.17
C ALA A 227 33.41 54.33 -39.45
N ALA A 228 32.41 54.53 -40.28
CA ALA A 228 32.29 53.84 -41.56
C ALA A 228 32.38 52.32 -41.43
N VAL A 229 31.49 51.75 -40.62
CA VAL A 229 31.40 50.30 -40.49
C VAL A 229 30.10 49.80 -41.12
N PRO A 230 30.16 48.66 -41.81
CA PRO A 230 28.99 48.09 -42.50
C PRO A 230 27.94 47.57 -41.52
N VAL A 231 26.66 47.76 -41.86
CA VAL A 231 25.58 47.26 -41.03
C VAL A 231 24.67 46.31 -41.81
N LEU A 232 24.77 45.01 -41.50
CA LEU A 232 23.93 44.02 -42.16
C LEU A 232 22.61 43.83 -41.44
N GLY A 233 21.51 44.05 -42.16
CA GLY A 233 20.19 43.84 -41.60
C GLY A 233 19.63 42.49 -42.02
N ILE A 234 19.19 41.72 -41.04
CA ILE A 234 18.57 40.43 -41.32
C ILE A 234 17.12 40.43 -40.86
N THR A 235 16.22 40.36 -41.82
CA THR A 235 14.78 40.40 -41.54
C THR A 235 14.08 39.25 -42.24
N GLY A 236 12.81 39.04 -41.93
CA GLY A 236 12.05 37.98 -42.57
C GLY A 236 10.86 37.51 -41.75
N THR A 237 10.09 36.59 -42.32
CA THR A 237 8.91 36.06 -41.66
C THR A 237 9.23 35.39 -40.32
N GLY A 238 8.22 35.22 -39.48
CA GLY A 238 8.41 34.66 -38.16
C GLY A 238 8.82 33.20 -38.17
N GLY A 239 9.86 32.88 -37.41
CA GLY A 239 10.32 31.51 -37.27
C GLY A 239 10.97 30.94 -38.52
N ALA A 240 11.28 31.80 -39.48
CA ALA A 240 11.90 31.36 -40.73
C ALA A 240 13.29 30.82 -40.51
N GLY A 241 13.98 31.35 -39.50
CA GLY A 241 15.32 30.90 -39.17
C GLY A 241 16.32 32.02 -39.16
N LYS A 242 15.83 33.24 -38.92
CA LYS A 242 16.68 34.43 -38.91
C LYS A 242 17.81 34.34 -37.89
N SER A 243 17.49 33.92 -36.68
CA SER A 243 18.49 33.78 -35.63
C SER A 243 19.48 32.66 -35.94
N SER A 244 18.96 31.52 -36.36
CA SER A 244 19.79 30.36 -36.69
C SER A 244 20.75 30.66 -37.83
N LEU A 245 20.24 31.33 -38.85
CA LEU A 245 21.04 31.69 -40.01
C LEU A 245 22.07 32.75 -39.63
N THR A 246 21.69 33.66 -38.73
CA THR A 246 22.61 34.67 -38.24
C THR A 246 23.80 34.02 -37.55
N ASP A 247 23.51 33.10 -36.64
CA ASP A 247 24.55 32.38 -35.89
C ASP A 247 25.48 31.65 -36.84
N GLU A 248 24.92 30.94 -37.81
CA GLU A 248 25.70 30.20 -38.79
C GLU A 248 26.60 31.12 -39.60
N LEU A 249 26.06 32.26 -40.02
CA LEU A 249 26.83 33.23 -40.78
C LEU A 249 28.00 33.76 -39.97
N ILE A 250 27.78 33.99 -38.69
CA ILE A 250 28.83 34.44 -37.78
C ILE A 250 29.90 33.36 -37.63
N ARG A 251 29.46 32.12 -37.53
CA ARG A 251 30.40 31.00 -37.47
C ARG A 251 31.26 30.96 -38.72
N ARG A 252 30.66 31.20 -39.87
CA ARG A 252 31.40 31.27 -41.12
C ARG A 252 32.44 32.38 -41.06
N PHE A 253 32.04 33.53 -40.51
CA PHE A 253 32.95 34.66 -40.36
C PHE A 253 34.14 34.31 -39.50
N ARG A 254 33.91 33.54 -38.45
CA ARG A 254 34.98 33.18 -37.51
C ARG A 254 35.97 32.20 -38.15
N LEU A 255 35.44 31.15 -38.77
CA LEU A 255 36.28 30.14 -39.41
C LEU A 255 37.07 30.72 -40.58
N ASP A 256 36.44 31.63 -41.32
CA ASP A 256 37.04 32.18 -42.51
C ASP A 256 38.16 33.18 -42.18
N GLN A 257 37.96 33.96 -41.12
CA GLN A 257 38.86 35.04 -40.79
C GLN A 257 39.70 34.77 -39.54
N ASP A 258 39.62 33.54 -39.04
CA ASP A 258 40.37 33.13 -37.86
C ASP A 258 40.06 34.03 -36.67
N ASP A 259 38.77 34.29 -36.46
CA ASP A 259 38.28 35.09 -35.34
C ASP A 259 38.97 36.45 -35.23
N ALA A 260 39.20 37.09 -36.38
CA ALA A 260 39.86 38.39 -36.39
C ALA A 260 38.86 39.54 -36.44
N LEU A 261 37.61 39.21 -36.74
CA LEU A 261 36.57 40.22 -36.88
C LEU A 261 35.82 40.50 -35.58
N SER A 262 35.56 41.78 -35.33
CA SER A 262 34.77 42.19 -34.18
C SER A 262 33.33 42.45 -34.61
N ILE A 263 32.45 41.49 -34.32
CA ILE A 263 31.07 41.55 -34.78
C ILE A 263 30.09 41.91 -33.65
N ALA A 264 29.22 42.87 -33.93
CA ALA A 264 28.17 43.27 -32.99
C ALA A 264 26.82 42.79 -33.48
N VAL A 265 26.07 42.11 -32.60
CA VAL A 265 24.79 41.55 -32.99
C VAL A 265 23.63 42.17 -32.20
N ILE A 266 22.71 42.79 -32.91
CA ILE A 266 21.53 43.38 -32.29
C ILE A 266 20.27 42.64 -32.73
N SER A 267 19.79 41.74 -31.89
CA SER A 267 18.61 40.95 -32.22
C SER A 267 17.36 41.53 -31.57
N ILE A 268 16.30 41.67 -32.36
CA ILE A 268 15.05 42.25 -31.88
C ILE A 268 13.92 41.23 -31.93
N ASP A 269 13.21 41.10 -30.81
CA ASP A 269 12.06 40.20 -30.73
C ASP A 269 10.83 40.98 -30.29
N PRO A 270 9.65 40.56 -30.75
CA PRO A 270 8.43 41.34 -30.48
C PRO A 270 8.06 41.32 -29.00
N SER A 271 7.52 42.42 -28.50
CA SER A 271 7.19 42.56 -27.08
C SER A 271 5.69 42.63 -26.84
N ARG A 272 5.19 41.71 -26.02
CA ARG A 272 3.78 41.73 -25.63
C ARG A 272 3.50 42.93 -24.74
N ARG A 273 2.75 43.89 -25.25
CA ARG A 273 2.48 45.14 -24.55
C ARG A 273 1.50 44.93 -23.38
N LYS A 274 0.77 43.82 -23.42
CA LYS A 274 -0.18 43.48 -22.37
C LYS A 274 0.52 43.30 -21.03
N SER A 275 1.49 42.38 -20.99
CA SER A 275 2.26 42.12 -19.79
C SER A 275 3.19 43.28 -19.44
N GLY A 276 3.92 43.78 -20.44
CA GLY A 276 4.86 44.85 -20.25
C GLY A 276 6.25 44.44 -20.68
N GLY A 277 6.61 43.19 -20.39
CA GLY A 277 7.90 42.66 -20.74
C GLY A 277 7.84 41.84 -22.01
N ALA A 278 8.92 41.11 -22.31
CA ALA A 278 9.00 40.32 -23.53
C ALA A 278 9.88 39.08 -23.37
N LEU A 279 9.77 38.16 -24.31
CA LEU A 279 10.60 36.97 -24.33
C LEU A 279 11.62 37.06 -25.46
N LEU A 280 12.73 37.73 -25.18
CA LEU A 280 13.80 37.90 -26.15
C LEU A 280 14.49 36.57 -26.45
N GLY A 281 13.91 35.81 -27.35
CA GLY A 281 14.39 34.46 -27.64
C GLY A 281 15.17 34.35 -28.93
N ASP A 282 16.25 35.12 -29.03
CA ASP A 282 17.14 35.04 -30.16
C ASP A 282 18.51 34.51 -29.72
N ARG A 283 18.93 34.96 -28.54
CA ARG A 283 20.25 34.62 -28.02
C ARG A 283 20.39 33.13 -27.75
N ILE A 284 19.27 32.49 -27.42
CA ILE A 284 19.26 31.06 -27.09
C ILE A 284 19.68 30.21 -28.31
N ARG A 285 19.46 30.73 -29.50
CA ARG A 285 19.79 30.02 -30.73
C ARG A 285 21.23 30.26 -31.16
N MET A 286 21.89 31.22 -30.51
CA MET A 286 23.26 31.59 -30.86
C MET A 286 24.30 30.72 -30.16
N ASN A 287 25.08 29.98 -30.95
CA ASN A 287 26.13 29.14 -30.39
C ASN A 287 27.53 29.62 -30.75
N ALA A 288 27.62 30.51 -31.75
CA ALA A 288 28.91 30.96 -32.24
C ALA A 288 29.29 32.33 -31.71
N ILE A 289 28.49 32.87 -30.80
CA ILE A 289 28.74 34.21 -30.28
C ILE A 289 29.58 34.19 -29.00
N ASN A 290 30.00 33.01 -28.60
CA ASN A 290 30.80 32.86 -27.38
C ASN A 290 32.28 33.11 -27.65
N HIS A 291 32.66 34.39 -27.71
CA HIS A 291 34.01 34.81 -28.02
C HIS A 291 34.16 36.30 -27.71
N PRO A 292 35.33 36.71 -27.21
CA PRO A 292 35.58 38.11 -26.84
C PRO A 292 35.33 39.11 -27.97
N ASN A 293 35.53 38.71 -29.21
CA ASN A 293 35.33 39.61 -30.35
C ASN A 293 33.87 39.73 -30.77
N ILE A 294 33.00 38.94 -30.14
CA ILE A 294 31.58 38.96 -30.45
C ILE A 294 30.77 39.59 -29.31
N PHE A 295 29.87 40.49 -29.66
CA PHE A 295 29.01 41.17 -28.69
C PHE A 295 27.56 41.09 -29.16
N MET A 296 26.64 40.78 -28.24
CA MET A 296 25.24 40.70 -28.60
C MET A 296 24.31 41.32 -27.56
N ARG A 297 23.34 42.09 -28.04
CA ARG A 297 22.34 42.71 -27.19
C ARG A 297 20.94 42.40 -27.71
N SER A 298 20.06 41.93 -26.83
CA SER A 298 18.69 41.61 -27.21
C SER A 298 17.73 42.76 -26.89
N LEU A 299 17.02 43.24 -27.90
CA LEU A 299 16.09 44.35 -27.72
C LEU A 299 14.64 43.93 -27.94
N ALA A 300 13.76 44.44 -27.10
CA ALA A 300 12.33 44.27 -27.31
C ALA A 300 11.82 45.41 -28.17
N THR A 301 10.86 45.12 -29.04
CA THR A 301 10.28 46.14 -29.91
C THR A 301 9.67 47.26 -29.08
N ARG A 302 9.05 46.87 -27.97
CA ARG A 302 8.42 47.77 -27.00
C ARG A 302 7.31 48.62 -27.64
N GLU A 303 6.74 48.10 -28.72
CA GLU A 303 5.61 48.75 -29.40
C GLU A 303 4.61 47.71 -29.91
N SER A 306 5.46 47.73 -34.56
CA SER A 306 6.72 47.90 -35.29
C SER A 306 7.67 46.74 -35.01
N GLU A 307 8.54 46.45 -35.98
CA GLU A 307 9.49 45.35 -35.85
C GLU A 307 10.89 45.85 -35.53
N ILE A 308 10.98 47.10 -35.10
CA ILE A 308 12.26 47.69 -34.72
C ILE A 308 12.10 48.51 -33.46
N SER A 309 13.11 48.45 -32.59
CA SER A 309 13.12 49.24 -31.36
C SER A 309 13.14 50.73 -31.71
N GLN A 310 12.46 51.53 -30.90
CA GLN A 310 12.34 52.97 -31.17
C GLN A 310 13.69 53.69 -31.08
N ALA A 311 14.68 53.02 -30.52
CA ALA A 311 16.01 53.60 -30.38
C ALA A 311 17.06 52.80 -31.14
N LEU A 312 16.62 52.04 -32.15
CA LEU A 312 17.53 51.23 -32.97
C LEU A 312 18.64 52.02 -33.65
N PRO A 313 18.33 53.18 -34.26
CA PRO A 313 19.43 53.95 -34.85
C PRO A 313 20.49 54.37 -33.83
N ASP A 314 20.07 54.61 -32.60
CA ASP A 314 20.99 54.98 -31.53
C ASP A 314 21.87 53.79 -31.13
N VAL A 315 21.24 52.64 -30.96
CA VAL A 315 21.96 51.42 -30.57
C VAL A 315 22.97 51.02 -31.64
N ILE A 316 22.57 51.11 -32.91
CA ILE A 316 23.46 50.81 -34.01
C ILE A 316 24.67 51.74 -34.00
N ALA A 317 24.40 53.04 -33.90
CA ALA A 317 25.45 54.05 -33.87
C ALA A 317 26.41 53.83 -32.71
N ALA A 318 25.88 53.33 -31.60
CA ALA A 318 26.69 53.05 -30.41
C ALA A 318 27.68 51.93 -30.70
N CYS A 319 27.26 50.95 -31.49
CA CYS A 319 28.13 49.84 -31.87
C CYS A 319 29.16 50.28 -32.91
N LYS A 320 28.74 51.17 -33.81
CA LYS A 320 29.63 51.68 -34.84
C LYS A 320 30.78 52.44 -34.21
N ALA A 321 30.48 53.19 -33.16
CA ALA A 321 31.49 54.00 -32.48
C ALA A 321 32.41 53.15 -31.60
N ALA A 322 31.97 51.92 -31.30
CA ALA A 322 32.75 51.02 -30.47
C ALA A 322 33.78 50.25 -31.30
N ARG A 323 33.98 50.71 -32.53
CA ARG A 323 34.99 50.18 -33.45
C ARG A 323 34.80 48.69 -33.76
N PHE A 324 33.55 48.27 -33.94
CA PHE A 324 33.27 46.92 -34.41
C PHE A 324 33.48 46.85 -35.92
N ASP A 325 33.92 45.70 -36.41
CA ASP A 325 34.20 45.54 -37.83
C ASP A 325 32.91 45.35 -38.64
N LEU A 326 31.86 44.90 -37.97
CA LEU A 326 30.57 44.64 -38.61
C LEU A 326 29.43 44.62 -37.60
N VAL A 327 28.32 45.26 -37.95
CA VAL A 327 27.13 45.23 -37.10
C VAL A 327 26.00 44.49 -37.79
N ILE A 328 25.48 43.46 -37.14
CA ILE A 328 24.39 42.67 -37.70
C ILE A 328 23.11 42.87 -36.87
N VAL A 329 22.01 43.14 -37.55
CA VAL A 329 20.73 43.39 -36.88
C VAL A 329 19.65 42.40 -37.31
N GLU A 330 19.06 41.72 -36.33
CA GLU A 330 17.93 40.83 -36.58
C GLU A 330 16.64 41.47 -36.11
N THR A 331 15.63 41.49 -36.99
CA THR A 331 14.33 42.04 -36.62
C THR A 331 13.42 40.94 -36.07
N SER A 332 12.15 41.28 -35.87
CA SER A 332 11.17 40.30 -35.42
C SER A 332 10.43 39.70 -36.60
N GLY A 333 9.34 38.99 -36.29
CA GLY A 333 8.48 38.44 -37.31
C GLY A 333 7.78 39.54 -38.09
N ILE A 334 8.31 39.82 -39.28
CA ILE A 334 7.74 40.84 -40.14
C ILE A 334 6.69 40.25 -41.07
N GLY A 335 5.69 41.04 -41.42
CA GLY A 335 4.66 40.60 -42.34
C GLY A 335 5.16 40.60 -43.78
N GLN A 336 4.23 40.53 -44.72
CA GLN A 336 4.58 40.56 -46.13
C GLN A 336 4.98 41.97 -46.56
N GLY A 337 4.24 42.97 -46.09
CA GLY A 337 4.47 44.34 -46.48
C GLY A 337 5.33 45.14 -45.51
N ASP A 338 6.02 44.45 -44.62
CA ASP A 338 6.90 45.11 -43.65
C ASP A 338 8.34 45.15 -44.16
N ALA A 339 9.00 46.29 -43.96
CA ALA A 339 10.37 46.46 -44.44
C ALA A 339 11.04 47.66 -43.77
N ALA A 340 10.95 47.74 -42.45
CA ALA A 340 11.44 48.89 -41.70
C ALA A 340 12.94 48.81 -41.41
N ILE A 341 13.54 47.68 -41.74
CA ILE A 341 14.96 47.47 -41.46
C ILE A 341 15.83 48.09 -42.55
N VAL A 342 15.24 48.32 -43.71
CA VAL A 342 15.97 48.81 -44.88
C VAL A 342 16.67 50.17 -44.72
N PRO A 343 15.99 51.17 -44.15
CA PRO A 343 16.69 52.47 -44.12
C PRO A 343 17.78 52.57 -43.05
N HIS A 344 17.84 51.61 -42.14
CA HIS A 344 18.77 51.69 -41.02
C HIS A 344 20.06 50.90 -41.26
N VAL A 345 20.06 50.05 -42.28
CA VAL A 345 21.21 49.20 -42.55
C VAL A 345 21.85 49.50 -43.90
N ASP A 346 23.06 49.00 -44.11
CA ASP A 346 23.77 49.17 -45.36
C ASP A 346 23.53 48.00 -46.30
N LEU A 347 23.21 46.85 -45.71
CA LEU A 347 22.85 45.65 -46.48
C LEU A 347 21.71 44.91 -45.78
N SER A 348 20.72 44.48 -46.57
CA SER A 348 19.56 43.80 -46.02
C SER A 348 19.40 42.38 -46.55
N LEU A 349 19.04 41.46 -45.66
CA LEU A 349 18.86 40.06 -46.02
C LEU A 349 17.48 39.57 -45.61
N TYR A 350 16.64 39.25 -46.60
CA TYR A 350 15.30 38.73 -46.34
C TYR A 350 15.34 37.21 -46.22
N VAL A 351 14.84 36.70 -45.10
CA VAL A 351 14.81 35.26 -44.86
C VAL A 351 13.38 34.73 -44.96
N MET A 352 13.21 33.65 -45.71
CA MET A 352 11.88 33.05 -45.87
C MET A 352 11.96 31.53 -45.92
N THR A 353 10.80 30.88 -45.85
CA THR A 353 10.72 29.43 -45.98
C THR A 353 10.08 29.11 -47.33
N PRO A 354 10.27 27.88 -47.83
CA PRO A 354 9.64 27.48 -49.09
C PRO A 354 8.12 27.60 -49.08
N GLU A 355 7.52 27.59 -47.89
CA GLU A 355 6.07 27.74 -47.77
C GLU A 355 5.67 29.23 -47.74
N PHE A 356 5.19 29.71 -48.88
CA PHE A 356 4.71 31.09 -49.00
C PHE A 356 3.40 31.11 -49.78
N GLY A 357 2.79 29.93 -49.94
CA GLY A 357 1.54 29.80 -50.65
C GLY A 357 1.73 29.83 -52.15
N ALA A 358 0.92 30.63 -52.84
CA ALA A 358 1.00 30.75 -54.28
C ALA A 358 2.21 31.58 -54.69
N ALA A 359 2.57 31.50 -55.97
CA ALA A 359 3.70 32.24 -56.52
C ALA A 359 3.36 33.70 -56.73
N SER A 360 2.06 34.01 -56.70
CA SER A 360 1.59 35.38 -56.88
C SER A 360 1.77 36.19 -55.61
N GLN A 361 1.99 35.50 -54.49
CA GLN A 361 2.17 36.15 -53.20
C GLN A 361 3.45 36.98 -53.17
N LEU A 362 4.45 36.53 -53.94
CA LEU A 362 5.75 37.17 -53.95
C LEU A 362 5.70 38.59 -54.50
N GLU A 363 4.63 38.91 -55.22
CA GLU A 363 4.44 40.24 -55.77
C GLU A 363 3.91 41.20 -54.71
N LYS A 364 3.55 40.67 -53.55
CA LYS A 364 3.00 41.47 -52.46
C LYS A 364 4.06 41.76 -51.41
N ILE A 365 5.13 40.98 -51.40
CA ILE A 365 6.19 41.12 -50.41
C ILE A 365 7.08 42.32 -50.71
N ASP A 366 6.93 43.37 -49.90
CA ASP A 366 7.70 44.61 -50.10
C ASP A 366 9.19 44.39 -49.94
N MET A 367 9.57 43.42 -49.10
CA MET A 367 10.98 43.23 -48.78
C MET A 367 11.76 42.65 -49.95
N LEU A 368 11.07 41.97 -50.86
CA LEU A 368 11.70 41.43 -52.06
C LEU A 368 12.11 42.53 -53.02
N ASP A 369 11.68 43.76 -52.72
CA ASP A 369 11.96 44.90 -53.57
C ASP A 369 13.18 45.68 -53.09
N PHE A 370 13.58 45.44 -51.85
CA PHE A 370 14.67 46.18 -51.24
C PHE A 370 15.86 45.31 -50.87
N ALA A 371 15.59 44.04 -50.57
CA ALA A 371 16.61 43.12 -50.09
C ALA A 371 17.78 42.98 -51.07
N ASP A 372 18.99 43.13 -50.55
CA ASP A 372 20.19 42.94 -51.34
C ASP A 372 20.47 41.46 -51.50
N PHE A 373 20.03 40.68 -50.51
CA PHE A 373 20.16 39.23 -50.53
C PHE A 373 18.88 38.60 -50.01
N VAL A 374 18.49 37.49 -50.62
CA VAL A 374 17.32 36.75 -50.18
C VAL A 374 17.70 35.31 -49.84
N ALA A 375 17.47 34.92 -48.60
CA ALA A 375 17.80 33.57 -48.16
C ALA A 375 16.54 32.74 -47.95
N ILE A 376 16.34 31.74 -48.79
CA ILE A 376 15.24 30.81 -48.61
C ILE A 376 15.69 29.70 -47.67
N ASN A 377 15.54 29.94 -46.38
CA ASN A 377 15.98 28.98 -45.36
C ASN A 377 15.03 27.79 -45.28
N LYS A 378 15.43 26.78 -44.48
CA LYS A 378 14.68 25.54 -44.37
C LYS A 378 14.50 24.90 -45.72
N PHE A 379 15.59 24.79 -46.46
CA PHE A 379 15.54 24.27 -47.83
C PHE A 379 15.36 22.76 -47.85
N ASP A 380 15.28 22.15 -46.67
CA ASP A 380 15.02 20.72 -46.56
C ASP A 380 13.53 20.45 -46.66
N ARG A 381 12.72 21.49 -46.53
CA ARG A 381 11.27 21.37 -46.59
C ARG A 381 10.80 21.08 -48.02
N LYS A 382 9.58 20.56 -48.13
CA LYS A 382 9.00 20.23 -49.44
C LYS A 382 8.75 21.48 -50.28
N GLY A 383 9.11 21.41 -51.55
CA GLY A 383 8.84 22.48 -52.49
C GLY A 383 9.89 23.58 -52.47
N ALA A 384 11.02 23.29 -51.85
CA ALA A 384 12.11 24.26 -51.74
C ALA A 384 12.68 24.64 -53.10
N GLN A 385 12.82 23.64 -53.97
CA GLN A 385 13.36 23.85 -55.31
C GLN A 385 12.49 24.82 -56.12
N ASP A 386 11.19 24.55 -56.15
CA ASP A 386 10.26 25.41 -56.87
C ASP A 386 10.16 26.79 -56.22
N ALA A 387 10.29 26.82 -54.90
CA ALA A 387 10.25 28.07 -54.16
C ALA A 387 11.39 28.98 -54.59
N TRP A 388 12.55 28.39 -54.85
CA TRP A 388 13.71 29.16 -55.27
C TRP A 388 13.52 29.75 -56.66
N ARG A 389 12.94 28.97 -57.57
CA ARG A 389 12.72 29.46 -58.93
C ARG A 389 11.74 30.61 -58.95
N ASP A 390 10.71 30.57 -58.10
CA ASP A 390 9.74 31.65 -58.02
C ASP A 390 10.36 32.92 -57.45
N VAL A 391 11.06 32.79 -56.33
CA VAL A 391 11.69 33.93 -55.68
C VAL A 391 12.76 34.55 -56.58
N ALA A 392 13.56 33.71 -57.21
CA ALA A 392 14.63 34.18 -58.09
C ALA A 392 14.07 35.00 -59.25
N LYS A 393 12.98 34.50 -59.85
CA LYS A 393 12.36 35.19 -60.97
C LYS A 393 11.68 36.48 -60.51
N GLN A 394 11.18 36.48 -59.27
CA GLN A 394 10.51 37.66 -58.73
C GLN A 394 11.51 38.77 -58.45
N VAL A 395 12.67 38.40 -57.92
CA VAL A 395 13.72 39.37 -57.63
C VAL A 395 14.30 39.92 -58.93
N GLN A 396 14.38 39.05 -59.94
CA GLN A 396 14.83 39.47 -61.27
C GLN A 396 13.87 40.51 -61.86
N ARG A 397 12.57 40.29 -61.66
CA ARG A 397 11.56 41.21 -62.16
C ARG A 397 11.61 42.55 -61.42
N ASN A 398 11.79 42.49 -60.10
CA ASN A 398 11.86 43.69 -59.27
C ASN A 398 13.05 44.57 -59.61
N ARG A 399 14.13 43.94 -60.07
CA ARG A 399 15.35 44.67 -60.40
C ARG A 399 15.43 45.00 -61.89
N GLU A 400 14.48 44.47 -62.64
CA GLU A 400 14.42 44.67 -64.09
C GLU A 400 15.70 44.22 -64.79
N GLN A 401 16.34 43.19 -64.25
CA GLN A 401 17.54 42.63 -64.86
C GLN A 401 17.20 41.48 -65.81
N TRP A 402 16.55 41.82 -66.92
CA TRP A 402 16.11 40.82 -67.91
C TRP A 402 17.31 40.29 -68.69
N HIS A 403 18.39 41.05 -68.71
CA HIS A 403 19.59 40.65 -69.42
C HIS A 403 20.47 39.74 -68.58
N SER A 404 20.00 39.41 -67.38
CA SER A 404 20.71 38.49 -66.50
C SER A 404 19.93 37.19 -66.34
N ARG A 405 20.61 36.14 -65.86
CA ARG A 405 19.96 34.87 -65.61
C ARG A 405 19.30 34.88 -64.24
N ALA A 406 18.17 34.19 -64.11
CA ALA A 406 17.46 34.12 -62.85
C ALA A 406 18.32 33.45 -61.78
N GLU A 407 19.15 32.50 -62.21
CA GLU A 407 20.01 31.77 -61.30
C GLU A 407 21.17 32.61 -60.78
N ASP A 408 21.37 33.78 -61.38
CA ASP A 408 22.47 34.67 -60.98
C ASP A 408 22.03 35.67 -59.92
N MET A 409 20.74 35.72 -59.63
CA MET A 409 20.23 36.64 -58.62
C MET A 409 20.72 36.27 -57.23
N PRO A 410 20.89 37.27 -56.36
CA PRO A 410 21.33 37.04 -54.97
C PRO A 410 20.32 36.28 -54.12
N VAL A 411 19.60 35.35 -54.72
CA VAL A 411 18.66 34.50 -53.98
C VAL A 411 19.33 33.18 -53.63
N TYR A 412 19.44 32.90 -52.34
CA TYR A 412 20.15 31.71 -51.89
C TYR A 412 19.24 30.72 -51.18
N GLY A 413 19.51 29.44 -51.39
CA GLY A 413 18.79 28.39 -50.69
C GLY A 413 19.64 27.84 -49.57
N THR A 414 19.23 28.11 -48.33
CA THR A 414 20.04 27.74 -47.17
C THR A 414 19.34 26.74 -46.25
N GLN A 415 20.14 26.04 -45.45
CA GLN A 415 19.62 25.18 -44.41
C GLN A 415 20.44 25.37 -43.14
N ALA A 416 20.07 26.37 -42.35
CA ALA A 416 20.84 26.76 -41.17
C ALA A 416 20.89 25.66 -40.11
N SER A 417 19.88 24.79 -40.10
CA SER A 417 19.82 23.71 -39.12
C SER A 417 20.91 22.69 -39.38
N ARG A 418 21.33 22.62 -40.64
CA ARG A 418 22.34 21.68 -41.11
C ARG A 418 23.75 22.20 -40.87
N PHE A 419 24.57 21.38 -40.23
CA PHE A 419 25.93 21.76 -39.89
C PHE A 419 26.82 21.83 -41.13
N ASN A 420 27.59 22.92 -41.24
CA ASN A 420 28.46 23.15 -42.39
C ASN A 420 27.74 23.10 -43.73
N ASP A 421 26.49 23.52 -43.74
CA ASP A 421 25.67 23.56 -44.94
C ASP A 421 26.35 24.36 -46.04
N ASP A 422 26.49 23.77 -47.22
CA ASP A 422 27.12 24.45 -48.34
C ASP A 422 26.28 25.64 -48.81
N GLY A 423 24.97 25.55 -48.60
CA GLY A 423 24.07 26.63 -48.95
C GLY A 423 24.39 27.90 -48.17
N VAL A 424 24.48 27.76 -46.84
CA VAL A 424 24.80 28.88 -45.98
C VAL A 424 26.17 29.47 -46.34
N THR A 425 27.11 28.60 -46.66
CA THR A 425 28.45 29.02 -47.06
C THR A 425 28.39 29.84 -48.34
N MET A 426 27.54 29.42 -49.27
CA MET A 426 27.36 30.15 -50.52
C MET A 426 26.84 31.56 -50.26
N LEU A 427 25.84 31.66 -49.38
CA LEU A 427 25.29 32.96 -49.00
C LEU A 427 26.36 33.81 -48.33
N TYR A 428 27.19 33.18 -47.50
CA TYR A 428 28.28 33.86 -46.82
C TYR A 428 29.27 34.44 -47.82
N GLN A 429 29.67 33.64 -48.79
CA GLN A 429 30.61 34.07 -49.83
C GLN A 429 30.06 35.29 -50.56
N GLY A 430 28.74 35.30 -50.77
CA GLY A 430 28.09 36.43 -51.41
C GLY A 430 28.13 37.67 -50.55
N LEU A 431 27.81 37.51 -49.27
CA LEU A 431 27.82 38.61 -48.32
C LEU A 431 29.22 39.20 -48.16
N VAL A 432 30.23 38.33 -48.23
CA VAL A 432 31.62 38.77 -48.13
C VAL A 432 31.98 39.69 -49.30
N GLY A 433 31.65 39.25 -50.51
CA GLY A 433 31.92 40.04 -51.71
C GLY A 433 31.22 41.38 -51.69
N ALA A 434 30.03 41.41 -51.09
CA ALA A 434 29.25 42.65 -51.01
C ALA A 434 29.81 43.56 -49.92
N LEU A 435 30.16 42.97 -48.78
CA LEU A 435 30.74 43.74 -47.67
C LEU A 435 32.14 44.21 -48.02
N GLY A 436 32.83 43.45 -48.87
CA GLY A 436 34.17 43.81 -49.29
C GLY A 436 34.18 45.07 -50.12
N ALA A 437 33.24 45.17 -51.05
CA ALA A 437 33.13 46.35 -51.92
C ALA A 437 32.67 47.56 -51.13
N ARG A 438 31.99 47.32 -50.01
CA ARG A 438 31.47 48.40 -49.18
C ARG A 438 32.45 48.76 -48.06
N GLY A 439 33.74 48.64 -48.35
CA GLY A 439 34.78 49.03 -47.42
C GLY A 439 34.83 48.21 -46.14
N MET A 440 35.31 46.98 -46.27
CA MET A 440 35.53 46.12 -45.10
C MET A 440 36.71 45.19 -45.35
N SER A 441 37.85 45.55 -44.77
CA SER A 441 39.09 44.79 -44.97
C SER A 441 38.95 43.37 -44.44
N LEU A 442 39.14 42.39 -45.32
CA LEU A 442 39.09 40.99 -44.91
C LEU A 442 40.15 40.18 -45.65
N LYS A 443 40.77 39.26 -44.92
CA LYS A 443 41.79 38.39 -45.48
C LYS A 443 41.17 37.40 -46.46
N PRO A 444 41.97 36.89 -47.41
CA PRO A 444 41.50 35.83 -48.29
C PRO A 444 41.01 34.63 -47.49
N GLY A 445 39.74 34.26 -47.70
CA GLY A 445 39.09 33.25 -46.89
C GLY A 445 39.75 31.90 -46.83
N THR A 446 39.47 31.15 -45.77
CA THR A 446 39.99 29.81 -45.59
C THR A 446 38.91 28.78 -45.88
N LEU A 447 37.70 29.27 -46.17
CA LEU A 447 36.55 28.41 -46.46
C LEU A 447 36.50 28.02 -47.94
N PRO A 448 35.81 26.91 -48.24
CA PRO A 448 35.60 26.48 -49.63
C PRO A 448 34.82 27.51 -50.44
N ASN A 449 35.52 28.28 -51.25
CA ASN A 449 34.90 29.28 -52.10
C ASN A 449 34.09 28.61 -53.22
N LEU A 450 32.97 28.00 -52.84
CA LEU A 450 32.15 27.26 -53.78
C LEU A 450 31.25 28.16 -54.61
N GLU A 451 30.61 27.56 -55.61
CA GLU A 451 29.74 28.27 -56.53
C GLU A 451 28.35 27.66 -56.50
N GLY A 452 27.34 28.46 -56.86
CA GLY A 452 25.96 28.02 -56.81
C GLY A 452 25.14 28.89 -55.86
N ARG A 453 23.83 28.68 -55.85
CA ARG A 453 22.95 29.49 -55.01
C ARG A 453 22.08 28.62 -54.10
N ILE A 454 22.17 27.32 -54.29
CA ILE A 454 21.26 26.39 -53.62
C ILE A 454 22.01 25.32 -52.85
N SER A 455 21.57 25.07 -51.62
CA SER A 455 22.13 24.00 -50.79
C SER A 455 21.89 22.63 -51.41
N THR A 456 22.85 21.73 -51.19
CA THR A 456 22.77 20.38 -51.73
C THR A 456 22.53 19.35 -50.62
N GLY A 457 21.97 19.81 -49.50
CA GLY A 457 21.65 18.91 -48.40
C GLY A 457 20.53 17.96 -48.77
N GLN A 458 20.90 16.74 -49.15
CA GLN A 458 19.93 15.76 -49.60
C GLN A 458 19.56 14.75 -48.51
N ASN A 459 19.90 15.06 -47.27
CA ASN A 459 19.56 14.19 -46.16
C ASN A 459 18.09 14.30 -45.77
N VAL A 460 17.45 13.17 -45.54
CA VAL A 460 16.07 13.15 -45.05
C VAL A 460 15.88 12.05 -44.00
N ILE A 461 15.22 12.39 -42.91
CA ILE A 461 14.94 11.42 -41.86
C ILE A 461 13.64 10.67 -42.19
N VAL A 462 12.60 11.44 -42.51
CA VAL A 462 11.31 10.88 -42.91
C VAL A 462 10.82 11.58 -44.18
N PRO A 463 10.67 10.82 -45.27
CA PRO A 463 10.26 11.36 -46.57
C PRO A 463 8.88 12.01 -46.50
N PRO A 464 8.71 13.16 -47.18
CA PRO A 464 7.45 13.91 -47.19
C PRO A 464 6.26 13.08 -47.64
N ALA A 465 6.52 11.99 -48.35
CA ALA A 465 5.48 11.06 -48.74
C ALA A 465 4.87 10.39 -47.51
N ARG A 466 5.72 10.07 -46.54
CA ARG A 466 5.29 9.42 -45.32
C ARG A 466 5.00 10.42 -44.21
N SER A 467 4.79 11.69 -44.59
CA SER A 467 4.65 12.78 -43.63
C SER A 467 3.52 12.54 -42.62
N ARG A 468 2.44 11.92 -43.10
CA ARG A 468 1.28 11.67 -42.28
C ARG A 468 1.24 10.24 -41.74
N TYR A 469 2.40 9.72 -41.35
CA TYR A 469 2.50 8.34 -40.89
C TYR A 469 1.73 8.13 -39.59
N LEU A 470 1.80 9.09 -38.68
CA LEU A 470 1.12 8.98 -37.39
C LEU A 470 -0.39 8.92 -37.58
N ALA A 471 -0.90 9.69 -38.54
CA ALA A 471 -2.32 9.72 -38.83
C ALA A 471 -2.78 8.36 -39.36
N GLU A 472 -1.95 7.76 -40.21
CA GLU A 472 -2.26 6.45 -40.77
C GLU A 472 -2.32 5.40 -39.67
N LEU A 473 -1.37 5.49 -38.74
CA LEU A 473 -1.32 4.57 -37.60
C LEU A 473 -2.59 4.68 -36.77
N ALA A 474 -3.05 5.90 -36.57
CA ALA A 474 -4.29 6.15 -35.83
C ALA A 474 -5.45 5.45 -36.53
N ASP A 475 -5.49 5.57 -37.85
CA ASP A 475 -6.52 4.92 -38.66
C ASP A 475 -6.44 3.42 -38.52
N THR A 476 -5.22 2.88 -38.53
CA THR A 476 -5.01 1.44 -38.45
C THR A 476 -5.59 0.86 -37.16
N VAL A 477 -5.35 1.54 -36.04
CA VAL A 477 -5.86 1.08 -34.75
C VAL A 477 -7.37 1.16 -34.70
N ARG A 478 -7.92 2.29 -35.12
CA ARG A 478 -9.37 2.49 -35.12
C ARG A 478 -10.06 1.49 -36.05
N ALA A 479 -9.41 1.18 -37.16
CA ALA A 479 -9.96 0.21 -38.12
C ALA A 479 -10.00 -1.18 -37.51
N TYR A 480 -8.98 -1.51 -36.72
CA TYR A 480 -8.92 -2.79 -36.03
C TYR A 480 -10.11 -2.96 -35.10
N HIS A 481 -10.39 -1.91 -34.32
CA HIS A 481 -11.49 -1.95 -33.37
C HIS A 481 -12.85 -2.06 -34.06
N ARG A 482 -12.99 -1.42 -35.21
CA ARG A 482 -14.22 -1.52 -35.99
C ARG A 482 -14.46 -2.97 -36.41
N ARG A 483 -13.38 -3.67 -36.70
CA ARG A 483 -13.48 -5.07 -37.09
C ARG A 483 -13.87 -5.94 -35.90
N VAL A 484 -13.31 -5.62 -34.73
CA VAL A 484 -13.64 -6.35 -33.51
C VAL A 484 -15.14 -6.25 -33.25
N VAL A 485 -15.70 -5.06 -33.43
CA VAL A 485 -17.12 -4.84 -33.23
C VAL A 485 -17.97 -5.65 -34.19
N ALA A 486 -17.62 -5.62 -35.47
CA ALA A 486 -18.38 -6.29 -36.51
C ALA A 486 -18.28 -7.81 -36.40
N GLN A 487 -17.07 -8.31 -36.22
CA GLN A 487 -16.85 -9.75 -36.09
C GLN A 487 -17.53 -10.31 -34.85
N SER A 488 -17.57 -9.51 -33.78
CA SER A 488 -18.25 -9.90 -32.56
C SER A 488 -19.74 -10.04 -32.81
N LYS A 489 -20.31 -9.07 -33.51
CA LYS A 489 -21.72 -9.09 -33.85
C LYS A 489 -22.06 -10.35 -34.63
N LEU A 490 -21.21 -10.69 -35.60
CA LEU A 490 -21.40 -11.89 -36.40
C LEU A 490 -21.30 -13.15 -35.55
N ALA A 491 -20.25 -13.23 -34.74
CA ALA A 491 -20.04 -14.38 -33.86
C ALA A 491 -21.20 -14.52 -32.88
N ARG A 492 -21.71 -13.40 -32.41
CA ARG A 492 -22.85 -13.37 -31.50
C ARG A 492 -24.10 -13.90 -32.17
N GLU A 493 -24.41 -13.34 -33.35
CA GLU A 493 -25.58 -13.75 -34.12
C GLU A 493 -25.50 -15.21 -34.52
N ARG A 494 -24.31 -15.65 -34.94
CA ARG A 494 -24.10 -17.04 -35.33
C ARG A 494 -24.44 -17.99 -34.19
N GLN A 495 -24.01 -17.63 -32.99
CA GLN A 495 -24.29 -18.45 -31.82
C GLN A 495 -25.78 -18.42 -31.47
N GLN A 496 -26.37 -17.23 -31.51
CA GLN A 496 -27.78 -17.05 -31.19
C GLN A 496 -28.68 -17.89 -32.09
N LEU A 497 -28.34 -17.95 -33.38
CA LEU A 497 -29.12 -18.71 -34.34
C LEU A 497 -29.06 -20.21 -34.04
N ARG A 498 -27.85 -20.76 -34.01
CA ARG A 498 -27.66 -22.18 -33.75
C ARG A 498 -28.17 -22.57 -32.37
N ALA A 499 -28.18 -21.62 -31.44
CA ALA A 499 -28.74 -21.85 -30.12
C ALA A 499 -30.25 -22.02 -30.23
N ALA A 500 -30.87 -21.15 -31.01
CA ALA A 500 -32.32 -21.22 -31.23
C ALA A 500 -32.69 -22.45 -32.05
N HIS A 501 -31.79 -22.85 -32.95
CA HIS A 501 -32.00 -24.02 -33.79
C HIS A 501 -32.08 -25.29 -32.95
N ASP A 502 -31.18 -25.40 -31.97
CA ASP A 502 -31.15 -26.55 -31.08
C ASP A 502 -32.37 -26.58 -30.17
N MET A 503 -32.88 -25.41 -29.82
CA MET A 503 -34.01 -25.30 -28.92
C MET A 503 -35.32 -25.63 -29.64
N LEU A 504 -35.37 -25.34 -30.94
CA LEU A 504 -36.54 -25.68 -31.73
C LEU A 504 -36.64 -27.19 -31.95
N GLN A 505 -35.51 -27.82 -32.25
CA GLN A 505 -35.47 -29.26 -32.45
C GLN A 505 -35.75 -30.02 -31.16
N GLY A 506 -35.49 -29.36 -30.03
CA GLY A 506 -35.77 -29.94 -28.73
C GLY A 506 -37.24 -29.83 -28.36
N ALA A 507 -37.97 -28.99 -29.08
CA ALA A 507 -39.39 -28.81 -28.86
C ALA A 507 -40.20 -29.51 -29.94
N GLY A 508 -39.54 -29.82 -31.05
CA GLY A 508 -40.19 -30.50 -32.17
C GLY A 508 -40.05 -29.75 -33.47
N HIS A 509 -40.61 -28.54 -33.52
CA HIS A 509 -40.66 -27.74 -34.75
C HIS A 509 -39.27 -27.51 -35.33
N GLU A 510 -38.91 -28.29 -36.34
CA GLU A 510 -37.61 -28.14 -36.98
C GLU A 510 -37.66 -27.16 -38.14
N SER A 511 -36.79 -26.15 -38.08
CA SER A 511 -36.71 -25.15 -39.15
C SER A 511 -35.26 -24.95 -39.59
N ALA A 512 -34.95 -25.44 -40.78
CA ALA A 512 -33.60 -25.31 -41.34
C ALA A 512 -33.35 -23.90 -41.84
N ALA A 513 -34.38 -23.06 -41.76
CA ALA A 513 -34.27 -21.66 -42.18
C ALA A 513 -33.29 -20.91 -41.28
N LEU A 514 -33.22 -21.32 -40.01
CA LEU A 514 -32.27 -20.74 -39.07
C LEU A 514 -30.83 -21.10 -39.44
N GLU A 515 -30.63 -22.37 -39.77
CA GLU A 515 -29.29 -22.87 -40.09
C GLU A 515 -28.69 -22.17 -41.31
N THR A 516 -29.55 -21.80 -42.25
CA THR A 516 -29.12 -21.10 -43.46
C THR A 516 -28.49 -19.76 -43.10
N LEU A 517 -29.11 -19.06 -42.14
CA LEU A 517 -28.60 -17.77 -41.68
C LEU A 517 -27.33 -17.94 -40.86
N ALA A 518 -27.22 -19.08 -40.18
CA ALA A 518 -26.05 -19.37 -39.36
C ALA A 518 -24.83 -19.68 -40.24
N SER A 519 -25.02 -20.60 -41.18
CA SER A 519 -23.97 -20.97 -42.13
C SER A 519 -23.56 -19.76 -42.95
N GLU A 520 -24.48 -18.82 -43.11
CA GLU A 520 -24.23 -17.57 -43.81
C GLU A 520 -23.21 -16.72 -43.06
N ARG A 521 -23.17 -16.88 -41.74
CA ARG A 521 -22.29 -16.08 -40.90
C ARG A 521 -20.97 -16.80 -40.60
N ASP A 522 -20.89 -18.08 -40.97
CA ASP A 522 -19.64 -18.80 -40.87
C ASP A 522 -18.64 -18.25 -41.88
N VAL A 523 -19.16 -17.83 -43.03
CA VAL A 523 -18.34 -17.25 -44.09
C VAL A 523 -18.09 -15.77 -43.81
N SER A 524 -19.08 -15.12 -43.21
CA SER A 524 -18.97 -13.69 -42.86
C SER A 524 -17.82 -13.47 -41.87
N LEU A 525 -17.68 -14.39 -40.92
CA LEU A 525 -16.55 -14.35 -39.98
C LEU A 525 -15.24 -14.55 -40.72
N GLY A 526 -14.20 -13.84 -40.29
CA GLY A 526 -12.90 -13.97 -40.90
C GLY A 526 -12.27 -15.32 -40.61
N ALA A 527 -11.16 -15.61 -41.28
CA ALA A 527 -10.43 -16.84 -41.05
C ALA A 527 -9.79 -16.85 -39.67
N VAL A 528 -9.15 -15.73 -39.34
CA VAL A 528 -8.47 -15.59 -38.05
C VAL A 528 -9.47 -15.62 -36.90
N GLU A 529 -10.58 -14.90 -37.07
CA GLU A 529 -11.60 -14.81 -36.03
C GLU A 529 -12.26 -16.16 -35.77
N ARG A 530 -12.47 -16.93 -36.83
CA ARG A 530 -13.12 -18.23 -36.70
C ARG A 530 -12.25 -19.20 -35.90
N LYS A 531 -10.94 -19.12 -36.09
CA LYS A 531 -10.02 -20.01 -35.40
C LYS A 531 -9.88 -19.60 -33.93
N LEU A 532 -10.01 -18.30 -33.66
CA LEU A 532 -9.93 -17.79 -32.30
C LEU A 532 -10.98 -18.40 -31.40
N LEU A 533 -12.23 -18.40 -31.86
CA LEU A 533 -13.32 -19.00 -31.12
C LEU A 533 -13.19 -20.51 -31.07
N ALA A 534 -12.60 -21.08 -32.13
CA ALA A 534 -12.44 -22.52 -32.22
C ALA A 534 -11.44 -23.04 -31.20
N MET A 535 -10.40 -22.25 -30.94
CA MET A 535 -9.34 -22.65 -30.00
C MET A 535 -9.70 -22.29 -28.57
N TRP A 536 -10.81 -21.58 -28.39
CA TRP A 536 -11.23 -21.13 -27.06
C TRP A 536 -11.49 -22.27 -26.06
N PRO A 537 -12.22 -23.33 -26.47
CA PRO A 537 -12.41 -24.40 -25.48
C PRO A 537 -11.10 -25.12 -25.16
N GLN A 538 -10.23 -25.25 -26.16
CA GLN A 538 -8.93 -25.86 -25.94
C GLN A 538 -8.04 -24.94 -25.11
N MET A 539 -8.26 -23.63 -25.28
CA MET A 539 -7.53 -22.63 -24.52
C MET A 539 -7.90 -22.71 -23.04
N GLN A 540 -9.18 -22.93 -22.78
CA GLN A 540 -9.69 -23.01 -21.41
C GLN A 540 -9.12 -24.20 -20.67
N GLN A 541 -9.07 -25.35 -21.34
CA GLN A 541 -8.55 -26.57 -20.74
C GLN A 541 -7.06 -26.45 -20.41
N ALA A 542 -6.37 -25.59 -21.14
CA ALA A 542 -4.95 -25.37 -20.91
C ALA A 542 -4.70 -24.67 -19.58
N TYR A 543 -5.38 -23.54 -19.38
CA TYR A 543 -5.21 -22.73 -18.18
C TYR A 543 -6.03 -23.24 -16.98
N SER A 544 -6.66 -24.39 -17.15
CA SER A 544 -7.52 -24.95 -16.11
C SER A 544 -6.75 -25.75 -15.08
N GLY A 545 -5.87 -26.63 -15.56
CA GLY A 545 -5.14 -27.53 -14.70
C GLY A 545 -4.12 -26.88 -13.78
N ASP A 546 -3.26 -27.70 -13.19
CA ASP A 546 -2.23 -27.21 -12.28
C ASP A 546 -0.93 -26.92 -13.02
N GLU A 547 -0.83 -27.40 -14.26
CA GLU A 547 0.34 -27.15 -15.08
C GLU A 547 -0.01 -26.77 -16.52
N TYR A 548 0.97 -26.22 -17.23
CA TYR A 548 0.78 -25.76 -18.59
C TYR A 548 1.72 -26.52 -19.53
N VAL A 549 1.19 -27.57 -20.16
CA VAL A 549 1.98 -28.43 -21.03
C VAL A 549 2.06 -27.86 -22.46
N ILE A 557 8.54 -29.18 -21.64
CA ILE A 557 8.00 -27.84 -21.50
C ILE A 557 6.78 -27.83 -20.58
N ARG A 558 7.01 -27.51 -19.31
CA ARG A 558 5.94 -27.47 -18.31
C ARG A 558 6.05 -26.24 -17.41
N THR A 559 4.93 -25.57 -17.18
CA THR A 559 4.89 -24.40 -16.32
C THR A 559 3.74 -24.52 -15.32
N GLY A 560 4.02 -24.21 -14.06
CA GLY A 560 2.99 -24.26 -13.03
C GLY A 560 2.03 -23.09 -13.15
N LEU A 561 0.74 -23.37 -12.97
CA LEU A 561 -0.28 -22.34 -13.07
C LEU A 561 -0.78 -21.93 -11.70
N ILE A 562 -0.60 -22.80 -10.72
CA ILE A 562 -1.21 -22.63 -9.41
C ILE A 562 -0.20 -22.20 -8.35
N SER A 563 -0.58 -21.19 -7.58
CA SER A 563 0.12 -20.85 -6.36
C SER A 563 -0.87 -20.92 -5.21
N THR A 564 -0.58 -21.77 -4.22
CA THR A 564 -1.53 -22.03 -3.14
C THR A 564 -1.27 -21.18 -1.90
N THR A 565 -2.33 -20.57 -1.38
CA THR A 565 -2.21 -19.68 -0.24
C THR A 565 -2.10 -20.45 1.08
N LEU A 566 -1.90 -19.72 2.17
CA LEU A 566 -1.84 -20.32 3.50
C LEU A 566 -3.18 -20.93 3.87
N SER A 567 -4.24 -20.39 3.28
CA SER A 567 -5.60 -20.86 3.54
C SER A 567 -5.90 -22.10 2.71
N GLY A 568 -5.11 -22.31 1.66
CA GLY A 568 -5.27 -23.46 0.80
C GLY A 568 -6.01 -23.15 -0.48
N THR A 569 -6.11 -21.85 -0.80
CA THR A 569 -6.80 -21.43 -2.00
C THR A 569 -5.87 -21.45 -3.21
N LYS A 570 -6.37 -21.95 -4.33
CA LYS A 570 -5.58 -22.02 -5.55
C LYS A 570 -5.69 -20.73 -6.36
N ILE A 571 -4.62 -19.95 -6.38
CA ILE A 571 -4.58 -18.72 -7.15
C ILE A 571 -3.95 -18.94 -8.52
N ARG A 572 -4.78 -18.95 -9.56
CA ARG A 572 -4.30 -19.20 -10.91
C ARG A 572 -3.47 -18.02 -11.42
N LYS A 573 -2.35 -18.33 -12.08
CA LYS A 573 -1.48 -17.29 -12.63
C LYS A 573 -2.20 -16.46 -13.68
N VAL A 574 -2.92 -17.14 -14.57
CA VAL A 574 -3.70 -16.46 -15.59
C VAL A 574 -5.17 -16.86 -15.48
N VAL A 575 -6.01 -15.90 -15.12
CA VAL A 575 -7.44 -16.15 -14.95
C VAL A 575 -8.21 -15.84 -16.22
N LEU A 576 -8.91 -16.84 -16.74
CA LEU A 576 -9.70 -16.70 -17.96
C LEU A 576 -11.13 -16.27 -17.65
N PRO A 577 -11.76 -15.54 -18.58
CA PRO A 577 -13.15 -15.12 -18.43
C PRO A 577 -14.11 -16.30 -18.45
N ARG A 578 -15.29 -16.13 -17.87
CA ARG A 578 -16.30 -17.18 -17.89
C ARG A 578 -17.55 -16.76 -18.66
N PHE A 579 -17.33 -16.12 -19.81
CA PHE A 579 -18.41 -15.68 -20.66
C PHE A 579 -19.07 -16.85 -21.37
N GLU A 580 -20.37 -16.76 -21.59
CA GLU A 580 -21.09 -17.74 -22.38
C GLU A 580 -21.27 -17.22 -23.80
N ASP A 581 -21.53 -15.92 -23.90
CA ASP A 581 -21.68 -15.24 -25.18
C ASP A 581 -20.39 -15.30 -25.99
N GLU A 582 -20.45 -15.91 -27.17
CA GLU A 582 -19.29 -15.99 -28.05
C GLU A 582 -18.96 -14.62 -28.63
N GLY A 583 -19.90 -13.70 -28.53
CA GLY A 583 -19.67 -12.31 -28.92
C GLY A 583 -18.68 -11.67 -27.97
N GLU A 584 -18.85 -11.94 -26.68
CA GLU A 584 -17.95 -11.42 -25.66
C GLU A 584 -16.61 -12.14 -25.69
N ILE A 585 -16.64 -13.43 -25.98
CA ILE A 585 -15.41 -14.23 -26.06
C ILE A 585 -14.49 -13.69 -27.15
N LEU A 586 -15.04 -13.52 -28.34
CA LEU A 586 -14.25 -13.03 -29.47
C LEU A 586 -13.80 -11.59 -29.23
N LYS A 587 -14.70 -10.77 -28.70
CA LYS A 587 -14.39 -9.39 -28.38
C LYS A 587 -13.19 -9.31 -27.43
N TRP A 588 -13.19 -10.19 -26.42
CA TRP A 588 -12.10 -10.21 -25.45
C TRP A 588 -10.83 -10.80 -26.06
N LEU A 589 -10.98 -11.79 -26.91
CA LEU A 589 -9.83 -12.44 -27.52
C LEU A 589 -9.12 -11.53 -28.53
N MET A 590 -9.83 -10.53 -29.03
CA MET A 590 -9.27 -9.62 -30.03
C MET A 590 -8.75 -8.34 -29.40
N ARG A 591 -9.37 -7.92 -28.29
CA ARG A 591 -8.99 -6.68 -27.65
C ARG A 591 -7.98 -6.90 -26.52
N GLU A 592 -8.17 -7.98 -25.76
CA GLU A 592 -7.28 -8.31 -24.65
C GLU A 592 -7.09 -9.80 -24.48
N ASN A 593 -6.31 -10.42 -25.36
CA ASN A 593 -6.05 -11.85 -25.21
C ASN A 593 -5.17 -12.08 -23.98
N VAL A 594 -5.03 -13.34 -23.58
CA VAL A 594 -4.16 -13.70 -22.45
C VAL A 594 -2.74 -13.20 -22.67
N PRO A 595 -1.97 -13.06 -21.57
CA PRO A 595 -0.56 -12.70 -21.72
C PRO A 595 0.18 -13.68 -22.64
N GLY A 596 0.85 -13.16 -23.64
CA GLY A 596 1.60 -13.98 -24.58
C GLY A 596 0.86 -14.27 -25.86
N SER A 597 -0.23 -13.54 -26.10
CA SER A 597 -1.02 -13.72 -27.30
C SER A 597 -1.51 -12.37 -27.84
N PHE A 598 -1.53 -12.24 -29.16
CA PHE A 598 -1.93 -11.00 -29.82
C PHE A 598 -3.30 -10.54 -29.34
N PRO A 599 -3.46 -9.23 -29.07
CA PRO A 599 -2.47 -8.17 -29.28
C PRO A 599 -1.57 -7.91 -28.08
N TYR A 600 -1.32 -8.93 -27.26
CA TYR A 600 -0.40 -8.86 -26.13
C TYR A 600 -0.74 -7.72 -25.16
N THR A 601 -2.02 -7.49 -24.94
CA THR A 601 -2.45 -6.39 -24.08
C THR A 601 -2.02 -6.65 -22.63
N ALA A 602 -2.16 -7.90 -22.18
CA ALA A 602 -1.85 -8.24 -20.80
C ALA A 602 -0.42 -8.71 -20.63
N GLY A 603 0.43 -8.41 -21.62
CA GLY A 603 1.82 -8.81 -21.58
C GLY A 603 2.27 -9.45 -22.87
N VAL A 604 3.57 -9.37 -23.14
CA VAL A 604 4.12 -9.90 -24.38
C VAL A 604 4.54 -11.36 -24.22
N PHE A 605 4.69 -11.79 -22.97
CA PHE A 605 5.09 -13.16 -22.67
C PHE A 605 3.96 -13.93 -22.00
N ALA A 606 4.02 -15.25 -22.08
CA ALA A 606 2.97 -16.11 -21.51
C ALA A 606 2.90 -15.97 -20.00
N PHE A 607 4.01 -16.28 -19.33
CA PHE A 607 4.08 -16.16 -17.87
C PHE A 607 5.33 -15.41 -17.46
N LYS A 608 5.28 -14.78 -16.29
CA LYS A 608 6.41 -14.00 -15.80
C LYS A 608 7.60 -14.90 -15.49
N ARG A 609 8.80 -14.36 -15.62
CA ARG A 609 10.04 -15.12 -15.41
C ARG A 609 10.09 -15.74 -14.02
N GLU A 610 10.64 -16.96 -13.96
CA GLU A 610 10.69 -17.71 -12.72
C GLU A 610 11.70 -17.14 -11.71
N GLY A 611 12.91 -16.88 -12.18
CA GLY A 611 13.97 -16.41 -11.30
C GLY A 611 14.29 -14.94 -11.45
N GLU A 612 14.30 -14.46 -12.69
CA GLU A 612 14.66 -13.09 -12.99
C GLU A 612 13.47 -12.13 -12.84
N ASP A 613 13.37 -11.51 -11.67
CA ASP A 613 12.33 -10.51 -11.41
C ASP A 613 12.56 -9.27 -12.28
N PRO A 614 11.50 -8.47 -12.52
CA PRO A 614 11.65 -7.28 -13.37
C PRO A 614 12.47 -6.16 -12.73
N THR A 615 12.84 -6.33 -11.47
CA THR A 615 13.60 -5.33 -10.71
C THR A 615 14.89 -4.93 -11.42
N ARG A 616 15.07 -3.62 -11.58
CA ARG A 616 16.31 -3.08 -12.13
C ARG A 616 16.59 -1.69 -11.56
N MET A 617 17.43 -1.62 -10.53
CA MET A 617 17.62 -0.39 -9.77
C MET A 617 18.67 0.54 -10.37
N PHE A 618 18.22 1.75 -10.71
CA PHE A 618 19.08 2.85 -11.16
C PHE A 618 20.15 3.14 -10.12
N ALA A 619 21.40 3.24 -10.55
CA ALA A 619 22.49 3.48 -9.61
C ALA A 619 23.61 4.30 -10.24
N GLY A 620 24.37 4.98 -9.39
CA GLY A 620 25.50 5.77 -9.84
C GLY A 620 25.87 6.87 -8.87
N GLU A 621 27.07 6.78 -8.32
CA GLU A 621 27.57 7.80 -7.40
C GLU A 621 29.10 7.74 -7.30
N GLY A 622 29.74 8.89 -7.34
CA GLY A 622 31.18 8.97 -7.22
C GLY A 622 31.91 8.44 -8.44
N ASP A 623 33.04 7.77 -8.22
CA ASP A 623 33.83 7.21 -9.31
C ASP A 623 33.36 5.80 -9.64
N ALA A 624 33.98 5.21 -10.66
CA ALA A 624 33.60 3.88 -11.12
C ALA A 624 33.76 2.82 -10.04
N PHE A 625 34.66 3.07 -9.10
CA PHE A 625 34.92 2.13 -8.01
C PHE A 625 33.75 2.07 -7.03
N ARG A 626 33.24 3.23 -6.66
CA ARG A 626 32.16 3.30 -5.68
C ARG A 626 30.86 2.74 -6.24
N THR A 627 30.57 3.07 -7.49
CA THR A 627 29.35 2.59 -8.14
C THR A 627 29.38 1.08 -8.30
N ASN A 628 30.56 0.55 -8.59
CA ASN A 628 30.75 -0.88 -8.74
C ASN A 628 30.38 -1.60 -7.42
N ARG A 629 30.51 -0.90 -6.30
CA ARG A 629 30.05 -1.42 -5.02
C ARG A 629 28.53 -1.40 -4.92
N ARG A 630 27.93 -0.31 -5.40
CA ARG A 630 26.49 -0.13 -5.32
C ARG A 630 25.75 -1.15 -6.21
N PHE A 631 26.36 -1.49 -7.33
CA PHE A 631 25.82 -2.56 -8.18
C PHE A 631 25.77 -3.87 -7.40
N LYS A 632 26.84 -4.17 -6.68
CA LYS A 632 26.94 -5.41 -5.91
C LYS A 632 26.00 -5.38 -4.69
N LEU A 633 25.65 -4.19 -4.24
CA LEU A 633 24.72 -4.05 -3.13
C LEU A 633 23.29 -4.35 -3.57
N VAL A 634 22.92 -3.77 -4.70
CA VAL A 634 21.58 -3.96 -5.27
C VAL A 634 21.39 -5.39 -5.76
N SER A 635 22.37 -5.89 -6.51
CA SER A 635 22.28 -7.22 -7.11
C SER A 635 22.69 -8.32 -6.14
N GLU A 636 22.75 -8.00 -4.85
CA GLU A 636 23.10 -8.99 -3.84
C GLU A 636 21.89 -9.87 -3.52
N GLY A 637 22.09 -11.17 -3.51
CA GLY A 637 21.03 -12.12 -3.20
C GLY A 637 20.15 -12.43 -4.40
N MET A 638 20.52 -11.89 -5.56
CA MET A 638 19.76 -12.14 -6.78
C MET A 638 20.60 -12.87 -7.82
N GLU A 639 20.13 -14.04 -8.23
CA GLU A 639 20.85 -14.88 -9.19
C GLU A 639 20.97 -14.17 -10.54
N ALA A 640 20.00 -13.32 -10.84
CA ALA A 640 20.01 -12.54 -12.08
C ALA A 640 20.42 -11.10 -11.80
N LYS A 641 21.56 -10.71 -12.34
CA LYS A 641 22.10 -9.37 -12.14
C LYS A 641 21.54 -8.37 -13.15
N ARG A 642 20.62 -7.53 -12.69
CA ARG A 642 20.03 -6.50 -13.55
C ARG A 642 20.46 -5.11 -13.08
N LEU A 643 21.46 -4.56 -13.77
CA LEU A 643 22.06 -3.29 -13.37
C LEU A 643 21.50 -2.11 -14.15
N SER A 644 21.39 -0.96 -13.49
CA SER A 644 20.95 0.27 -14.14
C SER A 644 21.87 1.41 -13.73
N THR A 645 22.60 1.94 -14.72
CA THR A 645 23.69 2.88 -14.45
C THR A 645 23.32 4.36 -14.67
N ALA A 646 23.57 5.18 -13.66
CA ALA A 646 23.35 6.61 -13.75
C ALA A 646 24.68 7.35 -13.83
N PHE A 647 24.85 8.19 -14.85
CA PHE A 647 26.10 8.94 -15.01
C PHE A 647 25.98 10.35 -14.47
N ASP A 648 27.10 10.94 -14.05
CA ASP A 648 27.08 12.31 -13.54
C ASP A 648 26.86 13.28 -14.69
N SER A 649 26.49 14.52 -14.33
CA SER A 649 26.13 15.52 -15.32
C SER A 649 27.24 15.77 -16.34
N VAL A 650 28.49 15.63 -15.91
CA VAL A 650 29.62 15.85 -16.78
C VAL A 650 29.71 14.79 -17.87
N THR A 651 29.54 13.53 -17.48
CA THR A 651 29.58 12.42 -18.44
C THR A 651 28.35 12.46 -19.35
N LEU A 652 27.20 12.84 -18.78
CA LEU A 652 25.97 12.94 -19.54
C LEU A 652 26.08 13.92 -20.71
N TYR A 653 27.00 14.86 -20.58
CA TYR A 653 27.20 15.88 -21.62
C TYR A 653 28.51 15.65 -22.38
N GLY A 654 29.07 14.45 -22.24
CA GLY A 654 30.21 14.04 -23.03
C GLY A 654 31.52 14.72 -22.69
N GLU A 655 31.61 15.31 -21.51
CA GLU A 655 32.80 16.04 -21.12
C GLU A 655 33.69 15.25 -20.17
N ASP A 656 34.99 15.54 -20.22
CA ASP A 656 35.93 14.96 -19.27
C ASP A 656 35.93 15.76 -17.97
N PRO A 657 36.22 15.10 -16.85
CA PRO A 657 36.35 15.84 -15.59
C PRO A 657 37.52 16.83 -15.65
N HIS A 658 37.34 18.02 -15.11
CA HIS A 658 38.37 19.05 -15.19
C HIS A 658 38.46 19.86 -13.91
N GLU A 659 39.52 20.67 -13.80
CA GLU A 659 39.76 21.46 -12.61
C GLU A 659 38.83 22.67 -12.48
N ARG A 660 38.30 23.18 -13.58
CA ARG A 660 37.44 24.38 -13.51
C ARG A 660 36.21 24.12 -12.64
N PRO A 661 35.92 25.05 -11.70
CA PRO A 661 34.82 24.91 -10.74
C PRO A 661 33.47 24.66 -11.40
N ASP A 662 33.28 25.19 -12.61
CA ASP A 662 32.11 24.89 -13.42
C ASP A 662 31.88 23.40 -13.50
N ILE A 663 32.93 22.67 -13.86
CA ILE A 663 32.86 21.24 -14.12
C ILE A 663 33.23 20.42 -12.88
N TYR A 664 34.29 20.82 -12.18
CA TYR A 664 34.83 20.04 -11.07
C TYR A 664 33.80 19.69 -10.00
N GLY A 665 33.01 20.69 -9.59
CA GLY A 665 32.03 20.49 -8.55
C GLY A 665 30.93 19.52 -8.93
N LYS A 666 30.81 19.22 -10.22
CA LYS A 666 29.75 18.37 -10.73
C LYS A 666 30.22 16.93 -10.98
N VAL A 667 31.53 16.71 -10.85
CA VAL A 667 32.11 15.41 -11.16
C VAL A 667 31.69 14.34 -10.17
N GLY A 668 30.96 13.34 -10.65
CA GLY A 668 30.54 12.21 -9.84
C GLY A 668 29.51 12.56 -8.78
N ASN A 669 28.75 13.64 -8.99
CA ASN A 669 27.84 14.09 -7.95
C ASN A 669 26.37 13.78 -8.21
N SER A 670 26.01 13.47 -9.45
CA SER A 670 24.65 13.06 -9.76
C SER A 670 24.63 11.69 -10.40
N GLY A 671 25.79 11.05 -10.42
CA GLY A 671 25.94 9.75 -11.04
C GLY A 671 27.41 9.37 -11.13
N VAL A 672 27.69 8.19 -11.66
CA VAL A 672 29.07 7.73 -11.78
C VAL A 672 29.81 8.53 -12.84
N SER A 673 31.05 8.92 -12.54
CA SER A 673 31.86 9.64 -13.49
C SER A 673 32.68 8.68 -14.36
N ILE A 674 32.26 8.53 -15.61
CA ILE A 674 32.93 7.65 -16.55
C ILE A 674 33.52 8.47 -17.70
N ALA A 675 34.85 8.48 -17.81
CA ALA A 675 35.52 9.31 -18.80
C ALA A 675 36.30 8.50 -19.83
N THR A 676 36.83 7.36 -19.41
CA THR A 676 37.61 6.52 -20.32
C THR A 676 37.10 5.08 -20.32
N LEU A 677 37.61 4.28 -21.26
CA LEU A 677 37.25 2.87 -21.33
C LEU A 677 37.70 2.13 -20.07
N GLU A 678 38.79 2.60 -19.46
CA GLU A 678 39.30 1.99 -18.24
C GLU A 678 38.35 2.20 -17.07
N ASP A 679 37.69 3.35 -17.07
CA ASP A 679 36.66 3.63 -16.07
C ASP A 679 35.46 2.71 -16.26
N MET A 680 35.06 2.52 -17.51
CA MET A 680 33.94 1.65 -17.86
C MET A 680 34.22 0.21 -17.44
N LYS A 681 35.47 -0.22 -17.62
CA LYS A 681 35.88 -1.58 -17.25
C LYS A 681 35.78 -1.79 -15.75
N VAL A 682 36.24 -0.80 -15.00
CA VAL A 682 36.17 -0.84 -13.54
C VAL A 682 34.72 -0.87 -13.08
N LEU A 683 33.88 -0.08 -13.74
CA LEU A 683 32.46 0.03 -13.39
C LEU A 683 31.75 -1.32 -13.34
N TYR A 684 32.10 -2.21 -14.26
CA TYR A 684 31.42 -3.50 -14.35
C TYR A 684 32.34 -4.68 -14.07
N ASP A 685 33.43 -4.41 -13.34
CA ASP A 685 34.33 -5.48 -12.93
C ASP A 685 33.61 -6.43 -11.99
N GLY A 686 33.82 -7.73 -12.18
CA GLY A 686 33.16 -8.73 -11.36
C GLY A 686 31.83 -9.15 -11.96
N PHE A 687 31.34 -8.38 -12.91
CA PHE A 687 30.10 -8.71 -13.60
C PHE A 687 30.37 -9.27 -14.99
N ASP A 688 29.94 -10.50 -15.22
CA ASP A 688 30.07 -11.10 -16.54
C ASP A 688 28.98 -10.56 -17.47
N LEU A 689 29.35 -9.61 -18.31
CA LEU A 689 28.38 -8.94 -19.18
C LEU A 689 27.83 -9.87 -20.24
N THR A 690 28.60 -10.90 -20.58
CA THR A 690 28.21 -11.86 -21.61
C THR A 690 27.47 -13.06 -21.02
N ASN A 691 27.30 -13.06 -19.69
CA ASN A 691 26.49 -14.07 -19.03
C ASN A 691 25.02 -13.87 -19.35
N PRO A 692 24.30 -14.97 -19.64
CA PRO A 692 22.88 -14.91 -20.04
C PRO A 692 21.96 -14.30 -18.98
N SER A 693 22.34 -14.36 -17.72
CA SER A 693 21.50 -13.84 -16.64
C SER A 693 21.98 -12.49 -16.13
N THR A 694 22.71 -11.76 -16.97
CA THR A 694 23.22 -10.44 -16.61
C THR A 694 22.91 -9.41 -17.67
N SER A 695 22.19 -8.36 -17.28
CA SER A 695 21.82 -7.29 -18.20
C SER A 695 22.13 -5.92 -17.59
N VAL A 696 22.77 -5.05 -18.38
CA VAL A 696 23.15 -3.73 -17.91
C VAL A 696 22.39 -2.63 -18.63
N SER A 697 21.76 -1.74 -17.86
CA SER A 697 20.99 -0.65 -18.45
C SER A 697 21.61 0.71 -18.17
N MET A 698 22.35 1.21 -19.16
CA MET A 698 22.98 2.52 -19.05
C MET A 698 22.06 3.62 -19.55
N THR A 699 21.85 4.64 -18.72
CA THR A 699 21.02 5.76 -19.10
C THR A 699 21.89 6.93 -19.57
N ILE A 700 22.03 7.04 -20.88
CA ILE A 700 22.88 8.05 -21.50
C ILE A 700 22.28 8.43 -22.86
N ASN A 701 22.36 9.70 -23.22
CA ASN A 701 21.68 10.17 -24.43
C ASN A 701 22.61 10.79 -25.48
N GLY A 702 23.09 11.99 -25.21
CA GLY A 702 23.98 12.69 -26.13
C GLY A 702 25.20 11.89 -26.54
N PRO A 703 26.04 11.49 -25.58
CA PRO A 703 27.25 10.70 -25.85
C PRO A 703 26.97 9.21 -25.90
N ALA A 704 25.70 8.82 -26.00
CA ALA A 704 25.32 7.41 -25.98
C ALA A 704 26.11 6.52 -26.94
N PRO A 705 26.34 6.98 -28.20
CA PRO A 705 27.14 6.10 -29.06
C PRO A 705 28.56 5.88 -28.53
N THR A 706 29.15 6.92 -27.94
CA THR A 706 30.50 6.81 -27.39
C THR A 706 30.53 5.90 -26.17
N ILE A 707 29.55 6.08 -25.28
CA ILE A 707 29.45 5.26 -24.07
C ILE A 707 29.16 3.80 -24.41
N LEU A 708 28.30 3.60 -25.41
CA LEU A 708 27.97 2.25 -25.86
C LEU A 708 29.20 1.52 -26.38
N ALA A 709 30.04 2.24 -27.12
CA ALA A 709 31.28 1.68 -27.65
C ALA A 709 32.20 1.26 -26.51
N MET A 710 32.20 2.02 -25.42
CA MET A 710 32.97 1.67 -24.24
C MET A 710 32.44 0.40 -23.60
N PHE A 711 31.12 0.32 -23.46
CA PHE A 711 30.49 -0.86 -22.87
C PHE A 711 30.77 -2.10 -23.71
N MET A 712 30.61 -1.98 -25.03
CA MET A 712 30.85 -3.10 -25.94
C MET A 712 32.29 -3.58 -25.82
N ASN A 713 33.23 -2.64 -25.83
CA ASN A 713 34.64 -2.98 -25.69
C ASN A 713 34.92 -3.65 -24.35
N THR A 714 34.22 -3.19 -23.31
CA THR A 714 34.37 -3.79 -21.99
C THR A 714 33.91 -5.24 -21.99
N ALA A 715 32.71 -5.48 -22.55
CA ALA A 715 32.15 -6.82 -22.63
C ALA A 715 33.05 -7.75 -23.44
N ILE A 716 33.67 -7.20 -24.48
CA ILE A 716 34.59 -7.97 -25.31
C ILE A 716 35.86 -8.32 -24.54
N ASP A 717 36.44 -7.31 -23.89
CA ASP A 717 37.69 -7.48 -23.17
C ASP A 717 37.55 -8.44 -21.99
N GLN A 718 36.37 -8.51 -21.41
CA GLN A 718 36.13 -9.43 -20.31
C GLN A 718 36.29 -10.88 -20.77
N GLN A 719 35.79 -11.18 -21.95
CA GLN A 719 35.88 -12.53 -22.49
C GLN A 719 37.28 -12.83 -23.01
N ILE A 720 38.00 -11.79 -23.40
CA ILE A 720 39.39 -11.95 -23.80
C ILE A 720 40.24 -12.29 -22.58
N ASP A 721 39.94 -11.63 -21.47
CA ASP A 721 40.62 -11.92 -20.21
C ASP A 721 40.25 -13.31 -19.69
N ARG A 722 38.97 -13.67 -19.87
CA ARG A 722 38.50 -14.98 -19.43
C ARG A 722 39.16 -16.09 -20.24
N PHE A 723 39.41 -15.83 -21.52
CA PHE A 723 40.12 -16.79 -22.35
C PHE A 723 41.58 -16.87 -21.96
N ARG A 724 42.20 -15.73 -21.72
CA ARG A 724 43.61 -15.66 -21.36
C ARG A 724 43.87 -16.32 -20.02
N ALA A 725 42.82 -16.46 -19.22
CA ALA A 725 42.93 -17.11 -17.91
C ALA A 725 42.66 -18.60 -18.01
N ASP A 726 41.71 -18.99 -18.84
CA ASP A 726 41.32 -20.39 -18.99
C ASP A 726 42.28 -21.15 -19.90
N ASN A 727 43.18 -20.42 -20.56
CA ASN A 727 44.14 -21.04 -21.47
C ASN A 727 45.57 -20.60 -21.19
N GLY A 728 45.72 -19.60 -20.32
CA GLY A 728 47.05 -19.12 -19.94
C GLY A 728 47.82 -18.50 -21.08
N ARG A 729 47.10 -18.00 -22.08
CA ARG A 729 47.73 -17.37 -23.24
C ARG A 729 46.76 -16.45 -23.96
N ASP A 730 47.30 -15.49 -24.71
CA ASP A 730 46.48 -14.62 -25.53
C ASP A 730 45.86 -15.41 -26.68
N PRO A 731 44.59 -15.14 -26.99
CA PRO A 731 43.95 -15.78 -28.14
C PRO A 731 44.59 -15.35 -29.46
N THR A 732 44.62 -16.24 -30.43
CA THR A 732 45.16 -15.91 -31.75
C THR A 732 44.26 -14.89 -32.44
N ALA A 733 44.74 -14.36 -33.57
CA ALA A 733 43.98 -13.38 -34.33
C ALA A 733 42.62 -13.95 -34.76
N ASP A 734 42.60 -15.26 -35.01
CA ASP A 734 41.38 -15.93 -35.41
C ASP A 734 40.51 -16.24 -34.19
N GLU A 735 41.15 -16.68 -33.11
CA GLU A 735 40.45 -17.00 -31.87
C GLU A 735 39.78 -15.77 -31.29
N GLU A 736 40.49 -14.65 -31.29
CA GLU A 736 39.95 -13.39 -30.78
C GLU A 736 38.78 -12.93 -31.64
N ALA A 737 38.91 -13.11 -32.95
CA ALA A 737 37.85 -12.72 -33.89
C ALA A 737 36.56 -13.49 -33.61
N LYS A 738 36.70 -14.76 -33.26
CA LYS A 738 35.55 -15.58 -32.92
C LYS A 738 34.94 -15.14 -31.59
N ILE A 739 35.81 -14.86 -30.62
CA ILE A 739 35.37 -14.38 -29.32
C ILE A 739 34.68 -13.04 -29.43
N ARG A 740 35.32 -12.10 -30.12
CA ARG A 740 34.83 -10.74 -30.27
C ARG A 740 33.45 -10.73 -30.93
N ALA A 741 33.27 -11.56 -31.95
CA ALA A 741 32.01 -11.65 -32.67
C ALA A 741 30.92 -12.26 -31.80
N TRP A 742 31.28 -13.27 -31.02
CA TRP A 742 30.33 -13.94 -30.15
C TRP A 742 29.81 -13.01 -29.06
N VAL A 743 30.70 -12.21 -28.50
CA VAL A 743 30.34 -11.26 -27.46
C VAL A 743 29.25 -10.31 -27.95
N LEU A 744 29.42 -9.77 -29.15
CA LEU A 744 28.48 -8.82 -29.71
C LEU A 744 27.09 -9.42 -29.88
N GLN A 745 27.02 -10.72 -30.13
CA GLN A 745 25.74 -11.38 -30.39
C GLN A 745 24.96 -11.63 -29.10
N ASN A 746 25.65 -12.04 -28.05
CA ASN A 746 24.99 -12.48 -26.83
C ASN A 746 24.96 -11.44 -25.70
N VAL A 747 25.67 -10.34 -25.87
CA VAL A 747 25.71 -9.31 -24.83
C VAL A 747 24.32 -8.73 -24.59
N ARG A 748 23.87 -8.76 -23.34
CA ARG A 748 22.51 -8.37 -23.02
C ARG A 748 22.46 -7.09 -22.19
N GLY A 749 21.62 -6.14 -22.61
CA GLY A 749 21.50 -4.87 -21.93
C GLY A 749 20.68 -3.87 -22.72
N THR A 750 20.78 -2.59 -22.35
CA THR A 750 20.00 -1.54 -23.00
C THR A 750 20.66 -0.18 -22.88
N VAL A 751 20.76 0.54 -24.00
CA VAL A 751 21.20 1.93 -23.99
C VAL A 751 20.05 2.84 -24.43
N GLN A 752 19.83 3.92 -23.69
CA GLN A 752 18.68 4.79 -23.93
C GLN A 752 18.74 5.50 -25.28
N ALA A 753 19.61 6.50 -25.39
CA ALA A 753 19.99 7.13 -26.66
C ALA A 753 18.85 7.82 -27.43
N ASP A 754 17.62 7.74 -26.91
CA ASP A 754 16.47 8.36 -27.57
C ASP A 754 16.67 9.87 -27.68
N ILE A 755 17.09 10.33 -28.86
CA ILE A 755 17.39 11.74 -29.07
C ILE A 755 16.12 12.56 -29.31
N LEU A 756 15.10 11.93 -29.88
CA LEU A 756 13.83 12.61 -30.11
C LEU A 756 13.22 13.13 -28.82
N LYS A 757 13.48 12.43 -27.72
CA LYS A 757 13.00 12.87 -26.42
C LYS A 757 13.95 13.90 -25.80
N GLU A 758 15.14 14.01 -26.36
CA GLU A 758 16.11 14.99 -25.86
C GLU A 758 15.67 16.39 -26.21
N ASP A 759 15.29 16.58 -27.48
CA ASP A 759 14.75 17.85 -27.93
C ASP A 759 13.46 18.14 -27.17
N GLN A 760 12.67 17.10 -26.95
CA GLN A 760 11.36 17.26 -26.33
C GLN A 760 11.39 17.32 -24.80
N GLY A 761 12.25 16.51 -24.17
CA GLY A 761 12.13 16.30 -22.74
C GLY A 761 13.36 16.43 -21.83
N GLN A 762 14.40 15.63 -22.07
CA GLN A 762 15.49 15.54 -21.09
C GLN A 762 16.60 16.57 -21.32
N ASN A 763 16.78 17.00 -22.56
CA ASN A 763 17.78 18.02 -22.92
C ASN A 763 19.21 17.56 -22.65
N THR A 764 19.53 16.34 -23.07
CA THR A 764 20.89 15.83 -22.95
C THR A 764 21.48 15.68 -24.34
N CYS A 765 20.88 16.35 -25.32
CA CYS A 765 21.39 16.33 -26.69
C CYS A 765 22.51 17.35 -26.85
N ILE A 766 23.72 16.87 -27.16
CA ILE A 766 24.88 17.74 -27.25
C ILE A 766 25.25 18.08 -28.68
N PHE A 767 25.17 17.08 -29.57
CA PHE A 767 25.36 17.32 -30.99
C PHE A 767 24.06 17.84 -31.59
N SER A 768 24.08 18.21 -32.86
CA SER A 768 22.86 18.65 -33.53
C SER A 768 21.87 17.49 -33.62
N THR A 769 20.57 17.79 -33.53
CA THR A 769 19.53 16.77 -33.52
C THR A 769 19.66 15.80 -34.69
N GLU A 770 19.90 16.33 -35.87
CA GLU A 770 20.00 15.52 -37.07
C GLU A 770 21.20 14.59 -37.03
N PHE A 771 22.32 15.09 -36.50
CA PHE A 771 23.54 14.29 -36.40
C PHE A 771 23.36 13.14 -35.43
N SER A 772 22.72 13.41 -34.30
CA SER A 772 22.49 12.40 -33.29
C SER A 772 21.66 11.25 -33.84
N LEU A 773 20.65 11.60 -34.62
CA LEU A 773 19.78 10.61 -35.25
C LEU A 773 20.56 9.82 -36.31
N LYS A 774 21.46 10.50 -37.00
CA LYS A 774 22.29 9.86 -38.01
C LYS A 774 23.16 8.78 -37.37
N VAL A 775 23.83 9.13 -36.28
CA VAL A 775 24.71 8.18 -35.59
C VAL A 775 23.89 7.09 -34.92
N MET A 776 22.67 7.43 -34.49
CA MET A 776 21.82 6.45 -33.84
C MET A 776 21.46 5.34 -34.83
N GLY A 777 21.25 5.72 -36.08
CA GLY A 777 20.97 4.75 -37.13
C GLY A 777 22.20 3.91 -37.43
N ASP A 778 23.37 4.54 -37.38
CA ASP A 778 24.64 3.84 -37.55
C ASP A 778 24.77 2.71 -36.53
N ILE A 779 24.33 2.98 -35.31
CA ILE A 779 24.36 1.98 -34.24
C ILE A 779 23.48 0.80 -34.58
N GLN A 780 22.27 1.09 -35.08
CA GLN A 780 21.33 0.03 -35.42
C GLN A 780 21.83 -0.76 -36.63
N GLU A 781 22.48 -0.08 -37.57
CA GLU A 781 23.04 -0.76 -38.73
C GLU A 781 24.22 -1.64 -38.31
N TYR A 782 25.02 -1.15 -37.37
CA TYR A 782 26.12 -1.94 -36.82
C TYR A 782 25.58 -3.18 -36.13
N PHE A 783 24.48 -3.00 -35.40
CA PHE A 783 23.84 -4.11 -34.68
C PHE A 783 23.37 -5.20 -35.64
N VAL A 784 22.72 -4.80 -36.72
CA VAL A 784 22.20 -5.74 -37.70
C VAL A 784 23.33 -6.56 -38.34
N HIS A 785 24.40 -5.87 -38.72
CA HIS A 785 25.52 -6.52 -39.38
C HIS A 785 26.21 -7.56 -38.50
N HIS A 786 26.32 -7.26 -37.21
CA HIS A 786 27.00 -8.17 -36.30
C HIS A 786 26.03 -9.03 -35.49
N GLN A 787 24.76 -9.00 -35.90
CA GLN A 787 23.72 -9.83 -35.29
C GLN A 787 23.60 -9.61 -33.78
N VAL A 788 23.72 -8.36 -33.36
CA VAL A 788 23.50 -7.99 -31.97
C VAL A 788 22.01 -8.05 -31.66
N ARG A 789 21.52 -9.23 -31.35
CA ARG A 789 20.09 -9.45 -31.20
C ARG A 789 19.63 -9.49 -29.74
N ASN A 790 20.52 -9.15 -28.82
CA ASN A 790 20.19 -9.17 -27.40
C ASN A 790 20.23 -7.78 -26.77
N PHE A 791 20.93 -6.86 -27.42
CA PHE A 791 21.06 -5.52 -26.88
C PHE A 791 20.04 -4.57 -27.52
N TYR A 792 19.48 -3.68 -26.71
CA TYR A 792 18.49 -2.73 -27.20
C TYR A 792 19.16 -1.41 -27.57
N SER A 793 19.12 -1.10 -28.87
CA SER A 793 19.84 0.06 -29.40
C SER A 793 19.27 1.38 -28.89
N VAL A 794 18.01 1.36 -28.48
CA VAL A 794 17.37 2.58 -28.01
C VAL A 794 16.22 2.27 -27.05
N SER A 795 16.20 2.97 -25.92
CA SER A 795 15.07 2.90 -25.01
C SER A 795 14.17 4.10 -25.24
N ILE A 796 13.23 3.95 -26.17
CA ILE A 796 12.29 5.01 -26.53
C ILE A 796 11.49 5.42 -25.30
N SER A 797 11.83 6.58 -24.74
CA SER A 797 11.33 6.94 -23.42
C SER A 797 10.32 8.08 -23.43
N GLY A 798 9.59 8.18 -22.33
CA GLY A 798 8.65 9.26 -22.09
C GLY A 798 8.67 9.66 -20.64
N TYR A 799 9.37 8.89 -19.83
CA TYR A 799 9.58 9.21 -18.43
C TYR A 799 10.06 10.65 -18.27
N HIS A 800 11.04 11.02 -19.08
CA HIS A 800 11.66 12.33 -19.02
C HIS A 800 10.68 13.42 -19.43
N ILE A 801 9.94 13.12 -20.48
CA ILE A 801 8.85 13.96 -20.94
C ILE A 801 7.79 14.14 -19.85
N ALA A 802 7.50 13.06 -19.12
CA ALA A 802 6.53 13.10 -18.05
C ALA A 802 7.03 13.91 -16.85
N GLU A 803 8.26 13.63 -16.44
CA GLU A 803 8.82 14.31 -15.29
C GLU A 803 8.96 15.82 -15.56
N ALA A 804 9.07 16.19 -16.83
CA ALA A 804 9.11 17.60 -17.19
C ALA A 804 7.75 18.26 -16.93
N GLY A 805 6.71 17.45 -16.86
CA GLY A 805 5.39 17.96 -16.51
C GLY A 805 4.24 17.37 -17.30
N ALA A 806 4.55 16.64 -18.37
CA ALA A 806 3.52 16.08 -19.23
C ALA A 806 2.65 15.06 -18.50
N ASN A 807 1.34 15.17 -18.69
CA ASN A 807 0.40 14.20 -18.12
C ASN A 807 0.55 12.85 -18.82
N PRO A 808 0.05 11.76 -18.20
CA PRO A 808 0.23 10.41 -18.75
C PRO A 808 -0.19 10.25 -20.21
N ILE A 809 -1.21 10.98 -20.65
CA ILE A 809 -1.64 10.91 -22.03
C ILE A 809 -0.58 11.47 -22.96
N SER A 810 -0.09 12.67 -22.64
CA SER A 810 0.96 13.31 -23.44
C SER A 810 2.23 12.45 -23.45
N GLN A 811 2.60 11.92 -22.30
CA GLN A 811 3.80 11.08 -22.20
C GLN A 811 3.70 9.88 -23.12
N LEU A 812 2.61 9.13 -22.98
CA LEU A 812 2.41 7.91 -23.76
C LEU A 812 2.31 8.21 -25.25
N ALA A 813 1.58 9.26 -25.59
CA ALA A 813 1.38 9.64 -26.98
C ALA A 813 2.69 10.06 -27.64
N PHE A 814 3.40 10.99 -27.00
CA PHE A 814 4.66 11.47 -27.54
C PHE A 814 5.68 10.34 -27.70
N THR A 815 5.74 9.48 -26.71
CA THR A 815 6.71 8.38 -26.70
C THR A 815 6.46 7.38 -27.82
N LEU A 816 5.21 6.97 -27.98
CA LEU A 816 4.85 6.08 -29.07
C LEU A 816 5.09 6.76 -30.40
N ALA A 817 4.77 8.06 -30.46
CA ALA A 817 5.00 8.85 -31.65
C ALA A 817 6.48 8.89 -32.01
N ASN A 818 7.33 9.11 -31.00
CA ASN A 818 8.77 9.09 -31.20
C ASN A 818 9.23 7.73 -31.69
N GLY A 819 8.68 6.68 -31.09
CA GLY A 819 9.02 5.32 -31.46
C GLY A 819 8.69 5.02 -32.91
N PHE A 820 7.48 5.40 -33.32
CA PHE A 820 7.04 5.21 -34.69
C PHE A 820 7.88 6.03 -35.66
N THR A 821 8.37 7.18 -35.19
CA THR A 821 9.24 8.02 -35.99
C THR A 821 10.54 7.31 -36.33
N TYR A 822 11.13 6.66 -35.31
CA TYR A 822 12.33 5.85 -35.52
C TYR A 822 12.06 4.74 -36.52
N VAL A 823 10.88 4.14 -36.41
CA VAL A 823 10.47 3.07 -37.32
C VAL A 823 10.42 3.59 -38.75
N GLU A 824 9.69 4.68 -38.97
CA GLU A 824 9.59 5.30 -40.28
C GLU A 824 10.96 5.73 -40.78
N ALA A 825 11.82 6.16 -39.86
CA ALA A 825 13.15 6.63 -40.20
C ALA A 825 14.01 5.49 -40.73
N TYR A 826 13.96 4.35 -40.04
CA TYR A 826 14.73 3.18 -40.45
C TYR A 826 14.16 2.53 -41.71
N LEU A 827 12.84 2.62 -41.88
CA LEU A 827 12.19 2.04 -43.05
C LEU A 827 12.56 2.81 -44.32
N ALA A 828 12.66 4.14 -44.20
CA ALA A 828 13.05 4.98 -45.32
C ALA A 828 14.54 4.85 -45.59
N ARG A 829 15.22 4.21 -44.64
CA ARG A 829 16.67 4.06 -44.62
C ARG A 829 17.09 2.68 -45.11
N GLY A 830 16.11 1.82 -45.33
CA GLY A 830 16.35 0.54 -45.98
C GLY A 830 16.66 -0.63 -45.07
N MET A 831 15.93 -0.74 -43.96
CA MET A 831 16.08 -1.88 -43.06
C MET A 831 14.73 -2.57 -42.93
N HIS A 832 14.74 -3.90 -42.99
CA HIS A 832 13.52 -4.69 -42.85
C HIS A 832 12.89 -4.43 -41.49
N ILE A 833 11.56 -4.30 -41.46
CA ILE A 833 10.87 -3.99 -40.21
C ILE A 833 11.17 -5.03 -39.13
N ASP A 834 11.40 -6.27 -39.54
CA ASP A 834 11.69 -7.35 -38.60
C ASP A 834 13.16 -7.38 -38.19
N ASP A 835 13.93 -6.40 -38.65
CA ASP A 835 15.35 -6.37 -38.35
C ASP A 835 15.70 -5.38 -37.22
N PHE A 836 14.85 -4.39 -37.00
CA PHE A 836 15.14 -3.39 -35.98
C PHE A 836 14.05 -3.25 -34.93
N ALA A 837 12.84 -3.68 -35.28
CA ALA A 837 11.71 -3.58 -34.35
C ALA A 837 11.89 -4.40 -33.06
N PRO A 838 12.44 -5.64 -33.16
CA PRO A 838 12.63 -6.34 -31.89
C PRO A 838 13.71 -5.73 -31.01
N ASN A 839 14.55 -4.85 -31.57
CA ASN A 839 15.59 -4.17 -30.80
C ASN A 839 15.10 -2.88 -30.16
N LEU A 840 13.82 -2.57 -30.33
CA LEU A 840 13.25 -1.33 -29.79
C LEU A 840 12.73 -1.53 -28.38
N SER A 841 13.34 -0.82 -27.44
CA SER A 841 12.93 -0.86 -26.04
C SER A 841 12.20 0.41 -25.67
N PHE A 842 11.29 0.32 -24.70
CA PHE A 842 10.56 1.50 -24.25
C PHE A 842 10.79 1.77 -22.77
N PHE A 843 10.42 2.98 -22.35
CA PHE A 843 10.62 3.42 -20.99
C PHE A 843 9.51 4.39 -20.64
N PHE A 844 8.79 4.10 -19.56
CA PHE A 844 7.70 4.98 -19.14
C PHE A 844 7.80 5.39 -17.68
N SER A 845 6.92 6.32 -17.30
CA SER A 845 6.81 6.79 -15.93
C SER A 845 5.48 6.34 -15.34
N ASN A 846 5.48 6.01 -14.05
CA ASN A 846 4.23 5.69 -13.36
C ASN A 846 3.96 6.63 -12.19
N GLY A 847 2.97 7.49 -12.35
CA GLY A 847 2.61 8.45 -11.31
C GLY A 847 1.33 8.06 -10.60
N MET A 848 0.65 9.05 -10.04
CA MET A 848 -0.56 8.79 -9.27
C MET A 848 -1.81 8.86 -10.14
N ASP A 849 -1.70 9.51 -11.28
CA ASP A 849 -2.83 9.69 -12.19
C ASP A 849 -3.46 8.34 -12.56
N PRO A 850 -4.79 8.30 -12.71
CA PRO A 850 -5.53 7.08 -13.05
C PRO A 850 -5.04 6.41 -14.33
N GLU A 851 -4.66 7.22 -15.31
CA GLU A 851 -4.25 6.70 -16.61
C GLU A 851 -3.01 5.82 -16.53
N TYR A 852 -2.18 6.03 -15.51
CA TYR A 852 -0.95 5.28 -15.36
C TYR A 852 -1.21 3.80 -15.13
N SER A 853 -2.40 3.48 -14.60
CA SER A 853 -2.76 2.10 -14.32
C SER A 853 -2.85 1.27 -15.59
N VAL A 854 -3.21 1.91 -16.69
CA VAL A 854 -3.42 1.23 -17.95
C VAL A 854 -2.47 1.72 -19.04
N LEU A 855 -1.44 2.48 -18.64
CA LEU A 855 -0.50 3.04 -19.59
C LEU A 855 0.22 1.95 -20.37
N GLY A 856 0.71 0.95 -19.63
CA GLY A 856 1.48 -0.12 -20.23
C GLY A 856 0.70 -0.97 -21.22
N ARG A 857 -0.50 -1.37 -20.83
CA ARG A 857 -1.33 -2.24 -21.66
C ARG A 857 -1.75 -1.52 -22.94
N VAL A 858 -2.01 -0.22 -22.83
CA VAL A 858 -2.36 0.58 -24.00
C VAL A 858 -1.19 0.63 -24.96
N ALA A 859 0.00 0.86 -24.42
CA ALA A 859 1.21 0.93 -25.23
C ALA A 859 1.43 -0.38 -25.98
N ARG A 860 1.15 -1.49 -25.31
CA ARG A 860 1.34 -2.80 -25.93
C ARG A 860 0.38 -3.04 -27.08
N ARG A 861 -0.89 -2.68 -26.89
CA ARG A 861 -1.91 -2.93 -27.90
C ARG A 861 -1.72 -2.06 -29.13
N ILE A 862 -1.48 -0.76 -28.91
CA ILE A 862 -1.26 0.18 -30.01
C ILE A 862 -0.09 -0.28 -30.86
N TRP A 863 0.97 -0.75 -30.20
CA TRP A 863 2.15 -1.23 -30.89
C TRP A 863 1.84 -2.50 -31.68
N ALA A 864 1.29 -3.49 -30.99
CA ALA A 864 1.01 -4.80 -31.58
C ALA A 864 0.11 -4.71 -32.82
N VAL A 865 -0.98 -3.95 -32.68
CA VAL A 865 -1.93 -3.79 -33.78
C VAL A 865 -1.29 -3.10 -34.98
N THR A 866 -0.58 -2.00 -34.73
CA THR A 866 0.06 -1.26 -35.81
C THR A 866 1.18 -2.07 -36.45
N MET A 867 2.02 -2.70 -35.64
CA MET A 867 3.14 -3.47 -36.16
C MET A 867 2.66 -4.63 -37.03
N ARG A 868 1.48 -5.15 -36.73
CA ARG A 868 0.94 -6.28 -37.49
C ARG A 868 0.20 -5.81 -38.74
N ASP A 869 -0.78 -4.92 -38.55
CA ASP A 869 -1.63 -4.48 -39.65
C ASP A 869 -0.93 -3.47 -40.57
N LYS A 870 -0.34 -2.44 -39.98
CA LYS A 870 0.28 -1.37 -40.77
C LYS A 870 1.62 -1.78 -41.36
N TYR A 871 2.54 -2.24 -40.52
CA TYR A 871 3.90 -2.51 -40.97
C TYR A 871 4.14 -3.98 -41.32
N GLY A 872 3.17 -4.83 -41.00
CA GLY A 872 3.23 -6.24 -41.37
C GLY A 872 4.45 -6.97 -40.83
N ALA A 873 4.81 -6.67 -39.59
CA ALA A 873 5.98 -7.28 -38.97
C ALA A 873 5.61 -8.60 -38.29
N ASN A 874 6.62 -9.32 -37.83
CA ASN A 874 6.41 -10.62 -37.21
C ASN A 874 6.04 -10.49 -35.73
N ASP A 875 5.91 -11.63 -35.06
CA ASP A 875 5.46 -11.67 -33.67
C ASP A 875 6.41 -10.95 -32.71
N ARG A 876 7.70 -11.19 -32.86
CA ARG A 876 8.71 -10.57 -31.99
C ARG A 876 8.64 -9.06 -32.06
N SER A 877 8.26 -8.53 -33.23
CA SER A 877 8.20 -7.10 -33.44
C SER A 877 6.94 -6.49 -32.84
N GLN A 878 5.86 -7.25 -32.81
CA GLN A 878 4.58 -6.77 -32.29
C GLN A 878 4.59 -6.66 -30.77
N LYS A 879 5.60 -7.26 -30.15
CA LYS A 879 5.70 -7.27 -28.70
C LYS A 879 6.49 -6.08 -28.16
N LEU A 880 5.77 -5.11 -27.60
CA LEU A 880 6.40 -3.93 -27.02
C LEU A 880 6.86 -4.23 -25.59
N LYS A 881 8.17 -4.26 -25.41
CA LYS A 881 8.75 -4.42 -24.07
C LYS A 881 9.12 -3.05 -23.51
N TYR A 882 8.86 -2.84 -22.23
CA TYR A 882 9.13 -1.53 -21.64
C TYR A 882 9.60 -1.60 -20.18
N HIS A 883 10.30 -0.55 -19.77
CA HIS A 883 10.69 -0.37 -18.38
C HIS A 883 9.85 0.72 -17.75
N ILE A 884 9.39 0.49 -16.52
CA ILE A 884 8.64 1.50 -15.79
C ILE A 884 9.41 1.94 -14.56
N GLN A 885 9.60 3.25 -14.43
CA GLN A 885 10.19 3.82 -13.23
C GLN A 885 9.16 4.71 -12.54
N THR A 886 9.03 4.57 -11.23
CA THR A 886 8.05 5.35 -10.49
C THR A 886 8.36 6.84 -10.60
N SER A 887 7.33 7.66 -10.62
CA SER A 887 7.48 9.10 -10.82
C SER A 887 8.28 9.73 -9.69
N GLY A 888 9.37 10.40 -10.04
CA GLY A 888 10.21 11.06 -9.06
C GLY A 888 9.63 12.41 -8.67
N ARG A 889 8.91 13.03 -9.60
CA ARG A 889 8.35 14.34 -9.32
C ARG A 889 7.17 14.22 -8.35
N SER A 890 6.57 13.03 -8.29
CA SER A 890 5.47 12.77 -7.38
C SER A 890 5.93 12.68 -5.93
N LEU A 891 7.24 12.55 -5.74
CA LEU A 891 7.82 12.51 -4.40
C LEU A 891 8.33 13.91 -4.01
N HIS A 892 8.19 14.24 -2.73
CA HIS A 892 8.48 15.60 -2.27
C HIS A 892 9.50 15.66 -1.14
N ALA A 893 10.01 16.87 -0.89
CA ALA A 893 10.99 17.09 0.17
C ALA A 893 10.32 17.17 1.53
N GLN A 894 9.09 17.67 1.56
CA GLN A 894 8.34 17.75 2.80
C GLN A 894 7.77 16.38 3.18
N GLU A 895 8.03 15.95 4.42
CA GLU A 895 7.60 14.64 4.91
C GLU A 895 8.07 13.52 4.00
N ILE A 896 9.38 13.27 3.99
CA ILE A 896 9.97 12.31 3.05
C ILE A 896 9.53 10.87 3.31
N ASP A 897 9.01 10.61 4.49
CA ASP A 897 8.52 9.28 4.82
C ASP A 897 7.26 8.93 4.03
N PHE A 898 6.53 9.94 3.58
CA PHE A 898 5.30 9.74 2.83
C PHE A 898 5.58 9.17 1.44
N ASN A 899 6.78 9.45 0.93
CA ASN A 899 7.12 9.07 -0.44
C ASN A 899 7.12 7.57 -0.68
N ASP A 900 7.41 6.80 0.36
CA ASP A 900 7.40 5.34 0.25
C ASP A 900 5.99 4.82 0.02
N ILE A 901 5.00 5.55 0.50
CA ILE A 901 3.60 5.21 0.26
C ILE A 901 3.27 5.37 -1.22
N ARG A 902 3.64 6.52 -1.77
CA ARG A 902 3.39 6.82 -3.17
C ARG A 902 4.18 5.88 -4.08
N THR A 903 5.42 5.60 -3.71
CA THR A 903 6.28 4.75 -4.52
C THR A 903 5.78 3.31 -4.51
N THR A 904 5.06 2.94 -3.45
CA THR A 904 4.47 1.61 -3.36
C THR A 904 3.30 1.45 -4.32
N LEU A 905 2.35 2.38 -4.23
CA LEU A 905 1.17 2.37 -5.09
C LEU A 905 1.57 2.39 -6.57
N GLN A 906 2.59 3.18 -6.90
CA GLN A 906 3.05 3.29 -8.27
C GLN A 906 3.72 2.02 -8.73
N ALA A 907 4.48 1.41 -7.83
CA ALA A 907 5.15 0.14 -8.13
C ALA A 907 4.14 -0.98 -8.30
N LEU A 908 3.00 -0.85 -7.62
CA LEU A 908 1.97 -1.90 -7.66
C LEU A 908 1.33 -2.00 -9.03
N ILE A 909 0.82 -0.88 -9.53
CA ILE A 909 0.11 -0.89 -10.82
C ILE A 909 1.05 -1.22 -11.97
N ALA A 910 2.35 -1.03 -11.75
CA ALA A 910 3.35 -1.40 -12.74
C ALA A 910 3.44 -2.92 -12.87
N ILE A 911 3.47 -3.60 -11.72
CA ILE A 911 3.56 -5.05 -11.69
C ILE A 911 2.23 -5.70 -12.08
N TYR A 912 1.14 -5.09 -11.64
CA TYR A 912 -0.20 -5.55 -12.02
C TYR A 912 -0.32 -5.59 -13.54
N ASP A 913 0.10 -4.50 -14.19
CA ASP A 913 -0.02 -4.37 -15.63
C ASP A 913 1.14 -5.07 -16.35
N ASN A 914 1.79 -5.99 -15.64
CA ASN A 914 2.80 -6.88 -16.20
C ASN A 914 3.91 -6.16 -16.97
N CYS A 915 4.64 -5.29 -16.27
CA CYS A 915 5.77 -4.59 -16.85
C CYS A 915 6.95 -5.53 -17.02
N ASN A 916 7.92 -5.13 -17.84
CA ASN A 916 9.09 -5.96 -18.11
C ASN A 916 10.26 -5.63 -17.21
N SER A 917 10.28 -4.41 -16.69
CA SER A 917 11.36 -3.93 -15.85
C SER A 917 10.89 -2.77 -14.98
N LEU A 918 11.26 -2.79 -13.71
CA LEU A 918 10.75 -1.80 -12.76
C LEU A 918 11.85 -1.19 -11.89
N HIS A 919 11.88 0.13 -11.81
CA HIS A 919 12.74 0.84 -10.86
C HIS A 919 11.90 1.53 -9.80
N THR A 920 12.35 1.44 -8.55
CA THR A 920 11.62 2.02 -7.44
C THR A 920 12.41 3.13 -6.78
N ASN A 921 11.79 4.29 -6.62
CA ASN A 921 12.46 5.46 -6.07
C ASN A 921 12.56 5.47 -4.55
N ALA A 922 13.62 6.06 -4.04
CA ALA A 922 13.88 6.14 -2.61
C ALA A 922 12.98 7.20 -1.96
N TYR A 923 12.91 7.17 -0.63
CA TYR A 923 12.09 8.14 0.09
C TYR A 923 12.73 9.53 0.10
N ASP A 924 14.06 9.56 0.07
CA ASP A 924 14.78 10.84 0.01
C ASP A 924 14.97 11.29 -1.43
N GLU A 925 13.99 11.00 -2.26
CA GLU A 925 14.02 11.28 -3.69
C GLU A 925 14.26 12.75 -4.01
N ALA A 926 13.62 13.64 -3.26
CA ALA A 926 13.69 15.07 -3.56
C ALA A 926 15.02 15.68 -3.14
N ILE A 927 15.73 15.02 -2.23
CA ILE A 927 16.91 15.61 -1.61
C ILE A 927 18.24 15.04 -2.14
N THR A 928 18.31 13.73 -2.31
CA THR A 928 19.57 13.11 -2.70
C THR A 928 19.43 11.83 -3.51
N THR A 929 20.51 11.48 -4.20
CA THR A 929 20.69 10.14 -4.76
C THR A 929 20.54 9.13 -3.62
N PRO A 930 19.78 8.04 -3.86
CA PRO A 930 19.49 7.01 -2.85
C PRO A 930 20.69 6.61 -1.99
N THR A 931 20.52 6.70 -0.68
CA THR A 931 21.56 6.31 0.25
C THR A 931 21.57 4.79 0.40
N ALA A 932 22.52 4.27 1.16
CA ALA A 932 22.61 2.83 1.38
C ALA A 932 21.37 2.30 2.07
N GLU A 933 20.86 3.05 3.03
CA GLU A 933 19.66 2.69 3.77
C GLU A 933 18.41 3.01 2.95
N SER A 934 18.52 4.02 2.10
CA SER A 934 17.39 4.53 1.34
C SER A 934 17.06 3.64 0.14
N VAL A 935 18.08 3.02 -0.43
CA VAL A 935 17.91 2.18 -1.60
C VAL A 935 17.32 0.83 -1.20
N ARG A 936 17.50 0.44 0.05
CA ARG A 936 16.96 -0.82 0.54
C ARG A 936 15.45 -0.74 0.74
N ARG A 937 15.00 0.42 1.23
CA ARG A 937 13.57 0.64 1.39
C ARG A 937 12.88 0.66 0.04
N ALA A 938 13.55 1.22 -0.95
CA ALA A 938 13.02 1.25 -2.31
C ALA A 938 13.02 -0.16 -2.90
N LEU A 939 14.08 -0.91 -2.62
CA LEU A 939 14.24 -2.25 -3.15
C LEU A 939 13.30 -3.22 -2.44
N ALA A 940 12.87 -2.85 -1.24
CA ALA A 940 11.98 -3.70 -0.45
C ALA A 940 10.56 -3.61 -0.96
N ILE A 941 10.20 -2.47 -1.53
CA ILE A 941 8.86 -2.27 -2.08
C ILE A 941 8.56 -3.34 -3.13
N GLN A 942 9.53 -3.59 -4.01
CA GLN A 942 9.37 -4.59 -5.04
C GLN A 942 9.34 -6.00 -4.45
N LEU A 943 10.23 -6.26 -3.51
CA LEU A 943 10.33 -7.57 -2.87
C LEU A 943 9.06 -7.91 -2.10
N ILE A 944 8.47 -6.92 -1.43
CA ILE A 944 7.27 -7.14 -0.65
C ILE A 944 6.07 -7.42 -1.57
N ILE A 945 5.95 -6.66 -2.65
CA ILE A 945 4.85 -6.87 -3.58
C ILE A 945 5.00 -8.21 -4.30
N ASN A 946 6.20 -8.48 -4.81
CA ASN A 946 6.43 -9.69 -5.58
C ASN A 946 6.28 -10.96 -4.76
N ARG A 947 6.73 -10.93 -3.52
CA ARG A 947 6.76 -12.14 -2.69
C ARG A 947 5.61 -12.21 -1.69
N GLU A 948 5.40 -11.14 -0.93
CA GLU A 948 4.41 -11.17 0.15
C GLU A 948 2.99 -10.91 -0.32
N TRP A 949 2.83 -9.98 -1.26
CA TRP A 949 1.50 -9.51 -1.65
C TRP A 949 0.70 -10.62 -2.33
N GLY A 950 -0.52 -10.80 -1.87
CA GLY A 950 -1.35 -11.91 -2.29
C GLY A 950 -1.94 -11.78 -3.67
N VAL A 951 -2.53 -10.63 -3.96
CA VAL A 951 -3.12 -10.38 -5.27
C VAL A 951 -2.06 -10.56 -6.37
N ALA A 952 -0.83 -10.22 -6.04
CA ALA A 952 0.27 -10.26 -7.00
C ALA A 952 0.57 -11.67 -7.49
N LYS A 953 0.08 -12.68 -6.78
CA LYS A 953 0.27 -14.07 -7.18
C LYS A 953 -0.48 -14.37 -8.49
N CYS A 954 -1.41 -13.49 -8.83
CA CYS A 954 -2.11 -13.56 -10.10
C CYS A 954 -1.44 -12.63 -11.10
N GLU A 955 -1.23 -13.11 -12.32
CA GLU A 955 -0.42 -12.36 -13.28
C GLU A 955 -1.25 -11.49 -14.22
N ASN A 956 -2.57 -11.66 -14.20
CA ASN A 956 -3.45 -10.76 -14.94
C ASN A 956 -4.61 -10.23 -14.11
N PRO A 957 -4.31 -9.64 -12.94
CA PRO A 957 -5.41 -9.22 -12.06
C PRO A 957 -6.17 -8.03 -12.63
N ASN A 958 -5.52 -7.26 -13.51
CA ASN A 958 -6.18 -6.13 -14.15
C ASN A 958 -7.30 -6.57 -15.08
N GLN A 959 -7.09 -7.68 -15.78
CA GLN A 959 -8.03 -8.14 -16.80
C GLN A 959 -9.40 -8.48 -16.22
N GLY A 960 -10.43 -8.03 -16.93
CA GLY A 960 -11.80 -8.24 -16.50
C GLY A 960 -12.41 -6.98 -15.92
N SER A 961 -11.60 -6.23 -15.17
CA SER A 961 -12.07 -5.03 -14.49
C SER A 961 -12.75 -4.05 -15.43
N PHE A 962 -13.96 -3.63 -15.06
CA PHE A 962 -14.72 -2.69 -15.87
C PHE A 962 -13.98 -1.36 -16.01
N LEU A 963 -13.42 -0.89 -14.89
CA LEU A 963 -12.67 0.34 -14.88
C LEU A 963 -11.45 0.27 -15.79
N ILE A 964 -10.71 -0.84 -15.68
CA ILE A 964 -9.48 -1.01 -16.47
C ILE A 964 -9.76 -1.03 -17.97
N GLU A 965 -10.79 -1.77 -18.38
CA GLU A 965 -11.10 -1.88 -19.80
C GLU A 965 -11.60 -0.55 -20.35
N GLU A 966 -12.40 0.17 -19.57
CA GLU A 966 -12.88 1.48 -20.01
C GLU A 966 -11.72 2.47 -20.10
N LEU A 967 -10.89 2.51 -19.07
CA LEU A 967 -9.72 3.37 -19.05
C LEU A 967 -8.76 3.04 -20.18
N THR A 968 -8.62 1.75 -20.46
CA THR A 968 -7.75 1.29 -21.55
C THR A 968 -8.24 1.84 -22.88
N ASP A 969 -9.54 1.76 -23.11
CA ASP A 969 -10.13 2.25 -24.35
C ASP A 969 -9.98 3.77 -24.47
N LEU A 970 -10.22 4.47 -23.37
CA LEU A 970 -10.15 5.93 -23.36
C LEU A 970 -8.75 6.44 -23.63
N VAL A 971 -7.79 5.96 -22.86
CA VAL A 971 -6.39 6.34 -23.00
C VAL A 971 -5.88 6.06 -24.41
N GLU A 972 -6.27 4.90 -24.94
CA GLU A 972 -5.89 4.49 -26.28
C GLU A 972 -6.34 5.53 -27.30
N GLU A 973 -7.62 5.87 -27.25
CA GLU A 973 -8.20 6.84 -28.17
C GLU A 973 -7.58 8.23 -27.97
N ALA A 974 -7.35 8.61 -26.72
CA ALA A 974 -6.73 9.89 -26.40
C ALA A 974 -5.35 9.99 -27.06
N VAL A 975 -4.61 8.90 -27.04
CA VAL A 975 -3.31 8.83 -27.69
C VAL A 975 -3.47 8.97 -29.20
N LEU A 976 -4.43 8.27 -29.76
CA LEU A 976 -4.66 8.29 -31.22
C LEU A 976 -5.02 9.67 -31.72
N GLN A 977 -5.77 10.42 -30.90
CA GLN A 977 -6.14 11.78 -31.27
C GLN A 977 -4.91 12.68 -31.24
N GLU A 978 -4.03 12.43 -30.28
CA GLU A 978 -2.79 13.20 -30.19
C GLU A 978 -1.88 12.86 -31.36
N PHE A 979 -1.90 11.61 -31.81
CA PHE A 979 -1.17 11.20 -32.99
C PHE A 979 -1.58 12.06 -34.17
N GLU A 980 -2.89 12.28 -34.29
CA GLU A 980 -3.45 13.07 -35.38
C GLU A 980 -3.03 14.54 -35.27
N ARG A 981 -2.98 15.05 -34.04
CA ARG A 981 -2.55 16.43 -33.80
C ARG A 981 -1.10 16.64 -34.22
N ILE A 982 -0.25 15.65 -33.95
CA ILE A 982 1.15 15.72 -34.33
C ILE A 982 1.29 15.55 -35.84
N ALA A 983 0.44 14.71 -36.41
CA ALA A 983 0.48 14.42 -37.84
C ALA A 983 0.14 15.66 -38.68
N GLU A 984 -0.81 16.46 -38.19
CA GLU A 984 -1.22 17.66 -38.90
C GLU A 984 -0.27 18.82 -38.62
N ARG A 985 0.82 18.52 -37.90
CA ARG A 985 1.87 19.50 -37.66
C ARG A 985 3.16 19.09 -38.36
N GLY A 986 3.05 18.08 -39.23
CA GLY A 986 4.17 17.64 -40.06
C GLY A 986 4.93 16.46 -39.50
N GLY A 987 4.27 15.68 -38.65
CA GLY A 987 4.92 14.56 -38.00
C GLY A 987 5.63 15.00 -36.73
N VAL A 988 6.33 14.07 -36.10
CA VAL A 988 7.05 14.39 -34.86
C VAL A 988 8.13 15.43 -35.11
N LEU A 989 8.89 15.25 -36.18
CA LEU A 989 9.93 16.20 -36.54
C LEU A 989 9.35 17.57 -36.89
N GLY A 990 8.23 17.55 -37.61
CA GLY A 990 7.56 18.78 -38.00
C GLY A 990 7.02 19.52 -36.79
N ALA A 991 6.61 18.77 -35.78
CA ALA A 991 6.08 19.35 -34.55
C ALA A 991 7.22 19.96 -33.72
N MET A 992 8.34 19.25 -33.67
CA MET A 992 9.51 19.72 -32.94
C MET A 992 10.05 21.01 -33.55
N GLU A 993 9.86 21.15 -34.86
CA GLU A 993 10.28 22.33 -35.58
C GLU A 993 9.54 23.57 -35.06
N THR A 994 8.31 23.35 -34.59
CA THR A 994 7.49 24.42 -34.04
C THR A 994 7.61 24.49 -32.53
N GLY A 995 8.21 23.46 -31.94
CA GLY A 995 8.30 23.36 -30.49
C GLY A 995 6.94 23.02 -29.90
N TYR A 996 6.19 22.19 -30.62
CA TYR A 996 4.85 21.78 -30.19
C TYR A 996 4.92 20.96 -28.91
N GLN A 997 5.74 19.91 -28.93
CA GLN A 997 5.87 19.03 -27.77
C GLN A 997 6.35 19.81 -26.55
N ARG A 998 7.45 20.53 -26.71
CA ARG A 998 8.00 21.33 -25.62
C ARG A 998 6.96 22.31 -25.09
N GLY A 999 6.23 22.95 -26.00
CA GLY A 999 5.19 23.87 -25.61
C GLY A 999 4.11 23.19 -24.80
N LYS A 1000 3.64 22.05 -25.29
CA LYS A 1000 2.56 21.32 -24.64
C LYS A 1000 3.00 20.78 -23.28
N ILE A 1001 4.23 20.31 -23.19
CA ILE A 1001 4.77 19.84 -21.91
C ILE A 1001 4.83 20.97 -20.90
N GLN A 1002 5.46 22.07 -21.28
CA GLN A 1002 5.64 23.20 -20.37
C GLN A 1002 4.30 23.80 -19.94
N GLU A 1003 3.30 23.73 -20.82
CA GLU A 1003 1.95 24.18 -20.48
C GLU A 1003 1.33 23.29 -19.42
N GLU A 1004 1.47 21.98 -19.59
CA GLU A 1004 0.91 21.02 -18.64
C GLU A 1004 1.67 21.05 -17.33
N SER A 1005 2.97 21.29 -17.40
CA SER A 1005 3.80 21.42 -16.21
C SER A 1005 3.36 22.61 -15.38
N LEU A 1006 2.98 23.69 -16.05
CA LEU A 1006 2.50 24.88 -15.38
C LEU A 1006 1.15 24.62 -14.75
N TYR A 1007 0.26 23.96 -15.51
CA TYR A 1007 -1.08 23.64 -15.03
C TYR A 1007 -1.04 22.80 -13.77
N TYR A 1008 -0.16 21.81 -13.74
CA TYR A 1008 0.03 20.98 -12.57
C TYR A 1008 0.56 21.82 -11.41
N GLU A 1009 1.60 22.59 -11.68
CA GLU A 1009 2.27 23.38 -10.66
C GLU A 1009 1.37 24.49 -10.13
N GLN A 1010 0.54 25.04 -11.00
CA GLN A 1010 -0.40 26.06 -10.57
C GLN A 1010 -1.35 25.46 -9.53
N LEU A 1011 -1.67 24.18 -9.69
CA LEU A 1011 -2.60 23.49 -8.81
C LEU A 1011 -1.94 22.92 -7.56
N LYS A 1012 -0.65 22.60 -7.65
CA LYS A 1012 0.06 22.03 -6.51
C LYS A 1012 0.18 23.07 -5.40
N HIS A 1013 0.50 24.30 -5.79
CA HIS A 1013 0.62 25.41 -4.86
C HIS A 1013 -0.77 25.94 -4.50
N ASP A 1014 -1.68 25.87 -5.47
CA ASP A 1014 -3.07 26.26 -5.27
C ASP A 1014 -3.69 25.50 -4.10
N GLY A 1015 -3.87 24.20 -4.30
CA GLY A 1015 -4.51 23.37 -3.30
C GLY A 1015 -5.63 22.55 -3.93
N THR A 1016 -6.05 22.96 -5.12
CA THR A 1016 -7.10 22.23 -5.84
C THR A 1016 -6.69 20.78 -6.04
N LEU A 1017 -5.40 20.57 -6.28
CA LEU A 1017 -4.83 19.25 -6.37
C LEU A 1017 -4.10 18.92 -5.08
N PRO A 1018 -4.73 18.13 -4.20
CA PRO A 1018 -4.19 17.83 -2.87
C PRO A 1018 -2.93 16.97 -2.91
N ILE A 1019 -1.90 17.44 -2.23
CA ILE A 1019 -0.67 16.66 -2.05
C ILE A 1019 -0.41 16.54 -0.56
N ILE A 1020 -0.55 15.33 -0.03
CA ILE A 1020 -0.46 15.12 1.41
C ILE A 1020 0.94 15.44 1.96
N GLY A 1021 0.99 16.38 2.90
CA GLY A 1021 2.24 16.80 3.49
C GLY A 1021 2.81 18.05 2.85
N VAL A 1022 2.23 18.45 1.72
CA VAL A 1022 2.73 19.59 0.97
C VAL A 1022 1.76 20.78 0.99
N ASN A 1023 0.58 20.61 0.42
CA ASN A 1023 -0.42 21.68 0.41
C ASN A 1023 -1.58 21.39 1.34
N THR A 1024 -1.55 20.22 1.96
CA THR A 1024 -2.55 19.84 2.96
C THR A 1024 -1.95 18.84 3.93
N PHE A 1025 -2.50 18.80 5.15
CA PHE A 1025 -2.02 17.91 6.20
C PHE A 1025 -0.54 18.16 6.49
N ARG A 1026 -0.21 19.43 6.73
CA ARG A 1026 1.14 19.82 7.05
C ARG A 1026 1.52 19.36 8.46
N ASN A 1027 2.80 19.41 8.77
CA ASN A 1027 3.29 19.02 10.09
C ASN A 1027 3.29 20.22 11.04
N PRO A 1028 2.69 20.04 12.23
CA PRO A 1028 2.68 21.10 13.26
C PRO A 1028 4.09 21.52 13.69
N ASN A 1029 5.08 20.67 13.46
CA ASN A 1029 6.46 21.01 13.77
C ASN A 1029 7.10 21.85 12.67
N GLY A 1030 7.02 21.38 11.43
CA GLY A 1030 7.53 22.11 10.29
C GLY A 1030 8.77 21.49 9.67
N ASP A 1031 9.00 20.22 9.98
CA ASP A 1031 10.18 19.52 9.47
C ASP A 1031 10.06 19.18 7.99
N GLN A 1035 15.39 17.61 10.10
CA GLN A 1035 16.65 17.16 10.67
C GLN A 1035 17.72 17.03 9.58
N THR A 1036 18.86 16.46 9.94
CA THR A 1036 19.96 16.25 8.99
C THR A 1036 19.94 14.85 8.39
N LEU A 1037 19.64 14.79 7.11
CA LEU A 1037 19.60 13.54 6.37
C LEU A 1037 20.95 13.28 5.70
N GLU A 1038 21.32 12.00 5.56
CA GLU A 1038 22.55 11.64 4.89
C GLU A 1038 22.44 11.93 3.40
N LEU A 1039 23.51 12.46 2.81
CA LEU A 1039 23.49 12.84 1.41
C LEU A 1039 24.49 12.06 0.57
N ALA A 1040 24.19 11.93 -0.72
CA ALA A 1040 25.05 11.22 -1.64
C ALA A 1040 25.83 12.19 -2.51
N ARG A 1041 26.94 12.68 -1.97
CA ARG A 1041 27.85 13.56 -2.70
C ARG A 1041 29.14 12.80 -2.98
N SER A 1042 30.02 13.36 -3.81
CA SER A 1042 31.23 12.64 -4.16
C SER A 1042 32.42 13.11 -3.34
N SER A 1043 33.27 12.17 -2.96
CA SER A 1043 34.46 12.46 -2.17
C SER A 1043 35.46 13.31 -2.95
N GLU A 1044 36.23 14.13 -2.25
CA GLU A 1044 37.26 14.94 -2.88
C GLU A 1044 38.34 14.05 -3.49
N ASP A 1045 38.68 12.99 -2.78
CA ASP A 1045 39.66 12.02 -3.27
C ASP A 1045 39.20 11.38 -4.57
N GLU A 1046 37.89 11.14 -4.67
CA GLU A 1046 37.31 10.53 -5.86
C GLU A 1046 37.41 11.46 -7.07
N LYS A 1047 37.29 12.75 -6.83
CA LYS A 1047 37.42 13.73 -7.89
C LYS A 1047 38.85 13.79 -8.40
N GLN A 1048 39.79 13.86 -7.47
CA GLN A 1048 41.21 13.87 -7.81
C GLN A 1048 41.62 12.55 -8.45
N SER A 1049 40.98 11.46 -8.05
CA SER A 1049 41.23 10.16 -8.65
C SER A 1049 40.87 10.18 -10.14
N GLN A 1050 39.68 10.66 -10.45
CA GLN A 1050 39.20 10.72 -11.83
C GLN A 1050 40.10 11.61 -12.69
N LEU A 1051 40.59 12.70 -12.10
CA LEU A 1051 41.48 13.60 -12.80
C LEU A 1051 42.80 12.92 -13.11
N HIS A 1052 43.33 12.21 -12.13
CA HIS A 1052 44.62 11.54 -12.28
C HIS A 1052 44.52 10.35 -13.22
N ARG A 1053 43.42 9.60 -13.13
CA ARG A 1053 43.17 8.49 -14.03
C ARG A 1053 43.07 8.97 -15.48
N LEU A 1054 42.46 10.13 -15.66
CA LEU A 1054 42.28 10.71 -16.98
C LEU A 1054 43.60 11.13 -17.61
N THR A 1055 44.40 11.89 -16.85
CA THR A 1055 45.68 12.36 -17.34
C THR A 1055 46.64 11.19 -17.55
N GLU A 1056 46.40 10.10 -16.83
CA GLU A 1056 47.22 8.90 -16.98
C GLU A 1056 46.79 8.13 -18.22
N PHE A 1057 45.49 8.12 -18.49
CA PHE A 1057 44.95 7.50 -19.69
C PHE A 1057 45.44 8.25 -20.93
N HIS A 1058 45.37 9.58 -20.86
CA HIS A 1058 45.78 10.44 -21.96
C HIS A 1058 47.26 10.25 -22.28
N GLY A 1059 48.08 10.13 -21.24
CA GLY A 1059 49.50 9.93 -21.42
C GLY A 1059 49.82 8.59 -22.05
N ALA A 1060 48.97 7.60 -21.79
CA ALA A 1060 49.17 6.25 -22.30
C ALA A 1060 48.98 6.18 -23.81
N HIS A 1061 47.97 6.88 -24.31
CA HIS A 1061 47.66 6.85 -25.74
C HIS A 1061 47.93 8.20 -26.39
N GLN A 1062 48.96 8.89 -25.91
CA GLN A 1062 49.31 10.22 -26.40
C GLN A 1062 49.70 10.18 -27.89
N ALA A 1063 50.21 9.04 -28.33
CA ALA A 1063 50.66 8.91 -29.71
C ALA A 1063 49.50 8.71 -30.69
N ASP A 1064 48.57 7.83 -30.34
CA ASP A 1064 47.50 7.45 -31.25
C ASP A 1064 46.25 8.32 -31.11
N ALA A 1065 46.30 9.29 -30.21
CA ALA A 1065 45.13 10.10 -29.88
C ALA A 1065 44.67 10.98 -31.05
N GLU A 1066 45.54 11.90 -31.47
CA GLU A 1066 45.20 12.84 -32.54
C GLU A 1066 44.88 12.11 -33.84
N ALA A 1067 45.58 11.02 -34.09
CA ALA A 1067 45.38 10.23 -35.30
C ALA A 1067 43.99 9.59 -35.33
N MET A 1068 43.56 9.05 -34.20
CA MET A 1068 42.27 8.41 -34.10
C MET A 1068 41.12 9.41 -34.23
N LEU A 1069 41.28 10.56 -33.57
CA LEU A 1069 40.29 11.62 -33.63
C LEU A 1069 40.13 12.16 -35.05
N ALA A 1070 41.26 12.23 -35.77
CA ALA A 1070 41.24 12.65 -37.17
C ALA A 1070 40.47 11.65 -38.01
N ARG A 1071 40.68 10.36 -37.75
CA ARG A 1071 39.95 9.31 -38.44
C ARG A 1071 38.45 9.43 -38.18
N LEU A 1072 38.11 9.80 -36.95
CA LEU A 1072 36.71 9.92 -36.54
C LEU A 1072 36.01 11.03 -37.30
N ARG A 1073 36.69 12.16 -37.48
CA ARG A 1073 36.09 13.28 -38.20
C ARG A 1073 35.95 12.95 -39.68
N GLN A 1074 36.94 12.23 -40.22
CA GLN A 1074 36.90 11.81 -41.61
C GLN A 1074 35.73 10.85 -41.85
N ALA A 1075 35.36 10.12 -40.81
CA ALA A 1075 34.24 9.20 -40.89
C ALA A 1075 32.93 9.95 -41.07
N VAL A 1076 32.84 11.13 -40.45
CA VAL A 1076 31.66 11.97 -40.57
C VAL A 1076 31.67 12.71 -41.90
N ILE A 1077 32.84 13.20 -42.29
CA ILE A 1077 33.00 13.92 -43.54
C ILE A 1077 32.69 13.03 -44.74
N ASP A 1078 33.36 11.88 -44.80
CA ASP A 1078 33.15 10.94 -45.90
C ASP A 1078 31.82 10.21 -45.75
N ASN A 1079 31.06 10.54 -44.71
CA ASN A 1079 29.74 9.98 -44.45
C ASN A 1079 29.76 8.45 -44.37
N ARG A 1080 30.63 7.92 -43.50
CA ARG A 1080 30.67 6.49 -43.23
C ARG A 1080 29.90 6.20 -41.95
N ASN A 1081 30.16 5.04 -41.36
CA ASN A 1081 29.52 4.68 -40.09
C ASN A 1081 30.31 5.21 -38.90
N VAL A 1082 29.71 6.13 -38.17
CA VAL A 1082 30.39 6.78 -37.05
C VAL A 1082 30.64 5.83 -35.89
N PHE A 1083 29.65 4.99 -35.56
CA PHE A 1083 29.79 4.08 -34.43
C PHE A 1083 30.88 3.04 -34.67
N ALA A 1084 31.02 2.62 -35.92
CA ALA A 1084 32.03 1.62 -36.27
C ALA A 1084 33.43 2.11 -35.94
N VAL A 1085 33.63 3.43 -36.06
CA VAL A 1085 34.91 4.05 -35.72
C VAL A 1085 35.02 4.23 -34.22
N LEU A 1086 33.89 4.50 -33.58
CA LEU A 1086 33.85 4.67 -32.12
C LEU A 1086 34.26 3.39 -31.40
N MET A 1087 34.02 2.25 -32.03
CA MET A 1087 34.42 0.96 -31.46
C MET A 1087 35.93 0.87 -31.31
N ASP A 1088 36.65 1.65 -32.10
CA ASP A 1088 38.10 1.70 -32.01
C ASP A 1088 38.55 2.97 -31.29
N ALA A 1089 37.74 4.01 -31.39
CA ALA A 1089 38.09 5.32 -30.86
C ALA A 1089 38.18 5.34 -29.34
N VAL A 1090 37.27 4.64 -28.68
CA VAL A 1090 37.17 4.67 -27.22
C VAL A 1090 38.33 3.94 -26.53
N ARG A 1091 39.20 3.32 -27.34
CA ARG A 1091 40.34 2.59 -26.81
C ARG A 1091 41.56 3.47 -26.60
N VAL A 1092 41.60 4.61 -27.28
CA VAL A 1092 42.75 5.51 -27.21
C VAL A 1092 42.34 6.94 -26.90
N CYS A 1093 41.03 7.18 -26.86
CA CYS A 1093 40.52 8.52 -26.63
C CYS A 1093 39.54 8.57 -25.45
N SER A 1094 39.50 9.71 -24.78
CA SER A 1094 38.57 9.92 -23.68
C SER A 1094 37.24 10.44 -24.19
N LEU A 1095 36.24 10.45 -23.31
CA LEU A 1095 34.90 10.90 -23.67
C LEU A 1095 34.90 12.33 -24.20
N GLY A 1096 35.60 13.20 -23.50
CA GLY A 1096 35.69 14.59 -23.88
C GLY A 1096 36.38 14.80 -25.22
N GLN A 1097 37.47 14.07 -25.43
CA GLN A 1097 38.22 14.16 -26.70
C GLN A 1097 37.33 13.81 -27.87
N ILE A 1098 36.59 12.72 -27.75
CA ILE A 1098 35.70 12.26 -28.80
C ILE A 1098 34.58 13.25 -29.05
N THR A 1099 33.95 13.71 -27.97
CA THR A 1099 32.83 14.64 -28.08
C THR A 1099 33.25 15.94 -28.76
N HIS A 1100 34.36 16.52 -28.31
CA HIS A 1100 34.84 17.78 -28.87
C HIS A 1100 35.31 17.60 -30.31
N ALA A 1101 35.81 16.42 -30.64
CA ALA A 1101 36.22 16.13 -32.01
C ALA A 1101 35.00 16.11 -32.92
N LEU A 1102 33.92 15.53 -32.43
CA LEU A 1102 32.67 15.46 -33.19
C LEU A 1102 32.04 16.84 -33.33
N PHE A 1103 32.28 17.70 -32.34
CA PHE A 1103 31.80 19.08 -32.40
C PHE A 1103 32.34 19.80 -33.64
N GLU A 1104 33.56 19.48 -34.03
CA GLU A 1104 34.16 20.13 -35.19
C GLU A 1104 33.56 19.62 -36.50
N VAL A 1105 32.80 18.54 -36.42
CA VAL A 1105 32.34 17.87 -37.63
C VAL A 1105 30.87 17.46 -37.58
N GLY A 1106 30.28 17.50 -36.38
CA GLY A 1106 28.89 17.13 -36.20
C GLY A 1106 28.05 18.25 -35.62
N GLY A 1107 28.71 19.32 -35.19
CA GLY A 1107 28.04 20.50 -34.70
C GLY A 1107 27.48 20.35 -33.30
N GLN A 1108 26.91 21.44 -32.78
CA GLN A 1108 26.33 21.44 -31.45
C GLN A 1108 24.83 21.65 -31.50
N TYR A 1109 24.13 21.13 -30.50
CA TYR A 1109 22.67 21.24 -30.44
C TYR A 1109 22.22 22.70 -30.37
N ARG A 1110 21.19 23.03 -31.14
CA ARG A 1110 20.61 24.35 -31.10
C ARG A 1110 19.35 24.33 -30.24
N ARG A 1111 19.43 24.94 -29.06
CA ARG A 1111 18.33 24.93 -28.09
C ARG A 1111 17.02 25.45 -28.69
N ASN A 1112 15.91 25.01 -28.12
CA ASN A 1112 14.60 25.29 -28.71
C ASN A 1112 13.57 25.84 -27.73
N MET A 1113 14.04 26.52 -26.69
CA MET A 1113 13.19 27.22 -25.72
C MET A 1113 12.32 26.25 -24.90
N GLY B 42 12.29 -41.64 39.05
CA GLY B 42 12.25 -40.18 39.03
C GLY B 42 12.99 -39.56 40.21
N PRO B 43 12.31 -38.68 40.95
CA PRO B 43 12.89 -38.00 42.11
C PRO B 43 12.95 -38.89 43.35
N ALA B 44 13.70 -38.48 44.37
CA ALA B 44 13.84 -39.26 45.58
C ALA B 44 12.58 -39.22 46.44
N ASN B 45 12.01 -38.02 46.56
CA ASN B 45 10.79 -37.84 47.35
C ASN B 45 9.56 -37.72 46.46
N LYS B 46 8.38 -37.67 47.09
CA LYS B 46 7.16 -37.36 46.38
C LYS B 46 7.12 -35.87 46.06
N VAL B 47 7.62 -35.51 44.89
CA VAL B 47 7.74 -34.09 44.51
C VAL B 47 6.47 -33.55 43.87
N ARG B 48 5.90 -32.51 44.50
CA ARG B 48 4.66 -31.92 44.03
C ARG B 48 4.85 -30.46 43.59
N PHE B 49 4.14 -30.07 42.54
CA PHE B 49 4.21 -28.71 42.02
C PHE B 49 2.84 -28.08 41.89
N VAL B 50 2.80 -26.75 41.97
CA VAL B 50 1.60 -26.00 41.62
C VAL B 50 1.94 -25.07 40.46
N THR B 51 1.31 -25.32 39.31
CA THR B 51 1.59 -24.54 38.12
C THR B 51 0.39 -23.69 37.73
N ALA B 52 0.65 -22.47 37.27
CA ALA B 52 -0.40 -21.56 36.86
C ALA B 52 0.17 -20.42 36.02
N ALA B 53 -0.71 -19.68 35.36
CA ALA B 53 -0.32 -18.44 34.70
C ALA B 53 -0.72 -17.27 35.59
N SER B 54 0.00 -16.16 35.48
CA SER B 54 -0.23 -15.01 36.36
C SER B 54 -1.62 -14.41 36.20
N LEU B 55 -1.95 -13.48 37.08
CA LEU B 55 -3.27 -12.84 37.06
C LEU B 55 -3.52 -12.11 35.76
N PHE B 56 -4.72 -12.31 35.20
CA PHE B 56 -5.12 -11.71 33.92
C PHE B 56 -4.18 -12.10 32.78
N ASP B 57 -3.56 -13.27 32.91
CA ASP B 57 -2.66 -13.76 31.87
C ASP B 57 -3.29 -14.97 31.17
N GLY B 58 -3.46 -14.85 29.86
CA GLY B 58 -4.08 -15.92 29.09
C GLY B 58 -3.05 -16.86 28.48
N HIS B 59 -1.79 -16.44 28.48
CA HIS B 59 -0.72 -17.23 27.88
C HIS B 59 -0.38 -18.45 28.74
N ASP B 60 -0.76 -19.63 28.24
CA ASP B 60 -0.48 -20.87 28.95
C ASP B 60 0.34 -21.84 28.11
N ALA B 61 0.64 -21.44 26.87
CA ALA B 61 1.43 -22.26 25.96
C ALA B 61 2.77 -22.63 26.57
N SER B 62 3.34 -21.68 27.30
CA SER B 62 4.62 -21.89 27.97
C SER B 62 4.46 -22.84 29.16
N ILE B 63 3.56 -22.49 30.06
CA ILE B 63 3.41 -23.25 31.31
C ILE B 63 2.85 -24.66 31.07
N ASN B 64 2.14 -24.86 29.97
CA ASN B 64 1.55 -26.16 29.69
C ASN B 64 2.59 -27.19 29.27
N ILE B 65 3.64 -26.75 28.58
CA ILE B 65 4.67 -27.68 28.14
C ILE B 65 5.69 -27.91 29.25
N MET B 66 5.56 -27.14 30.32
CA MET B 66 6.44 -27.31 31.49
C MET B 66 5.85 -28.32 32.46
N ARG B 67 4.53 -28.28 32.63
CA ARG B 67 3.85 -29.23 33.50
C ARG B 67 3.83 -30.61 32.87
N ARG B 68 4.11 -30.66 31.56
CA ARG B 68 4.19 -31.92 30.86
C ARG B 68 5.55 -32.57 31.13
N ILE B 69 6.62 -31.79 31.05
CA ILE B 69 7.94 -32.32 31.34
C ILE B 69 8.04 -32.64 32.84
N LEU B 70 7.43 -31.82 33.67
CA LEU B 70 7.37 -32.08 35.10
C LEU B 70 6.73 -33.43 35.39
N GLN B 71 5.59 -33.66 34.76
CA GLN B 71 4.84 -34.90 34.94
C GLN B 71 5.60 -36.12 34.44
N SER B 72 6.30 -35.96 33.32
CA SER B 72 7.02 -37.07 32.71
C SER B 72 8.25 -37.44 33.51
N GLN B 73 8.80 -36.47 34.23
CA GLN B 73 9.99 -36.72 35.05
C GLN B 73 9.61 -37.31 36.41
N GLY B 74 8.32 -37.36 36.69
CA GLY B 74 7.84 -38.02 37.90
C GLY B 74 7.36 -37.10 38.98
N CYS B 75 6.76 -35.97 38.60
CA CYS B 75 6.23 -35.02 39.56
C CYS B 75 4.71 -34.96 39.51
N GLU B 76 4.09 -34.93 40.68
CA GLU B 76 2.65 -34.69 40.76
C GLU B 76 2.39 -33.20 40.58
N VAL B 77 1.67 -32.84 39.53
CA VAL B 77 1.45 -31.44 39.21
C VAL B 77 0.00 -31.02 39.41
N ILE B 78 -0.23 -30.16 40.38
CA ILE B 78 -1.55 -29.56 40.57
C ILE B 78 -1.65 -28.33 39.68
N HIS B 79 -2.12 -28.53 38.46
CA HIS B 79 -2.21 -27.45 37.48
C HIS B 79 -3.45 -26.59 37.72
N LEU B 80 -3.25 -25.29 37.85
CA LEU B 80 -4.35 -24.37 38.14
C LEU B 80 -4.86 -23.66 36.89
N GLY B 81 -4.12 -23.79 35.80
CA GLY B 81 -4.50 -23.16 34.55
C GLY B 81 -4.09 -21.70 34.48
N HIS B 82 -4.71 -20.96 33.56
CA HIS B 82 -4.38 -19.56 33.35
C HIS B 82 -5.14 -18.64 34.30
N ASN B 83 -4.77 -17.36 34.30
CA ASN B 83 -5.43 -16.33 35.09
C ASN B 83 -5.58 -16.70 36.56
N ARG B 84 -4.49 -16.66 37.30
CA ARG B 84 -4.52 -16.96 38.73
C ARG B 84 -3.84 -15.87 39.53
N SER B 85 -4.57 -15.31 40.48
CA SER B 85 -4.01 -14.30 41.37
C SER B 85 -2.99 -14.93 42.31
N VAL B 86 -2.21 -14.09 42.99
CA VAL B 86 -1.26 -14.60 43.97
C VAL B 86 -2.00 -15.28 45.12
N GLN B 87 -3.08 -14.64 45.57
CA GLN B 87 -3.90 -15.20 46.65
C GLN B 87 -4.45 -16.59 46.31
N GLU B 88 -4.60 -16.86 45.01
CA GLU B 88 -5.07 -18.16 44.55
C GLU B 88 -3.95 -19.20 44.56
N VAL B 89 -2.85 -18.86 43.90
CA VAL B 89 -1.72 -19.78 43.77
C VAL B 89 -1.14 -20.16 45.12
N VAL B 90 -0.97 -19.17 45.99
CA VAL B 90 -0.40 -19.41 47.32
C VAL B 90 -1.30 -20.31 48.16
N THR B 91 -2.60 -20.02 48.16
CA THR B 91 -3.57 -20.83 48.90
C THR B 91 -3.53 -22.27 48.43
N ALA B 92 -3.47 -22.45 47.11
CA ALA B 92 -3.39 -23.78 46.51
C ALA B 92 -2.13 -24.50 46.98
N ALA B 93 -0.97 -23.87 46.79
CA ALA B 93 0.31 -24.46 47.14
C ALA B 93 0.39 -24.83 48.61
N LEU B 94 -0.27 -24.05 49.45
CA LEU B 94 -0.24 -24.28 50.89
C LEU B 94 -1.10 -25.46 51.31
N GLN B 95 -2.24 -25.63 50.65
CA GLN B 95 -3.15 -26.72 50.98
C GLN B 95 -2.63 -28.03 50.39
N GLU B 96 -2.02 -27.95 49.21
CA GLU B 96 -1.45 -29.13 48.57
C GLU B 96 -0.14 -29.53 49.22
N ASP B 97 0.45 -28.59 49.97
CA ASP B 97 1.77 -28.76 50.57
C ASP B 97 2.80 -29.22 49.54
N VAL B 98 3.10 -28.34 48.59
CA VAL B 98 4.04 -28.66 47.52
C VAL B 98 5.43 -28.13 47.84
N GLN B 99 6.41 -28.58 47.06
CA GLN B 99 7.78 -28.12 47.21
C GLN B 99 8.08 -26.95 46.28
N GLY B 100 7.33 -26.87 45.18
CA GLY B 100 7.61 -25.88 44.16
C GLY B 100 6.39 -25.23 43.51
N ILE B 101 6.58 -23.98 43.07
CA ILE B 101 5.56 -23.25 42.36
C ILE B 101 6.11 -22.73 41.04
N ALA B 102 5.43 -23.05 39.95
CA ALA B 102 5.86 -22.59 38.63
C ALA B 102 4.82 -21.63 38.04
N ILE B 103 5.26 -20.40 37.77
CA ILE B 103 4.35 -19.36 37.28
C ILE B 103 4.84 -18.78 35.96
N SER B 104 3.93 -18.61 35.01
CA SER B 104 4.24 -17.92 33.76
C SER B 104 3.60 -16.53 33.77
N SER B 105 4.40 -15.50 33.55
CA SER B 105 3.88 -14.13 33.51
C SER B 105 4.32 -13.39 32.26
N TYR B 106 3.43 -13.30 31.28
CA TYR B 106 3.74 -12.64 30.01
C TYR B 106 3.06 -11.30 29.84
N GLN B 107 2.24 -10.92 30.82
CA GLN B 107 1.51 -9.66 30.74
C GLN B 107 2.30 -8.51 31.34
N GLY B 108 3.42 -8.83 31.97
CA GLY B 108 4.17 -7.84 32.71
C GLY B 108 3.59 -7.71 34.10
N GLY B 109 4.09 -6.73 34.86
CA GLY B 109 3.69 -6.59 36.25
C GLY B 109 4.17 -7.78 37.05
N HIS B 110 5.19 -8.45 36.51
CA HIS B 110 5.70 -9.69 37.08
C HIS B 110 6.56 -9.44 38.31
N VAL B 111 7.22 -8.29 38.35
CA VAL B 111 8.05 -7.93 39.50
C VAL B 111 7.18 -7.80 40.74
N GLU B 112 6.09 -7.04 40.63
CA GLU B 112 5.16 -6.88 41.73
C GLU B 112 4.47 -8.19 42.06
N TYR B 113 4.15 -8.97 41.03
CA TYR B 113 3.44 -10.23 41.20
C TYR B 113 4.25 -11.23 42.02
N PHE B 114 5.49 -11.47 41.60
CA PHE B 114 6.34 -12.45 42.28
C PHE B 114 6.75 -11.98 43.68
N LYS B 115 7.02 -10.68 43.83
CA LYS B 115 7.33 -10.12 45.13
C LYS B 115 6.17 -10.36 46.11
N TYR B 116 4.96 -10.14 45.63
CA TYR B 116 3.75 -10.39 46.41
C TYR B 116 3.71 -11.86 46.84
N MET B 117 3.97 -12.74 45.89
CA MET B 117 3.91 -14.18 46.14
C MET B 117 4.95 -14.62 47.15
N ILE B 118 6.18 -14.11 47.00
CA ILE B 118 7.25 -14.42 47.94
C ILE B 118 6.88 -13.96 49.34
N ASP B 119 6.40 -12.72 49.44
CA ASP B 119 5.98 -12.14 50.71
C ASP B 119 4.86 -12.95 51.36
N LEU B 120 3.87 -13.31 50.56
CA LEU B 120 2.68 -13.97 51.06
C LEU B 120 2.99 -15.39 51.53
N LEU B 121 3.95 -16.03 50.86
CA LEU B 121 4.35 -17.40 51.23
C LEU B 121 5.04 -17.43 52.58
N ARG B 122 5.98 -16.51 52.79
CA ARG B 122 6.71 -16.42 54.05
C ARG B 122 5.77 -16.07 55.20
N GLU B 123 4.81 -15.20 54.91
CA GLU B 123 3.89 -14.72 55.93
C GLU B 123 2.97 -15.82 56.44
N HIS B 124 2.66 -16.79 55.59
CA HIS B 124 1.71 -17.84 55.94
C HIS B 124 2.32 -19.25 55.90
N GLY B 125 3.55 -19.37 56.39
CA GLY B 125 4.19 -20.67 56.55
C GLY B 125 4.44 -21.43 55.27
N GLY B 126 5.18 -20.82 54.36
CA GLY B 126 5.51 -21.45 53.10
C GLY B 126 6.85 -20.95 52.58
N GLU B 127 7.72 -20.55 53.49
CA GLU B 127 9.03 -20.01 53.14
C GLU B 127 9.89 -21.08 52.46
N HIS B 128 9.68 -22.33 52.83
CA HIS B 128 10.47 -23.43 52.27
C HIS B 128 10.00 -23.83 50.87
N ILE B 129 8.87 -23.28 50.45
CA ILE B 129 8.37 -23.51 49.09
C ILE B 129 9.14 -22.66 48.08
N GLN B 130 9.70 -23.31 47.07
CA GLN B 130 10.48 -22.60 46.06
C GLN B 130 9.61 -22.13 44.91
N VAL B 131 9.84 -20.90 44.45
CA VAL B 131 9.05 -20.31 43.37
C VAL B 131 9.87 -20.18 42.10
N PHE B 132 9.32 -20.68 40.99
CA PHE B 132 9.97 -20.58 39.69
C PHE B 132 9.13 -19.79 38.71
N GLY B 133 9.78 -19.02 37.85
CA GLY B 133 9.05 -18.18 36.91
C GLY B 133 9.61 -18.20 35.51
N GLY B 134 8.86 -17.60 34.59
CA GLY B 134 9.28 -17.47 33.21
C GLY B 134 8.29 -16.62 32.44
N GLY B 135 8.80 -15.77 31.57
CA GLY B 135 7.94 -14.89 30.79
C GLY B 135 8.57 -14.54 29.46
N GLY B 136 9.53 -15.34 29.02
CA GLY B 136 10.23 -15.08 27.79
C GLY B 136 11.02 -13.79 27.87
N GLY B 137 10.86 -12.94 26.86
CA GLY B 137 11.61 -11.69 26.80
C GLY B 137 11.02 -10.57 27.63
N VAL B 138 9.81 -10.79 28.14
CA VAL B 138 9.11 -9.79 28.94
C VAL B 138 9.89 -9.47 30.21
N ILE B 139 10.36 -10.52 30.89
CA ILE B 139 11.16 -10.34 32.10
C ILE B 139 12.63 -10.14 31.76
N VAL B 140 13.04 -8.87 31.66
CA VAL B 140 14.41 -8.52 31.33
C VAL B 140 15.39 -9.01 32.39
N PRO B 141 16.67 -9.22 32.00
CA PRO B 141 17.72 -9.69 32.90
C PRO B 141 17.80 -8.97 34.25
N ASP B 142 17.68 -7.66 34.25
CA ASP B 142 17.75 -6.87 35.48
C ASP B 142 16.67 -7.27 36.47
N GLU B 143 15.47 -7.52 35.96
CA GLU B 143 14.34 -7.90 36.80
C GLU B 143 14.48 -9.33 37.29
N ILE B 144 15.20 -10.15 36.54
CA ILE B 144 15.46 -11.52 36.95
C ILE B 144 16.40 -11.55 38.14
N ARG B 145 17.48 -10.78 38.06
CA ARG B 145 18.43 -10.69 39.15
C ARG B 145 17.77 -10.09 40.39
N GLU B 146 16.87 -9.15 40.18
CA GLU B 146 16.14 -8.54 41.28
C GLU B 146 15.21 -9.54 41.96
N LEU B 147 14.41 -10.23 41.16
CA LEU B 147 13.43 -11.18 41.68
C LEU B 147 14.10 -12.39 42.32
N GLN B 148 15.20 -12.84 41.73
CA GLN B 148 15.93 -13.98 42.31
C GLN B 148 16.61 -13.57 43.60
N ALA B 149 16.97 -12.29 43.71
CA ALA B 149 17.55 -11.76 44.93
C ALA B 149 16.49 -11.59 46.01
N TYR B 150 15.25 -11.39 45.57
CA TYR B 150 14.14 -11.15 46.48
C TYR B 150 13.75 -12.44 47.21
N GLY B 151 13.78 -13.56 46.49
CA GLY B 151 13.41 -14.84 47.06
C GLY B 151 13.07 -15.90 46.03
N VAL B 152 12.75 -15.48 44.81
CA VAL B 152 12.43 -16.39 43.73
C VAL B 152 13.60 -17.32 43.45
N ALA B 153 13.32 -18.61 43.34
CA ALA B 153 14.36 -19.62 43.09
C ALA B 153 15.08 -19.34 41.76
N ARG B 154 14.35 -19.48 40.67
CA ARG B 154 14.91 -19.21 39.34
C ARG B 154 13.85 -18.64 38.40
N ILE B 155 14.26 -17.68 37.58
CA ILE B 155 13.43 -17.21 36.48
C ILE B 155 14.18 -17.41 35.19
N TYR B 156 13.60 -18.21 34.30
CA TYR B 156 14.28 -18.66 33.09
C TYR B 156 14.03 -17.74 31.89
N SER B 157 15.12 -17.25 31.31
CA SER B 157 15.05 -16.44 30.11
C SER B 157 15.06 -17.34 28.89
N PRO B 158 14.68 -16.80 27.71
CA PRO B 158 14.76 -17.59 26.48
C PRO B 158 16.18 -18.09 26.21
N GLU B 159 17.18 -17.34 26.68
CA GLU B 159 18.57 -17.75 26.53
C GLU B 159 18.89 -18.93 27.45
N ASP B 160 18.25 -18.96 28.62
CA ASP B 160 18.39 -20.08 29.54
C ASP B 160 17.82 -21.34 28.91
N GLY B 161 16.69 -21.17 28.22
CA GLY B 161 16.02 -22.28 27.56
C GLY B 161 16.86 -22.89 26.46
N GLN B 162 17.60 -22.03 25.74
CA GLN B 162 18.47 -22.50 24.68
C GLN B 162 19.65 -23.29 25.23
N ARG B 163 20.27 -22.74 26.27
CA ARG B 163 21.45 -23.37 26.85
C ARG B 163 21.10 -24.67 27.59
N MET B 164 20.08 -24.62 28.43
CA MET B 164 19.72 -25.76 29.27
C MET B 164 18.85 -26.77 28.54
N GLY B 165 18.03 -26.29 27.61
CA GLY B 165 17.08 -27.16 26.94
C GLY B 165 15.79 -27.20 27.74
N LEU B 166 14.70 -27.63 27.11
CA LEU B 166 13.42 -27.68 27.79
C LEU B 166 13.44 -28.69 28.95
N ALA B 167 14.03 -29.85 28.72
CA ALA B 167 14.15 -30.85 29.77
C ALA B 167 15.15 -30.42 30.83
N GLY B 168 16.16 -29.67 30.39
CA GLY B 168 17.21 -29.19 31.29
C GLY B 168 16.68 -28.26 32.37
N MET B 169 15.83 -27.32 31.98
CA MET B 169 15.21 -26.41 32.93
C MET B 169 14.42 -27.17 33.98
N ILE B 170 13.57 -28.07 33.52
CA ILE B 170 12.68 -28.82 34.40
C ILE B 170 13.46 -29.78 35.29
N THR B 171 14.55 -30.32 34.77
CA THR B 171 15.44 -31.16 35.58
C THR B 171 16.02 -30.34 36.71
N ASP B 172 16.54 -29.15 36.37
CA ASP B 172 17.07 -28.23 37.36
C ASP B 172 16.01 -27.83 38.37
N MET B 173 14.81 -27.56 37.86
CA MET B 173 13.69 -27.13 38.68
C MET B 173 13.23 -28.23 39.63
N ALA B 174 13.25 -29.47 39.15
CA ALA B 174 12.77 -30.59 39.92
C ALA B 174 13.78 -31.00 41.00
N GLN B 175 15.06 -31.01 40.63
CA GLN B 175 16.11 -31.42 41.56
C GLN B 175 16.23 -30.46 42.73
N ARG B 176 15.87 -29.21 42.53
CA ARG B 176 15.86 -28.22 43.60
C ARG B 176 14.76 -28.55 44.61
N CYS B 177 13.59 -28.95 44.10
CA CYS B 177 12.44 -29.22 44.95
C CYS B 177 12.41 -30.65 45.48
N ASP B 178 13.46 -31.41 45.19
CA ASP B 178 13.52 -32.79 45.63
C ASP B 178 13.86 -32.88 47.11
N ILE B 179 12.93 -32.44 47.95
CA ILE B 179 13.13 -32.44 49.40
C ILE B 179 12.00 -33.15 50.12
N ASP B 180 12.27 -33.62 51.34
CA ASP B 180 11.27 -34.33 52.13
C ASP B 180 10.52 -33.38 53.05
N LEU B 181 9.24 -33.18 52.77
CA LEU B 181 8.44 -32.22 53.52
C LEU B 181 7.83 -32.80 54.80
N THR B 182 8.17 -34.04 55.12
CA THR B 182 7.59 -34.72 56.27
C THR B 182 8.19 -34.21 57.58
N ARG B 183 9.28 -33.45 57.47
CA ARG B 183 9.92 -32.87 58.65
C ARG B 183 9.10 -31.71 59.20
N TYR B 184 8.33 -31.07 58.32
CA TYR B 184 7.51 -29.93 58.71
C TYR B 184 6.17 -30.38 59.25
N ALA B 185 5.93 -31.69 59.23
CA ALA B 185 4.68 -32.26 59.70
C ALA B 185 4.54 -32.17 61.21
N PRO B 186 3.33 -31.90 61.70
CA PRO B 186 3.06 -31.84 63.14
C PRO B 186 3.22 -33.20 63.80
N THR B 187 3.64 -33.21 65.06
CA THR B 187 3.83 -34.45 65.80
C THR B 187 2.64 -34.74 66.70
N THR B 188 1.86 -33.70 67.01
CA THR B 188 0.64 -33.85 67.79
C THR B 188 -0.54 -33.25 67.04
N LEU B 189 -1.75 -33.69 67.39
CA LEU B 189 -2.95 -33.24 66.70
C LEU B 189 -3.44 -31.89 67.21
N ASP B 190 -2.73 -31.35 68.20
CA ASP B 190 -3.11 -30.09 68.83
C ASP B 190 -3.32 -28.96 67.83
N THR B 191 -2.39 -28.82 66.91
CA THR B 191 -2.47 -27.78 65.89
C THR B 191 -3.65 -28.01 64.95
N VAL B 192 -3.76 -29.23 64.44
CA VAL B 192 -4.76 -29.56 63.42
C VAL B 192 -6.19 -29.41 63.93
N VAL B 193 -6.46 -29.95 65.12
CA VAL B 193 -7.79 -29.91 65.70
C VAL B 193 -8.22 -28.48 66.02
N ALA B 194 -7.24 -27.65 66.38
CA ALA B 194 -7.49 -26.24 66.71
C ALA B 194 -8.09 -25.49 65.52
N GLY B 195 -7.80 -25.95 64.32
CA GLY B 195 -8.34 -25.35 63.12
C GLY B 195 -7.26 -24.92 62.14
N ASP B 196 -6.00 -25.21 62.49
CA ASP B 196 -4.88 -24.89 61.62
C ASP B 196 -5.00 -25.68 60.32
N ARG B 197 -5.17 -24.96 59.22
CA ARG B 197 -5.35 -25.58 57.92
C ARG B 197 -4.01 -25.89 57.26
N ARG B 198 -2.97 -25.16 57.67
CA ARG B 198 -1.63 -25.40 57.15
C ARG B 198 -1.02 -26.64 57.81
N ALA B 199 -1.31 -26.82 59.09
CA ALA B 199 -0.85 -28.00 59.82
C ALA B 199 -1.57 -29.24 59.29
N LEU B 200 -2.84 -29.07 58.94
CA LEU B 200 -3.64 -30.15 58.36
C LEU B 200 -3.04 -30.59 57.03
N ALA B 201 -2.69 -29.63 56.20
CA ALA B 201 -2.12 -29.91 54.89
C ALA B 201 -0.79 -30.65 55.00
N GLN B 202 -0.03 -30.33 56.04
CA GLN B 202 1.26 -30.96 56.26
C GLN B 202 1.12 -32.33 56.92
N LEU B 203 0.13 -32.47 57.80
CA LEU B 203 -0.16 -33.75 58.43
C LEU B 203 -0.58 -34.78 57.39
N ILE B 204 -1.28 -34.30 56.37
CA ILE B 204 -1.72 -35.15 55.27
C ILE B 204 -0.52 -35.65 54.46
N THR B 205 0.45 -34.77 54.23
CA THR B 205 1.66 -35.14 53.50
C THR B 205 2.47 -36.17 54.28
N ALA B 206 2.32 -36.15 55.60
CA ALA B 206 2.96 -37.13 56.46
C ALA B 206 2.21 -38.46 56.42
N LEU B 207 0.89 -38.39 56.43
CA LEU B 207 0.06 -39.59 56.40
C LEU B 207 0.13 -40.28 55.04
N GLU B 208 0.17 -39.49 53.97
CA GLU B 208 0.20 -40.02 52.61
C GLU B 208 1.49 -40.78 52.34
N ASN B 209 2.60 -40.25 52.87
CA ASN B 209 3.91 -40.86 52.66
C ASN B 209 4.21 -41.94 53.69
N GLY B 210 3.30 -42.11 54.64
CA GLY B 210 3.42 -43.15 55.65
C GLY B 210 4.55 -42.89 56.65
N LYS B 211 4.94 -41.63 56.78
CA LYS B 211 5.99 -41.26 57.74
C LYS B 211 5.38 -40.74 59.02
N ALA B 212 4.08 -40.93 59.20
CA ALA B 212 3.40 -40.52 60.42
C ALA B 212 3.50 -41.63 61.47
N ASP B 213 3.67 -41.23 62.73
CA ASP B 213 3.82 -42.20 63.82
C ASP B 213 2.55 -43.02 64.01
N PRO B 214 2.70 -44.35 64.19
CA PRO B 214 1.59 -45.29 64.39
C PRO B 214 0.68 -44.93 65.57
N GLU B 215 1.26 -44.44 66.66
CA GLU B 215 0.48 -44.04 67.83
C GLU B 215 -0.31 -42.76 67.53
N LEU B 216 0.21 -41.95 66.62
CA LEU B 216 -0.46 -40.73 66.19
C LEU B 216 -1.62 -41.05 65.25
N VAL B 217 -1.41 -42.04 64.39
CA VAL B 217 -2.42 -42.46 63.42
C VAL B 217 -3.68 -42.99 64.10
N SER B 218 -3.48 -43.92 65.04
CA SER B 218 -4.60 -44.49 65.78
C SER B 218 -5.29 -43.44 66.64
N ALA B 219 -4.52 -42.49 67.14
CA ALA B 219 -5.06 -41.40 67.94
C ALA B 219 -5.91 -40.48 67.07
N LEU B 220 -5.54 -40.38 65.79
CA LEU B 220 -6.26 -39.56 64.83
C LEU B 220 -7.61 -40.18 64.48
N HIS B 221 -7.61 -41.48 64.22
CA HIS B 221 -8.83 -42.22 63.91
C HIS B 221 -9.76 -42.27 65.11
N ALA B 222 -9.17 -42.29 66.30
CA ALA B 222 -9.94 -42.32 67.54
C ALA B 222 -10.75 -41.04 67.71
N GLN B 223 -10.14 -39.91 67.40
CA GLN B 223 -10.81 -38.62 67.50
C GLN B 223 -11.70 -38.38 66.29
N ALA B 224 -11.35 -39.01 65.17
CA ALA B 224 -12.15 -38.90 63.96
C ALA B 224 -13.49 -39.61 64.11
N LYS B 225 -13.48 -40.70 64.90
CA LYS B 225 -14.69 -41.45 65.18
C LYS B 225 -15.63 -40.62 66.05
N ALA B 226 -15.06 -39.94 67.04
CA ALA B 226 -15.84 -39.11 67.96
C ALA B 226 -16.26 -37.80 67.28
N ALA B 227 -15.62 -37.48 66.17
CA ALA B 227 -15.91 -36.25 65.44
C ALA B 227 -17.29 -36.30 64.82
N ALA B 228 -17.67 -37.48 64.35
CA ALA B 228 -18.98 -37.73 63.76
C ALA B 228 -19.33 -36.76 62.63
N VAL B 229 -18.58 -36.85 61.52
CA VAL B 229 -18.86 -36.01 60.36
C VAL B 229 -19.10 -36.87 59.13
N PRO B 230 -20.08 -36.48 58.30
CA PRO B 230 -20.45 -37.23 57.10
C PRO B 230 -19.37 -37.16 56.02
N VAL B 231 -19.16 -38.28 55.32
CA VAL B 231 -18.19 -38.32 54.23
C VAL B 231 -18.85 -38.71 52.91
N LEU B 232 -18.99 -37.74 52.01
CA LEU B 232 -19.60 -38.01 50.71
C LEU B 232 -18.54 -38.44 49.69
N GLY B 233 -18.72 -39.62 49.12
CA GLY B 233 -17.84 -40.12 48.10
C GLY B 233 -18.41 -39.89 46.71
N ILE B 234 -17.62 -39.27 45.84
CA ILE B 234 -18.03 -39.04 44.47
C ILE B 234 -17.12 -39.80 43.51
N THR B 235 -17.68 -40.80 42.85
CA THR B 235 -16.91 -41.63 41.94
C THR B 235 -17.63 -41.74 40.60
N GLY B 236 -16.97 -42.32 39.61
CA GLY B 236 -17.58 -42.49 38.30
C GLY B 236 -16.59 -42.60 37.17
N THR B 237 -17.10 -42.83 35.96
CA THR B 237 -16.26 -43.01 34.79
C THR B 237 -15.39 -41.78 34.51
N GLY B 238 -14.33 -41.97 33.73
CA GLY B 238 -13.40 -40.90 33.44
C GLY B 238 -13.99 -39.77 32.63
N GLY B 239 -13.77 -38.54 33.07
CA GLY B 239 -14.22 -37.36 32.35
C GLY B 239 -15.73 -37.17 32.35
N ALA B 240 -16.42 -37.91 33.19
CA ALA B 240 -17.88 -37.83 33.25
C ALA B 240 -18.34 -36.48 33.77
N GLY B 241 -17.53 -35.88 34.64
CA GLY B 241 -17.84 -34.58 35.19
C GLY B 241 -17.85 -34.57 36.71
N LYS B 242 -17.09 -35.48 37.30
CA LYS B 242 -17.03 -35.64 38.74
C LYS B 242 -16.55 -34.36 39.44
N SER B 243 -15.49 -33.76 38.92
CA SER B 243 -14.95 -32.53 39.50
C SER B 243 -15.91 -31.37 39.32
N SER B 244 -16.45 -31.22 38.10
CA SER B 244 -17.37 -30.14 37.78
C SER B 244 -18.64 -30.22 38.62
N LEU B 245 -19.16 -31.43 38.77
CA LEU B 245 -20.37 -31.65 39.57
C LEU B 245 -20.09 -31.41 41.05
N THR B 246 -18.88 -31.77 41.48
CA THR B 246 -18.45 -31.55 42.85
C THR B 246 -18.45 -30.06 43.17
N ASP B 247 -17.82 -29.28 42.30
CA ASP B 247 -17.73 -27.84 42.46
C ASP B 247 -19.13 -27.22 42.52
N GLU B 248 -20.00 -27.62 41.59
CA GLU B 248 -21.37 -27.11 41.56
C GLU B 248 -22.13 -27.44 42.83
N LEU B 249 -21.97 -28.68 43.31
CA LEU B 249 -22.63 -29.09 44.55
C LEU B 249 -22.16 -28.25 45.74
N ILE B 250 -20.87 -27.93 45.77
CA ILE B 250 -20.31 -27.09 46.82
C ILE B 250 -20.87 -25.68 46.73
N ARG B 251 -21.03 -25.20 45.49
CA ARG B 251 -21.60 -23.87 45.27
C ARG B 251 -23.05 -23.82 45.73
N ARG B 252 -23.76 -24.94 45.57
CA ARG B 252 -25.11 -25.05 46.10
C ARG B 252 -25.09 -25.00 47.62
N PHE B 253 -24.12 -25.68 48.23
CA PHE B 253 -23.98 -25.69 49.68
C PHE B 253 -23.73 -24.28 50.23
N ARG B 254 -22.95 -23.50 49.49
CA ARG B 254 -22.61 -22.15 49.95
C ARG B 254 -23.81 -21.22 49.85
N LEU B 255 -24.48 -21.23 48.71
CA LEU B 255 -25.65 -20.37 48.51
C LEU B 255 -26.80 -20.72 49.46
N ASP B 256 -26.95 -22.02 49.71
CA ASP B 256 -28.06 -22.51 50.53
C ASP B 256 -27.86 -22.22 52.01
N GLN B 257 -26.62 -22.31 52.46
CA GLN B 257 -26.31 -22.21 53.88
C GLN B 257 -25.60 -20.91 54.25
N ASP B 258 -25.49 -20.00 53.28
CA ASP B 258 -24.83 -18.72 53.47
C ASP B 258 -23.39 -18.90 53.95
N ASP B 259 -22.67 -19.81 53.31
CA ASP B 259 -21.26 -20.09 53.59
C ASP B 259 -21.01 -20.40 55.07
N ALA B 260 -21.91 -21.15 55.69
CA ALA B 260 -21.77 -21.49 57.09
C ALA B 260 -21.12 -22.85 57.29
N LEU B 261 -21.04 -23.62 56.20
CA LEU B 261 -20.49 -24.98 56.28
C LEU B 261 -19.00 -25.04 56.00
N SER B 262 -18.30 -25.84 56.80
CA SER B 262 -16.88 -26.08 56.59
C SER B 262 -16.67 -27.38 55.83
N ILE B 263 -16.39 -27.26 54.53
CA ILE B 263 -16.29 -28.42 53.66
C ILE B 263 -14.85 -28.76 53.29
N ALA B 264 -14.51 -30.04 53.43
CA ALA B 264 -13.19 -30.53 53.04
C ALA B 264 -13.28 -31.37 51.78
N VAL B 265 -12.44 -31.05 50.78
CA VAL B 265 -12.49 -31.75 49.51
C VAL B 265 -11.20 -32.52 49.21
N ILE B 266 -11.33 -33.83 49.06
CA ILE B 266 -10.18 -34.66 48.73
C ILE B 266 -10.35 -35.27 47.34
N SER B 267 -9.72 -34.66 46.35
CA SER B 267 -9.84 -35.13 44.98
C SER B 267 -8.64 -35.99 44.58
N ILE B 268 -8.92 -37.14 43.98
CA ILE B 268 -7.89 -38.09 43.59
C ILE B 268 -7.84 -38.25 42.08
N ASP B 269 -6.64 -38.15 41.51
CA ASP B 269 -6.44 -38.34 40.09
C ASP B 269 -5.37 -39.40 39.86
N PRO B 270 -5.49 -40.14 38.74
CA PRO B 270 -4.59 -41.28 38.55
C PRO B 270 -3.16 -40.84 38.27
N SER B 271 -2.21 -41.64 38.75
CA SER B 271 -0.83 -41.42 38.41
C SER B 271 -0.43 -42.42 37.33
N ARG B 272 0.24 -41.93 36.29
CA ARG B 272 0.69 -42.80 35.22
C ARG B 272 1.89 -43.62 35.69
N ARG B 273 1.80 -44.92 35.50
CA ARG B 273 2.83 -45.83 36.01
C ARG B 273 4.16 -45.65 35.31
N LYS B 274 4.13 -45.33 34.01
CA LYS B 274 5.35 -45.13 33.25
C LYS B 274 6.07 -43.87 33.70
N SER B 275 5.37 -42.75 33.69
CA SER B 275 5.92 -41.46 34.11
C SER B 275 6.39 -41.53 35.56
N GLY B 276 5.55 -42.10 36.42
CA GLY B 276 5.82 -42.11 37.85
C GLY B 276 5.13 -40.93 38.50
N GLY B 277 4.78 -39.94 37.67
CA GLY B 277 4.14 -38.73 38.15
C GLY B 277 2.64 -38.74 37.90
N ALA B 278 2.02 -37.58 38.01
CA ALA B 278 0.57 -37.46 37.85
C ALA B 278 0.17 -36.04 37.49
N LEU B 279 -0.96 -35.91 36.83
CA LEU B 279 -1.55 -34.59 36.59
C LEU B 279 -2.76 -34.42 37.48
N LEU B 280 -2.56 -33.93 38.69
CA LEU B 280 -3.69 -33.72 39.58
C LEU B 280 -4.57 -32.59 39.03
N GLY B 281 -5.41 -32.94 38.06
CA GLY B 281 -6.22 -31.97 37.36
C GLY B 281 -7.67 -31.98 37.78
N ASP B 282 -7.91 -31.76 39.07
CA ASP B 282 -9.26 -31.64 39.60
C ASP B 282 -9.50 -30.23 40.11
N ARG B 283 -8.48 -29.67 40.74
CA ARG B 283 -8.58 -28.36 41.36
C ARG B 283 -8.84 -27.26 40.34
N ILE B 284 -8.34 -27.47 39.12
CA ILE B 284 -8.48 -26.48 38.05
C ILE B 284 -9.95 -26.25 37.69
N ARG B 285 -10.78 -27.27 37.93
CA ARG B 285 -12.19 -27.20 37.59
C ARG B 285 -13.01 -26.58 38.71
N MET B 286 -12.37 -26.41 39.88
CA MET B 286 -13.06 -25.90 41.06
C MET B 286 -13.06 -24.37 41.12
N ASN B 287 -14.26 -23.78 41.08
CA ASN B 287 -14.38 -22.32 41.14
C ASN B 287 -15.04 -21.85 42.42
N ALA B 288 -15.69 -22.78 43.14
CA ALA B 288 -16.45 -22.42 44.33
C ALA B 288 -15.70 -22.73 45.61
N ILE B 289 -14.45 -23.16 45.50
CA ILE B 289 -13.69 -23.55 46.67
C ILE B 289 -12.86 -22.40 47.22
N ASN B 290 -13.00 -21.22 46.60
CA ASN B 290 -12.24 -20.05 47.05
C ASN B 290 -12.93 -19.34 48.20
N HIS B 291 -12.72 -19.87 49.41
CA HIS B 291 -13.36 -19.37 50.62
C HIS B 291 -12.68 -20.02 51.83
N PRO B 292 -12.52 -19.25 52.92
CA PRO B 292 -11.86 -19.75 54.14
C PRO B 292 -12.48 -21.02 54.72
N ASN B 293 -13.78 -21.22 54.54
CA ASN B 293 -14.44 -22.41 55.07
C ASN B 293 -14.26 -23.64 54.18
N ILE B 294 -13.65 -23.46 53.02
CA ILE B 294 -13.41 -24.57 52.10
C ILE B 294 -11.93 -24.93 52.06
N PHE B 295 -11.65 -26.23 52.11
CA PHE B 295 -10.29 -26.74 52.06
C PHE B 295 -10.20 -27.87 51.04
N MET B 296 -9.16 -27.87 50.21
CA MET B 296 -9.02 -28.92 49.21
C MET B 296 -7.58 -29.41 49.08
N ARG B 297 -7.43 -30.73 49.01
CA ARG B 297 -6.15 -31.38 48.81
C ARG B 297 -6.21 -32.36 47.65
N SER B 298 -5.25 -32.26 46.72
CA SER B 298 -5.22 -33.15 45.56
C SER B 298 -4.25 -34.31 45.79
N LEU B 299 -4.76 -35.53 45.67
CA LEU B 299 -3.93 -36.72 45.90
C LEU B 299 -3.75 -37.53 44.62
N ALA B 300 -2.53 -38.03 44.41
CA ALA B 300 -2.27 -38.97 43.34
C ALA B 300 -2.51 -40.39 43.85
N THR B 301 -3.02 -41.25 42.98
CA THR B 301 -3.30 -42.64 43.36
C THR B 301 -2.04 -43.36 43.83
N ARG B 302 -0.95 -43.19 43.09
CA ARG B 302 0.31 -43.85 43.40
C ARG B 302 0.14 -45.36 43.50
N GLU B 303 -0.92 -45.88 42.87
CA GLU B 303 -1.19 -47.30 42.85
C GLU B 303 -1.65 -47.72 41.47
N ALA B 304 -1.25 -48.91 41.05
CA ALA B 304 -1.50 -49.39 39.69
C ALA B 304 -2.97 -49.36 39.29
N GLY B 305 -3.76 -50.24 39.89
CA GLY B 305 -5.14 -50.42 39.45
C GLY B 305 -6.18 -49.70 40.29
N SER B 306 -5.76 -49.08 41.38
CA SER B 306 -6.70 -48.44 42.30
C SER B 306 -7.17 -47.09 41.79
N GLU B 307 -8.41 -46.74 42.14
CA GLU B 307 -8.97 -45.46 41.75
C GLU B 307 -8.84 -44.44 42.89
N ILE B 308 -8.27 -44.87 44.01
CA ILE B 308 -8.08 -43.99 45.15
C ILE B 308 -6.66 -44.12 45.71
N SER B 309 -6.28 -43.19 46.58
CA SER B 309 -4.98 -43.25 47.24
C SER B 309 -5.00 -44.31 48.32
N GLN B 310 -3.88 -45.03 48.45
CA GLN B 310 -3.79 -46.10 49.43
C GLN B 310 -3.76 -45.55 50.86
N ALA B 311 -3.69 -44.24 50.98
CA ALA B 311 -3.66 -43.59 52.29
C ALA B 311 -4.90 -42.74 52.52
N LEU B 312 -5.95 -43.02 51.75
CA LEU B 312 -7.21 -42.28 51.85
C LEU B 312 -7.87 -42.32 53.25
N PRO B 313 -7.89 -43.48 53.92
CA PRO B 313 -8.56 -43.48 55.23
C PRO B 313 -7.90 -42.56 56.25
N ASP B 314 -6.58 -42.41 56.17
CA ASP B 314 -5.85 -41.52 57.07
C ASP B 314 -6.16 -40.06 56.76
N VAL B 315 -6.14 -39.71 55.48
CA VAL B 315 -6.41 -38.34 55.05
C VAL B 315 -7.82 -37.92 55.41
N ILE B 316 -8.78 -38.83 55.21
CA ILE B 316 -10.17 -38.58 55.55
C ILE B 316 -10.30 -38.32 57.05
N ALA B 317 -9.73 -39.22 57.84
CA ALA B 317 -9.77 -39.11 59.30
C ALA B 317 -9.14 -37.80 59.78
N ALA B 318 -8.11 -37.34 59.07
CA ALA B 318 -7.45 -36.09 59.41
C ALA B 318 -8.37 -34.90 59.23
N CYS B 319 -9.21 -34.97 58.20
CA CYS B 319 -10.19 -33.92 57.94
C CYS B 319 -11.35 -33.98 58.94
N LYS B 320 -11.72 -35.20 59.33
CA LYS B 320 -12.80 -35.39 60.28
C LYS B 320 -12.43 -34.79 61.63
N ALA B 321 -11.16 -34.94 62.00
CA ALA B 321 -10.67 -34.43 63.29
C ALA B 321 -10.48 -32.92 63.26
N ALA B 322 -10.41 -32.35 62.06
CA ALA B 322 -10.23 -30.91 61.91
C ALA B 322 -11.55 -30.16 62.01
N ARG B 323 -12.59 -30.88 62.47
CA ARG B 323 -13.91 -30.30 62.72
C ARG B 323 -14.57 -29.70 61.48
N PHE B 324 -14.41 -30.36 60.34
CA PHE B 324 -15.13 -29.97 59.14
C PHE B 324 -16.56 -30.48 59.21
N ASP B 325 -17.50 -29.74 58.63
CA ASP B 325 -18.90 -30.12 58.68
C ASP B 325 -19.22 -31.24 57.69
N LEU B 326 -18.38 -31.36 56.65
CA LEU B 326 -18.59 -32.35 55.60
C LEU B 326 -17.30 -32.62 54.84
N VAL B 327 -17.02 -33.89 54.59
CA VAL B 327 -15.86 -34.28 53.78
C VAL B 327 -16.30 -34.90 52.47
N ILE B 328 -15.85 -34.33 51.36
CA ILE B 328 -16.19 -34.85 50.03
C ILE B 328 -14.95 -35.42 49.35
N VAL B 329 -15.09 -36.63 48.81
CA VAL B 329 -13.98 -37.32 48.17
C VAL B 329 -14.27 -37.64 46.70
N GLU B 330 -13.41 -37.18 45.81
CA GLU B 330 -13.50 -37.53 44.39
C GLU B 330 -12.44 -38.54 44.02
N THR B 331 -12.84 -39.61 43.36
CA THR B 331 -11.89 -40.64 42.90
C THR B 331 -11.42 -40.33 41.49
N SER B 332 -10.69 -41.28 40.90
CA SER B 332 -10.25 -41.14 39.52
C SER B 332 -11.24 -41.83 38.58
N GLY B 333 -10.86 -42.00 37.32
CA GLY B 333 -11.71 -42.66 36.35
C GLY B 333 -12.03 -44.10 36.70
N ILE B 334 -13.32 -44.45 36.65
CA ILE B 334 -13.79 -45.77 37.04
C ILE B 334 -14.10 -46.65 35.83
N GLY B 335 -13.85 -47.95 35.96
CA GLY B 335 -14.30 -48.91 34.97
C GLY B 335 -15.70 -49.41 35.26
N GLN B 336 -15.89 -50.72 35.20
CA GLN B 336 -17.17 -51.33 35.55
C GLN B 336 -17.07 -52.02 36.90
N GLY B 337 -15.99 -52.77 37.09
CA GLY B 337 -15.80 -53.53 38.30
C GLY B 337 -15.24 -52.76 39.48
N ASP B 338 -14.90 -51.49 39.27
CA ASP B 338 -14.34 -50.66 40.33
C ASP B 338 -15.45 -50.07 41.22
N ALA B 339 -15.20 -50.09 42.52
CA ALA B 339 -16.10 -49.49 43.52
C ALA B 339 -15.39 -49.43 44.87
N ALA B 340 -14.16 -48.92 44.88
CA ALA B 340 -13.33 -48.94 46.08
C ALA B 340 -13.63 -47.77 47.01
N ILE B 341 -14.47 -46.85 46.56
CA ILE B 341 -14.79 -45.65 47.35
C ILE B 341 -15.87 -45.95 48.38
N VAL B 342 -16.62 -47.03 48.15
CA VAL B 342 -17.77 -47.37 48.98
C VAL B 342 -17.47 -47.64 50.47
N PRO B 343 -16.42 -48.42 50.79
CA PRO B 343 -16.25 -48.71 52.21
C PRO B 343 -15.67 -47.54 53.03
N HIS B 344 -15.15 -46.52 52.35
CA HIS B 344 -14.47 -45.43 53.04
C HIS B 344 -15.37 -44.22 53.30
N VAL B 345 -16.53 -44.19 52.66
CA VAL B 345 -17.42 -43.05 52.78
C VAL B 345 -18.76 -43.43 53.40
N ASP B 346 -19.52 -42.42 53.81
CA ASP B 346 -20.83 -42.64 54.43
C ASP B 346 -21.93 -42.54 53.37
N LEU B 347 -21.64 -41.81 52.30
CA LEU B 347 -22.56 -41.69 51.16
C LEU B 347 -21.76 -41.70 49.86
N SER B 348 -22.24 -42.45 48.88
CA SER B 348 -21.54 -42.56 47.61
C SER B 348 -22.38 -42.06 46.44
N LEU B 349 -21.74 -41.36 45.51
CA LEU B 349 -22.41 -40.82 44.34
C LEU B 349 -21.72 -41.26 43.05
N TYR B 350 -22.40 -42.07 42.25
CA TYR B 350 -21.85 -42.53 40.98
C TYR B 350 -22.21 -41.55 39.86
N VAL B 351 -21.19 -41.07 39.15
CA VAL B 351 -21.41 -40.12 38.07
C VAL B 351 -21.14 -40.79 36.73
N MET B 352 -22.07 -40.63 35.79
CA MET B 352 -21.92 -41.21 34.47
C MET B 352 -22.46 -40.29 33.38
N THR B 353 -22.18 -40.63 32.13
CA THR B 353 -22.70 -39.89 30.99
C THR B 353 -23.76 -40.75 30.31
N PRO B 354 -24.64 -40.13 29.50
CA PRO B 354 -25.66 -40.90 28.77
C PRO B 354 -25.08 -41.97 27.86
N GLU B 355 -23.82 -41.82 27.47
CA GLU B 355 -23.16 -42.83 26.64
C GLU B 355 -22.54 -43.93 27.49
N PHE B 356 -23.21 -45.08 27.58
CA PHE B 356 -22.69 -46.20 28.35
C PHE B 356 -22.81 -47.51 27.59
N GLY B 357 -23.07 -47.43 26.29
CA GLY B 357 -23.22 -48.59 25.46
C GLY B 357 -24.66 -49.08 25.45
N ALA B 358 -24.84 -50.39 25.50
CA ALA B 358 -26.17 -50.97 25.54
C ALA B 358 -26.77 -50.82 26.93
N ALA B 359 -28.06 -51.11 27.05
CA ALA B 359 -28.74 -51.05 28.34
C ALA B 359 -28.37 -52.25 29.20
N SER B 360 -27.80 -53.28 28.57
CA SER B 360 -27.37 -54.48 29.28
C SER B 360 -26.06 -54.26 30.03
N GLN B 361 -25.35 -53.19 29.67
CA GLN B 361 -24.07 -52.86 30.29
C GLN B 361 -24.26 -52.48 31.76
N LEU B 362 -25.42 -51.91 32.07
CA LEU B 362 -25.70 -51.43 33.42
C LEU B 362 -25.74 -52.56 34.44
N GLU B 363 -25.92 -53.79 33.95
CA GLU B 363 -25.93 -54.96 34.83
C GLU B 363 -24.51 -55.38 35.20
N LYS B 364 -23.52 -54.76 34.57
CA LYS B 364 -22.13 -55.11 34.83
C LYS B 364 -21.47 -54.09 35.76
N ILE B 365 -22.07 -52.92 35.87
CA ILE B 365 -21.53 -51.85 36.70
C ILE B 365 -21.75 -52.10 38.18
N ASP B 366 -20.67 -52.45 38.88
CA ASP B 366 -20.74 -52.75 40.30
C ASP B 366 -21.19 -51.56 41.13
N MET B 367 -20.87 -50.36 40.67
CA MET B 367 -21.13 -49.17 41.46
C MET B 367 -22.63 -48.86 41.54
N LEU B 368 -23.39 -49.33 40.56
CA LEU B 368 -24.85 -49.15 40.56
C LEU B 368 -25.52 -49.98 41.65
N ASP B 369 -24.72 -50.84 42.29
CA ASP B 369 -25.24 -51.73 43.32
C ASP B 369 -25.00 -51.16 44.71
N PHE B 370 -24.11 -50.17 44.80
CA PHE B 370 -23.74 -49.61 46.11
C PHE B 370 -24.08 -48.14 46.24
N ALA B 371 -24.11 -47.44 45.10
CA ALA B 371 -24.32 -45.99 45.09
C ALA B 371 -25.63 -45.59 45.76
N ASP B 372 -25.55 -44.63 46.68
CA ASP B 372 -26.74 -44.09 47.32
C ASP B 372 -27.42 -43.11 46.39
N PHE B 373 -26.62 -42.48 45.54
CA PHE B 373 -27.12 -41.55 44.53
C PHE B 373 -26.41 -41.79 43.21
N VAL B 374 -27.15 -41.67 42.11
CA VAL B 374 -26.56 -41.80 40.79
C VAL B 374 -26.82 -40.55 39.97
N ALA B 375 -25.76 -39.90 39.53
CA ALA B 375 -25.88 -38.67 38.75
C ALA B 375 -25.50 -38.92 37.30
N ILE B 376 -26.48 -38.85 36.41
CA ILE B 376 -26.21 -38.94 34.99
C ILE B 376 -25.88 -37.55 34.45
N ASN B 377 -24.61 -37.20 34.54
CA ASN B 377 -24.15 -35.87 34.14
C ASN B 377 -24.10 -35.75 32.62
N LYS B 378 -23.83 -34.53 32.14
CA LYS B 378 -23.83 -34.23 30.71
C LYS B 378 -25.17 -34.61 30.10
N PHE B 379 -26.24 -34.16 30.73
CA PHE B 379 -27.57 -34.51 30.29
C PHE B 379 -27.99 -33.76 29.04
N ASP B 380 -27.09 -32.90 28.55
CA ASP B 380 -27.33 -32.19 27.31
C ASP B 380 -26.98 -33.06 26.10
N ARG B 381 -26.29 -34.16 26.37
CA ARG B 381 -25.84 -35.06 25.30
C ARG B 381 -26.99 -35.91 24.79
N LYS B 382 -26.86 -36.42 23.56
CA LYS B 382 -27.91 -37.19 22.92
C LYS B 382 -28.19 -38.49 23.68
N GLY B 383 -29.48 -38.80 23.85
CA GLY B 383 -29.89 -40.04 24.47
C GLY B 383 -29.91 -40.00 25.98
N ALA B 384 -29.85 -38.79 26.54
CA ALA B 384 -29.83 -38.60 27.98
C ALA B 384 -31.14 -39.07 28.62
N GLN B 385 -32.25 -38.83 27.93
CA GLN B 385 -33.56 -39.19 28.45
C GLN B 385 -33.68 -40.69 28.60
N ASP B 386 -33.35 -41.41 27.55
CA ASP B 386 -33.40 -42.87 27.56
C ASP B 386 -32.37 -43.45 28.53
N ALA B 387 -31.24 -42.76 28.65
CA ALA B 387 -30.19 -43.20 29.57
C ALA B 387 -30.70 -43.18 31.00
N TRP B 388 -31.52 -42.17 31.33
CA TRP B 388 -32.07 -42.05 32.68
C TRP B 388 -33.07 -43.16 32.94
N ARG B 389 -33.87 -43.46 31.92
CA ARG B 389 -34.82 -44.57 31.98
C ARG B 389 -34.15 -45.86 32.39
N ASP B 390 -33.07 -46.18 31.68
CA ASP B 390 -32.36 -47.44 31.88
C ASP B 390 -31.69 -47.50 33.24
N VAL B 391 -30.98 -46.44 33.62
CA VAL B 391 -30.29 -46.40 34.90
C VAL B 391 -31.29 -46.48 36.06
N ALA B 392 -32.39 -45.75 35.95
CA ALA B 392 -33.40 -45.72 37.00
C ALA B 392 -33.98 -47.11 37.22
N LYS B 393 -34.28 -47.80 36.15
CA LYS B 393 -34.84 -49.15 36.23
C LYS B 393 -33.82 -50.15 36.75
N GLN B 394 -32.54 -49.91 36.43
CA GLN B 394 -31.48 -50.80 36.89
C GLN B 394 -31.24 -50.66 38.39
N VAL B 395 -31.28 -49.42 38.87
CA VAL B 395 -31.11 -49.17 40.31
C VAL B 395 -32.30 -49.71 41.08
N GLN B 396 -33.49 -49.61 40.48
CA GLN B 396 -34.68 -50.17 41.08
C GLN B 396 -34.56 -51.69 41.20
N ARG B 397 -33.98 -52.31 40.19
CA ARG B 397 -33.78 -53.75 40.17
C ARG B 397 -32.75 -54.19 41.21
N ASN B 398 -31.68 -53.41 41.34
CA ASN B 398 -30.61 -53.71 42.29
C ASN B 398 -31.07 -53.60 43.74
N ARG B 399 -32.05 -52.73 43.97
CA ARG B 399 -32.55 -52.50 45.33
C ARG B 399 -33.81 -53.32 45.61
N GLU B 400 -34.30 -54.00 44.57
CA GLU B 400 -35.49 -54.82 44.68
C GLU B 400 -36.71 -54.04 45.17
N GLN B 401 -36.76 -52.75 44.82
CA GLN B 401 -37.89 -51.90 45.19
C GLN B 401 -38.93 -51.86 44.08
N TRP B 402 -39.61 -52.99 43.84
CA TRP B 402 -40.59 -53.03 42.77
C TRP B 402 -41.91 -52.40 43.20
N HIS B 403 -42.07 -52.19 44.50
CA HIS B 403 -43.25 -51.51 45.04
C HIS B 403 -43.08 -49.98 44.94
N SER B 404 -41.96 -49.54 44.39
CA SER B 404 -41.70 -48.13 44.17
C SER B 404 -41.68 -47.80 42.69
N ARG B 405 -41.80 -46.52 42.37
CA ARG B 405 -41.73 -46.07 40.98
C ARG B 405 -40.28 -45.88 40.57
N ALA B 406 -39.98 -46.16 39.30
CA ALA B 406 -38.62 -46.01 38.79
C ALA B 406 -38.18 -44.55 38.86
N GLU B 407 -39.14 -43.64 38.72
CA GLU B 407 -38.86 -42.22 38.74
C GLU B 407 -38.56 -41.71 40.15
N ASP B 408 -38.79 -42.54 41.15
CA ASP B 408 -38.57 -42.16 42.54
C ASP B 408 -37.17 -42.55 43.02
N MET B 409 -36.44 -43.29 42.20
CA MET B 409 -35.09 -43.71 42.56
C MET B 409 -34.15 -42.52 42.62
N PRO B 410 -33.12 -42.59 43.49
CA PRO B 410 -32.13 -41.53 43.63
C PRO B 410 -31.24 -41.36 42.40
N VAL B 411 -31.80 -41.56 41.21
CA VAL B 411 -31.08 -41.33 39.97
C VAL B 411 -31.39 -39.95 39.42
N TYR B 412 -30.37 -39.12 39.29
CA TYR B 412 -30.58 -37.74 38.88
C TYR B 412 -29.92 -37.43 37.54
N GLY B 413 -30.59 -36.60 36.75
CA GLY B 413 -30.03 -36.12 35.50
C GLY B 413 -29.50 -34.71 35.67
N THR B 414 -28.18 -34.57 35.62
CA THR B 414 -27.56 -33.27 35.88
C THR B 414 -26.80 -32.72 34.68
N GLN B 415 -26.59 -31.41 34.68
CA GLN B 415 -25.75 -30.74 33.71
C GLN B 415 -24.85 -29.74 34.42
N ALA B 416 -23.71 -30.21 34.93
CA ALA B 416 -22.82 -29.39 35.73
C ALA B 416 -22.21 -28.23 34.96
N SER B 417 -22.12 -28.39 33.63
CA SER B 417 -21.54 -27.34 32.80
C SER B 417 -22.44 -26.09 32.73
N ARG B 418 -23.74 -26.25 32.87
CA ARG B 418 -24.61 -25.08 32.79
C ARG B 418 -24.88 -24.47 34.16
N PHE B 419 -24.74 -23.15 34.21
CA PHE B 419 -24.94 -22.38 35.43
C PHE B 419 -26.37 -22.50 35.94
N ASN B 420 -26.52 -22.62 37.26
CA ASN B 420 -27.83 -22.67 37.90
C ASN B 420 -28.69 -23.81 37.34
N ASP B 421 -28.06 -24.93 37.02
CA ASP B 421 -28.81 -26.06 36.48
C ASP B 421 -29.77 -26.59 37.53
N ASP B 422 -31.05 -26.69 37.18
CA ASP B 422 -32.06 -27.19 38.09
C ASP B 422 -31.82 -28.67 38.43
N GLY B 423 -31.20 -29.38 37.49
CA GLY B 423 -30.88 -30.78 37.71
C GLY B 423 -29.91 -30.96 38.87
N VAL B 424 -28.82 -30.20 38.84
CA VAL B 424 -27.82 -30.25 39.90
C VAL B 424 -28.44 -29.86 41.24
N THR B 425 -29.33 -28.88 41.20
CA THR B 425 -30.02 -28.42 42.41
C THR B 425 -30.90 -29.54 42.96
N MET B 426 -31.54 -30.29 42.08
CA MET B 426 -32.37 -31.42 42.49
C MET B 426 -31.53 -32.48 43.21
N LEU B 427 -30.37 -32.79 42.64
CA LEU B 427 -29.45 -33.74 43.25
C LEU B 427 -28.97 -33.22 44.61
N TYR B 428 -28.73 -31.92 44.68
CA TYR B 428 -28.29 -31.29 45.93
C TYR B 428 -29.36 -31.44 47.01
N GLN B 429 -30.61 -31.15 46.65
CA GLN B 429 -31.73 -31.26 47.58
C GLN B 429 -31.81 -32.69 48.13
N GLY B 430 -31.53 -33.66 47.28
CA GLY B 430 -31.53 -35.05 47.68
C GLY B 430 -30.41 -35.35 48.65
N LEU B 431 -29.21 -34.88 48.32
CA LEU B 431 -28.04 -35.10 49.17
C LEU B 431 -28.21 -34.43 50.53
N VAL B 432 -28.89 -33.29 50.56
CA VAL B 432 -29.17 -32.59 51.80
C VAL B 432 -30.05 -33.43 52.71
N GLY B 433 -31.14 -33.95 52.16
CA GLY B 433 -32.06 -34.78 52.92
C GLY B 433 -31.40 -36.04 53.45
N ALA B 434 -30.44 -36.57 52.70
CA ALA B 434 -29.72 -37.76 53.10
C ALA B 434 -28.69 -37.44 54.17
N LEU B 435 -27.96 -36.33 53.98
CA LEU B 435 -26.97 -35.90 54.94
C LEU B 435 -27.62 -35.41 56.23
N GLY B 436 -28.84 -34.90 56.11
CA GLY B 436 -29.58 -34.42 57.25
C GLY B 436 -29.95 -35.54 58.20
N ALA B 437 -30.41 -36.65 57.63
CA ALA B 437 -30.78 -37.81 58.43
C ALA B 437 -29.55 -38.48 59.05
N ARG B 438 -28.40 -38.27 58.43
CA ARG B 438 -27.16 -38.87 58.91
C ARG B 438 -26.40 -37.92 59.83
N GLY B 439 -27.15 -37.13 60.59
CA GLY B 439 -26.57 -36.24 61.59
C GLY B 439 -25.71 -35.11 61.02
N MET B 440 -26.35 -34.14 60.41
CA MET B 440 -25.65 -32.95 59.93
C MET B 440 -26.57 -31.74 60.02
N SER B 441 -26.35 -30.92 61.04
CA SER B 441 -27.20 -29.75 61.29
C SER B 441 -27.11 -28.77 60.13
N LEU B 442 -28.27 -28.51 59.52
CA LEU B 442 -28.39 -27.58 58.39
C LEU B 442 -29.58 -26.65 58.57
N LYS B 443 -29.39 -25.38 58.25
CA LYS B 443 -30.49 -24.42 58.28
C LYS B 443 -31.45 -24.70 57.12
N PRO B 444 -32.72 -24.29 57.26
CA PRO B 444 -33.67 -24.39 56.15
C PRO B 444 -33.14 -23.64 54.93
N GLY B 445 -33.00 -24.35 53.81
CA GLY B 445 -32.34 -23.82 52.63
C GLY B 445 -32.94 -22.54 52.05
N THR B 446 -32.11 -21.79 51.33
CA THR B 446 -32.55 -20.58 50.66
C THR B 446 -32.72 -20.82 49.17
N LEU B 447 -32.41 -22.04 48.73
CA LEU B 447 -32.53 -22.42 47.33
C LEU B 447 -33.95 -22.88 47.03
N PRO B 448 -34.41 -22.71 45.79
CA PRO B 448 -35.72 -23.25 45.42
C PRO B 448 -35.75 -24.78 45.59
N ASN B 449 -36.67 -25.26 46.40
CA ASN B 449 -36.80 -26.71 46.61
C ASN B 449 -37.51 -27.37 45.44
N LEU B 450 -36.74 -27.70 44.41
CA LEU B 450 -37.28 -28.20 43.15
C LEU B 450 -37.56 -29.69 43.18
N GLU B 451 -38.73 -30.09 42.68
CA GLU B 451 -39.07 -31.51 42.61
C GLU B 451 -38.76 -32.05 41.22
N GLY B 452 -38.48 -33.35 41.15
CA GLY B 452 -38.09 -33.99 39.90
C GLY B 452 -36.71 -34.61 40.02
N ARG B 453 -36.30 -35.34 39.01
CA ARG B 453 -34.99 -36.02 39.03
C ARG B 453 -34.15 -35.67 37.82
N ILE B 454 -34.73 -34.92 36.89
CA ILE B 454 -34.10 -34.67 35.61
C ILE B 454 -33.99 -33.17 35.31
N SER B 455 -32.82 -32.75 34.85
CA SER B 455 -32.61 -31.37 34.42
C SER B 455 -33.49 -31.02 33.21
N THR B 456 -33.96 -29.78 33.15
CA THR B 456 -34.80 -29.36 32.03
C THR B 456 -33.95 -28.68 30.96
N GLY B 457 -32.66 -28.57 31.24
CA GLY B 457 -31.72 -27.97 30.31
C GLY B 457 -32.04 -26.54 29.96
N GLN B 458 -32.76 -25.86 30.86
CA GLN B 458 -33.16 -24.48 30.63
C GLN B 458 -31.95 -23.58 30.48
N ASN B 459 -32.13 -22.44 29.83
CA ASN B 459 -31.07 -21.47 29.57
C ASN B 459 -29.94 -22.02 28.70
N VAL B 460 -30.29 -22.82 27.69
CA VAL B 460 -29.34 -23.08 26.61
C VAL B 460 -29.50 -21.95 25.62
N ILE B 461 -28.38 -21.41 25.14
CA ILE B 461 -28.43 -20.20 24.34
C ILE B 461 -29.03 -20.46 22.96
N VAL B 462 -28.47 -21.45 22.26
CA VAL B 462 -29.02 -21.88 20.99
C VAL B 462 -29.69 -23.25 21.16
N PRO B 463 -31.01 -23.30 20.93
CA PRO B 463 -31.78 -24.54 21.09
C PRO B 463 -31.28 -25.66 20.18
N PRO B 464 -31.22 -26.90 20.70
CA PRO B 464 -30.75 -28.07 19.97
C PRO B 464 -31.50 -28.30 18.65
N ALA B 465 -32.70 -27.75 18.55
CA ALA B 465 -33.45 -27.79 17.30
C ALA B 465 -32.72 -27.02 16.20
N ARG B 466 -32.13 -25.89 16.59
CA ARG B 466 -31.41 -25.03 15.64
C ARG B 466 -29.93 -25.36 15.61
N SER B 467 -29.57 -26.54 16.09
CA SER B 467 -28.17 -26.93 16.26
C SER B 467 -27.35 -26.82 14.98
N ARG B 468 -27.95 -27.16 13.84
CA ARG B 468 -27.24 -27.14 12.57
C ARG B 468 -27.59 -25.90 11.75
N TYR B 469 -27.70 -24.76 12.44
CA TYR B 469 -28.05 -23.50 11.79
C TYR B 469 -27.02 -23.10 10.73
N LEU B 470 -25.74 -23.30 11.04
CA LEU B 470 -24.67 -22.94 10.11
C LEU B 470 -24.76 -23.74 8.82
N ALA B 471 -25.12 -25.02 8.95
CA ALA B 471 -25.26 -25.89 7.79
C ALA B 471 -26.39 -25.43 6.90
N GLU B 472 -27.49 -24.99 7.52
CA GLU B 472 -28.64 -24.48 6.79
C GLU B 472 -28.26 -23.23 6.02
N LEU B 473 -27.49 -22.36 6.67
CA LEU B 473 -27.03 -21.13 6.05
C LEU B 473 -26.18 -21.43 4.82
N ALA B 474 -25.33 -22.45 4.94
CA ALA B 474 -24.50 -22.88 3.82
C ALA B 474 -25.37 -23.30 2.66
N ASP B 475 -26.42 -24.06 2.97
CA ASP B 475 -27.37 -24.50 1.96
C ASP B 475 -28.07 -23.32 1.31
N THR B 476 -28.45 -22.34 2.12
CA THR B 476 -29.15 -21.16 1.63
C THR B 476 -28.34 -20.42 0.57
N VAL B 477 -27.05 -20.22 0.84
CA VAL B 477 -26.17 -19.52 -0.08
C VAL B 477 -25.98 -20.32 -1.36
N ARG B 478 -25.69 -21.61 -1.22
CA ARG B 478 -25.49 -22.47 -2.39
C ARG B 478 -26.75 -22.55 -3.24
N ALA B 479 -27.91 -22.55 -2.58
CA ALA B 479 -29.18 -22.60 -3.28
C ALA B 479 -29.41 -21.34 -4.09
N TYR B 480 -28.98 -20.21 -3.53
CA TYR B 480 -29.10 -18.92 -4.22
C TYR B 480 -28.31 -18.94 -5.52
N HIS B 481 -27.09 -19.45 -5.46
CA HIS B 481 -26.22 -19.51 -6.63
C HIS B 481 -26.77 -20.46 -7.70
N ARG B 482 -27.39 -21.55 -7.27
CA ARG B 482 -28.02 -22.48 -8.21
C ARG B 482 -29.11 -21.77 -8.98
N ARG B 483 -29.82 -20.86 -8.32
CA ARG B 483 -30.88 -20.09 -8.95
C ARG B 483 -30.31 -19.10 -9.95
N VAL B 484 -29.19 -18.47 -9.58
CA VAL B 484 -28.53 -17.53 -10.47
C VAL B 484 -28.15 -18.21 -11.77
N VAL B 485 -27.64 -19.44 -11.66
CA VAL B 485 -27.24 -20.21 -12.84
C VAL B 485 -28.44 -20.53 -13.73
N ALA B 486 -29.52 -21.00 -13.13
CA ALA B 486 -30.71 -21.41 -13.86
C ALA B 486 -31.43 -20.23 -14.50
N GLN B 487 -31.63 -19.16 -13.73
CA GLN B 487 -32.30 -17.97 -14.22
C GLN B 487 -31.50 -17.30 -15.34
N SER B 488 -30.17 -17.38 -15.24
CA SER B 488 -29.30 -16.83 -16.27
C SER B 488 -29.47 -17.61 -17.56
N LYS B 489 -29.51 -18.94 -17.45
CA LYS B 489 -29.71 -19.79 -18.61
C LYS B 489 -31.03 -19.44 -19.31
N LEU B 490 -32.08 -19.25 -18.52
CA LEU B 490 -33.38 -18.88 -19.05
C LEU B 490 -33.34 -17.51 -19.73
N ALA B 491 -32.77 -16.54 -19.04
CA ALA B 491 -32.64 -15.18 -19.58
C ALA B 491 -31.82 -15.17 -20.85
N ARG B 492 -30.79 -16.01 -20.88
CA ARG B 492 -29.93 -16.15 -22.06
C ARG B 492 -30.70 -16.74 -23.23
N GLU B 493 -31.37 -17.86 -22.98
CA GLU B 493 -32.16 -18.54 -24.01
C GLU B 493 -33.28 -17.65 -24.52
N ARG B 494 -33.94 -16.95 -23.61
CA ARG B 494 -35.03 -16.04 -23.97
C ARG B 494 -34.55 -14.98 -24.95
N GLN B 495 -33.37 -14.43 -24.68
CA GLN B 495 -32.79 -13.41 -25.56
C GLN B 495 -32.39 -14.02 -26.89
N GLN B 496 -31.75 -15.18 -26.84
CA GLN B 496 -31.28 -15.86 -28.05
C GLN B 496 -32.43 -16.15 -29.02
N LEU B 497 -33.57 -16.56 -28.46
CA LEU B 497 -34.74 -16.88 -29.28
C LEU B 497 -35.28 -15.64 -29.97
N ARG B 498 -35.64 -14.63 -29.19
CA ARG B 498 -36.17 -13.38 -29.72
C ARG B 498 -35.18 -12.72 -30.67
N ALA B 499 -33.90 -12.91 -30.43
CA ALA B 499 -32.86 -12.39 -31.31
C ALA B 499 -32.95 -13.09 -32.66
N ALA B 500 -33.11 -14.40 -32.65
CA ALA B 500 -33.22 -15.19 -33.86
C ALA B 500 -34.55 -14.90 -34.57
N HIS B 501 -35.58 -14.59 -33.78
CA HIS B 501 -36.90 -14.28 -34.32
C HIS B 501 -36.86 -13.00 -35.15
N ASP B 502 -36.15 -11.99 -34.63
CA ASP B 502 -36.01 -10.72 -35.32
C ASP B 502 -35.18 -10.86 -36.59
N MET B 503 -34.22 -11.79 -36.56
CA MET B 503 -33.33 -12.00 -37.70
C MET B 503 -34.01 -12.77 -38.81
N LEU B 504 -34.96 -13.62 -38.45
CA LEU B 504 -35.74 -14.37 -39.44
C LEU B 504 -36.71 -13.44 -40.17
N GLN B 505 -37.38 -12.57 -39.42
CA GLN B 505 -38.33 -11.63 -40.00
C GLN B 505 -37.61 -10.60 -40.86
N GLY B 506 -36.31 -10.39 -40.59
CA GLY B 506 -35.51 -9.47 -41.37
C GLY B 506 -35.04 -10.10 -42.67
N ALA B 507 -35.15 -11.43 -42.75
CA ALA B 507 -34.78 -12.17 -43.95
C ALA B 507 -36.01 -12.57 -44.75
N GLY B 508 -37.17 -12.47 -44.12
CA GLY B 508 -38.43 -12.78 -44.78
C GLY B 508 -39.25 -13.83 -44.06
N HIS B 509 -38.58 -14.85 -43.54
CA HIS B 509 -39.24 -15.96 -42.87
C HIS B 509 -39.93 -15.51 -41.59
N GLU B 510 -41.21 -15.82 -41.46
CA GLU B 510 -41.97 -15.50 -40.25
C GLU B 510 -42.36 -16.78 -39.51
N SER B 511 -41.49 -17.20 -38.59
CA SER B 511 -41.74 -18.41 -37.80
C SER B 511 -42.02 -18.05 -36.35
N ALA B 512 -43.30 -18.11 -35.97
CA ALA B 512 -43.71 -17.77 -34.61
C ALA B 512 -43.48 -18.94 -33.65
N ALA B 513 -42.95 -20.05 -34.18
CA ALA B 513 -42.58 -21.19 -33.37
C ALA B 513 -41.49 -20.80 -32.37
N LEU B 514 -40.65 -19.86 -32.77
CA LEU B 514 -39.60 -19.33 -31.90
C LEU B 514 -40.20 -18.53 -30.75
N GLU B 515 -41.17 -17.68 -31.07
CA GLU B 515 -41.79 -16.81 -30.08
C GLU B 515 -42.49 -17.60 -28.98
N THR B 516 -43.04 -18.76 -29.34
CA THR B 516 -43.71 -19.63 -28.38
C THR B 516 -42.73 -20.11 -27.31
N LEU B 517 -41.52 -20.44 -27.72
CA LEU B 517 -40.48 -20.88 -26.80
C LEU B 517 -39.96 -19.71 -25.97
N ALA B 518 -40.00 -18.51 -26.54
CA ALA B 518 -39.55 -17.31 -25.84
C ALA B 518 -40.53 -16.92 -24.75
N SER B 519 -41.81 -16.82 -25.13
CA SER B 519 -42.87 -16.49 -24.18
C SER B 519 -42.95 -17.55 -23.09
N GLU B 520 -42.53 -18.76 -23.42
CA GLU B 520 -42.48 -19.87 -22.47
C GLU B 520 -41.45 -19.60 -21.37
N ARG B 521 -40.42 -18.83 -21.70
CA ARG B 521 -39.35 -18.54 -20.76
C ARG B 521 -39.57 -17.21 -20.02
N ASP B 522 -40.56 -16.45 -20.45
CA ASP B 522 -40.95 -15.24 -19.72
C ASP B 522 -41.57 -15.63 -18.39
N VAL B 523 -42.29 -16.76 -18.39
CA VAL B 523 -42.93 -17.27 -17.19
C VAL B 523 -41.92 -18.07 -16.36
N SER B 524 -41.00 -18.74 -17.04
CA SER B 524 -39.96 -19.51 -16.37
C SER B 524 -39.09 -18.63 -15.50
N LEU B 525 -38.78 -17.43 -16.00
CA LEU B 525 -38.04 -16.44 -15.22
C LEU B 525 -38.86 -15.99 -14.02
N GLY B 526 -38.19 -15.77 -12.90
CA GLY B 526 -38.86 -15.32 -11.69
C GLY B 526 -39.38 -13.90 -11.83
N ALA B 527 -40.16 -13.47 -10.86
CA ALA B 527 -40.68 -12.11 -10.85
C ALA B 527 -39.56 -11.12 -10.60
N VAL B 528 -38.73 -11.42 -9.60
CA VAL B 528 -37.61 -10.56 -9.24
C VAL B 528 -36.58 -10.47 -10.36
N GLU B 529 -36.27 -11.62 -10.96
CA GLU B 529 -35.28 -11.70 -12.02
C GLU B 529 -35.73 -10.93 -13.27
N ARG B 530 -37.01 -11.00 -13.57
CA ARG B 530 -37.56 -10.34 -14.75
C ARG B 530 -37.46 -8.83 -14.63
N LYS B 531 -37.67 -8.33 -13.41
CA LYS B 531 -37.61 -6.88 -13.17
C LYS B 531 -36.17 -6.39 -13.18
N LEU B 532 -35.25 -7.25 -12.76
CA LEU B 532 -33.83 -6.91 -12.75
C LEU B 532 -33.32 -6.56 -14.14
N LEU B 533 -33.63 -7.41 -15.11
CA LEU B 533 -33.24 -7.17 -16.49
C LEU B 533 -34.01 -6.00 -17.09
N ALA B 534 -35.25 -5.82 -16.62
CA ALA B 534 -36.11 -4.76 -17.11
C ALA B 534 -35.59 -3.38 -16.70
N MET B 535 -35.01 -3.30 -15.50
CA MET B 535 -34.51 -2.03 -14.99
C MET B 535 -33.09 -1.76 -15.45
N TRP B 536 -32.47 -2.74 -16.12
CA TRP B 536 -31.09 -2.61 -16.55
C TRP B 536 -30.83 -1.45 -17.52
N PRO B 537 -31.69 -1.26 -18.55
CA PRO B 537 -31.41 -0.11 -19.41
C PRO B 537 -31.61 1.22 -18.69
N GLN B 538 -32.57 1.27 -17.77
CA GLN B 538 -32.81 2.46 -16.98
C GLN B 538 -31.67 2.66 -15.98
N MET B 539 -31.11 1.54 -15.52
CA MET B 539 -29.98 1.56 -14.59
C MET B 539 -28.76 2.14 -15.28
N GLN B 540 -28.55 1.78 -16.55
CA GLN B 540 -27.41 2.25 -17.31
C GLN B 540 -27.47 3.76 -17.53
N GLN B 541 -28.65 4.27 -17.85
CA GLN B 541 -28.81 5.70 -18.11
C GLN B 541 -28.58 6.52 -16.84
N ALA B 542 -28.79 5.90 -15.70
CA ALA B 542 -28.57 6.57 -14.42
C ALA B 542 -27.09 6.84 -14.18
N TYR B 543 -26.28 5.79 -14.30
CA TYR B 543 -24.84 5.89 -14.04
C TYR B 543 -24.05 6.41 -15.23
N SER B 544 -24.76 6.85 -16.28
CA SER B 544 -24.11 7.31 -17.50
C SER B 544 -23.72 8.78 -17.42
N GLY B 545 -24.66 9.61 -16.95
CA GLY B 545 -24.46 11.05 -16.93
C GLY B 545 -23.41 11.54 -15.96
N ASP B 546 -23.39 12.85 -15.71
CA ASP B 546 -22.44 13.46 -14.81
C ASP B 546 -23.00 13.54 -13.39
N GLU B 547 -24.30 13.33 -13.26
CA GLU B 547 -24.94 13.34 -11.94
C GLU B 547 -25.93 12.19 -11.76
N TYR B 548 -26.31 11.95 -10.52
CA TYR B 548 -27.22 10.86 -10.16
C TYR B 548 -28.46 11.42 -9.47
N VAL B 549 -29.55 11.57 -10.23
CA VAL B 549 -30.77 12.14 -9.68
C VAL B 549 -31.66 11.07 -9.03
N VAL B 550 -31.99 11.27 -7.76
CA VAL B 550 -32.86 10.36 -7.03
C VAL B 550 -33.70 11.13 -6.02
N LYS B 551 -35.02 11.08 -6.18
CA LYS B 551 -35.92 11.88 -5.36
C LYS B 551 -36.48 11.12 -4.16
N ILE B 552 -36.03 11.51 -2.97
CA ILE B 552 -36.56 10.96 -1.73
C ILE B 552 -37.51 11.97 -1.07
N ARG B 553 -38.55 11.45 -0.42
CA ARG B 553 -39.59 12.29 0.18
C ARG B 553 -40.24 13.21 -0.86
N ASP B 554 -40.14 14.52 -0.64
CA ASP B 554 -40.72 15.49 -1.55
C ASP B 554 -39.65 16.26 -2.32
N LYS B 555 -38.39 16.10 -1.90
CA LYS B 555 -37.27 16.78 -2.55
C LYS B 555 -36.48 15.81 -3.43
N GLU B 556 -35.17 16.00 -3.47
CA GLU B 556 -34.29 15.16 -4.28
C GLU B 556 -32.86 15.15 -3.74
N ILE B 557 -32.07 14.17 -4.18
CA ILE B 557 -30.69 14.05 -3.75
C ILE B 557 -29.76 13.81 -4.94
N ARG B 558 -29.15 14.88 -5.44
CA ARG B 558 -28.22 14.80 -6.56
C ARG B 558 -26.82 14.42 -6.10
N THR B 559 -26.20 13.49 -6.81
CA THR B 559 -24.84 13.06 -6.50
C THR B 559 -23.97 13.05 -7.76
N GLY B 560 -22.77 13.60 -7.67
CA GLY B 560 -21.85 13.62 -8.79
C GLY B 560 -21.27 12.25 -9.05
N LEU B 561 -21.18 11.88 -10.33
CA LEU B 561 -20.65 10.59 -10.73
C LEU B 561 -19.23 10.71 -11.27
N ILE B 562 -18.90 11.91 -11.73
CA ILE B 562 -17.65 12.12 -12.45
C ILE B 562 -16.60 12.83 -11.62
N SER B 563 -15.38 12.30 -11.66
CA SER B 563 -14.21 13.00 -11.16
C SER B 563 -13.21 13.11 -12.30
N THR B 564 -12.85 14.34 -12.66
CA THR B 564 -12.01 14.58 -13.84
C THR B 564 -10.53 14.71 -13.49
N THR B 565 -9.69 14.00 -14.24
CA THR B 565 -8.25 13.98 -13.97
C THR B 565 -7.57 15.22 -14.52
N LEU B 566 -6.27 15.34 -14.25
CA LEU B 566 -5.47 16.44 -14.76
C LEU B 566 -5.38 16.37 -16.28
N SER B 567 -5.53 15.17 -16.82
CA SER B 567 -5.47 14.96 -18.26
C SER B 567 -6.81 15.29 -18.91
N GLY B 568 -7.86 15.32 -18.09
CA GLY B 568 -9.19 15.64 -18.58
C GLY B 568 -10.05 14.42 -18.80
N THR B 569 -9.63 13.29 -18.22
CA THR B 569 -10.37 12.04 -18.35
C THR B 569 -11.47 11.95 -17.30
N LYS B 570 -12.65 11.51 -17.71
CA LYS B 570 -13.77 11.35 -16.79
C LYS B 570 -13.76 9.98 -16.12
N ILE B 571 -13.44 9.96 -14.83
CA ILE B 571 -13.43 8.72 -14.07
C ILE B 571 -14.76 8.53 -13.33
N ARG B 572 -15.59 7.62 -13.82
CA ARG B 572 -16.89 7.37 -13.22
C ARG B 572 -16.75 6.69 -11.86
N LYS B 573 -17.55 7.15 -10.89
CA LYS B 573 -17.52 6.59 -9.54
C LYS B 573 -17.91 5.13 -9.56
N VAL B 574 -18.98 4.81 -10.29
CA VAL B 574 -19.42 3.43 -10.43
C VAL B 574 -19.44 3.04 -11.90
N VAL B 575 -18.57 2.10 -12.27
CA VAL B 575 -18.47 1.66 -13.65
C VAL B 575 -19.33 0.42 -13.90
N LEU B 576 -20.25 0.53 -14.85
CA LEU B 576 -21.16 -0.56 -15.19
C LEU B 576 -20.57 -1.44 -16.29
N PRO B 577 -20.93 -2.73 -16.30
CA PRO B 577 -20.48 -3.65 -17.34
C PRO B 577 -21.04 -3.30 -18.71
N ARG B 578 -20.36 -3.75 -19.76
CA ARG B 578 -20.82 -3.53 -21.13
C ARG B 578 -21.15 -4.86 -21.82
N PHE B 579 -21.87 -5.72 -21.10
CA PHE B 579 -22.30 -7.00 -21.65
C PHE B 579 -23.48 -6.83 -22.60
N GLU B 580 -23.52 -7.67 -23.63
CA GLU B 580 -24.66 -7.71 -24.54
C GLU B 580 -25.58 -8.86 -24.13
N ASP B 581 -24.95 -9.96 -23.74
CA ASP B 581 -25.67 -11.15 -23.28
C ASP B 581 -26.46 -10.86 -22.01
N GLU B 582 -27.78 -11.02 -22.09
CA GLU B 582 -28.64 -10.81 -20.93
C GLU B 582 -28.42 -11.91 -19.89
N GLY B 583 -27.79 -13.00 -20.32
CA GLY B 583 -27.41 -14.06 -19.39
C GLY B 583 -26.33 -13.56 -18.45
N GLU B 584 -25.38 -12.81 -19.00
CA GLU B 584 -24.29 -12.23 -18.20
C GLU B 584 -24.80 -11.06 -17.37
N ILE B 585 -25.72 -10.29 -17.93
CA ILE B 585 -26.29 -9.15 -17.22
C ILE B 585 -26.99 -9.60 -15.94
N LEU B 586 -27.88 -10.58 -16.07
CA LEU B 586 -28.62 -11.09 -14.93
C LEU B 586 -27.68 -11.77 -13.94
N LYS B 587 -26.74 -12.54 -14.45
CA LYS B 587 -25.75 -13.21 -13.62
C LYS B 587 -24.99 -12.21 -12.76
N TRP B 588 -24.61 -11.10 -13.38
CA TRP B 588 -23.87 -10.05 -12.67
C TRP B 588 -24.78 -9.30 -11.71
N LEU B 589 -26.02 -9.08 -12.10
CA LEU B 589 -26.95 -8.33 -11.26
C LEU B 589 -27.37 -9.12 -10.02
N MET B 590 -27.22 -10.44 -10.06
CA MET B 590 -27.61 -11.29 -8.95
C MET B 590 -26.44 -11.64 -8.06
N ARG B 591 -25.24 -11.70 -8.64
CA ARG B 591 -24.06 -12.09 -7.88
C ARG B 591 -23.29 -10.88 -7.36
N GLU B 592 -23.21 -9.83 -8.18
CA GLU B 592 -22.51 -8.61 -7.81
C GLU B 592 -23.19 -7.36 -8.36
N ASN B 593 -24.31 -6.96 -7.78
CA ASN B 593 -24.94 -5.73 -8.24
C ASN B 593 -24.10 -4.52 -7.85
N VAL B 594 -24.43 -3.36 -8.40
CA VAL B 594 -23.73 -2.12 -8.07
C VAL B 594 -23.74 -1.85 -6.57
N PRO B 595 -22.79 -1.04 -6.08
CA PRO B 595 -22.83 -0.66 -4.67
C PRO B 595 -24.17 -0.04 -4.28
N GLY B 596 -24.79 -0.57 -3.23
CA GLY B 596 -26.07 -0.05 -2.76
C GLY B 596 -27.26 -0.84 -3.25
N SER B 597 -26.99 -2.03 -3.80
CA SER B 597 -28.05 -2.90 -4.32
C SER B 597 -27.76 -4.36 -3.99
N PHE B 598 -28.80 -5.12 -3.66
CA PHE B 598 -28.67 -6.53 -3.31
C PHE B 598 -27.93 -7.31 -4.38
N PRO B 599 -27.00 -8.19 -3.97
CA PRO B 599 -26.67 -8.55 -2.59
C PRO B 599 -25.58 -7.70 -1.95
N TYR B 600 -25.46 -6.44 -2.39
CA TYR B 600 -24.51 -5.48 -1.81
C TYR B 600 -23.08 -5.99 -1.79
N THR B 601 -22.69 -6.69 -2.84
CA THR B 601 -21.34 -7.26 -2.90
C THR B 601 -20.29 -6.16 -2.96
N ALA B 602 -20.56 -5.12 -3.74
CA ALA B 602 -19.60 -4.04 -3.94
C ALA B 602 -19.80 -2.90 -2.94
N GLY B 603 -20.54 -3.18 -1.87
CA GLY B 603 -20.80 -2.18 -0.86
C GLY B 603 -22.27 -2.12 -0.48
N VAL B 604 -22.54 -1.67 0.73
CA VAL B 604 -23.91 -1.61 1.23
C VAL B 604 -24.57 -0.28 0.89
N PHE B 605 -23.76 0.72 0.56
CA PHE B 605 -24.27 2.04 0.21
C PHE B 605 -24.02 2.35 -1.27
N ALA B 606 -24.80 3.29 -1.81
CA ALA B 606 -24.70 3.65 -3.22
C ALA B 606 -23.34 4.26 -3.56
N PHE B 607 -23.02 5.35 -2.88
CA PHE B 607 -21.74 6.02 -3.08
C PHE B 607 -21.07 6.31 -1.75
N LYS B 608 -19.74 6.42 -1.76
CA LYS B 608 -18.99 6.66 -0.54
C LYS B 608 -19.29 8.06 -0.01
N ARG B 609 -19.23 8.22 1.31
CA ARG B 609 -19.46 9.51 1.93
C ARG B 609 -18.28 10.44 1.65
N GLU B 610 -18.56 11.73 1.45
CA GLU B 610 -17.51 12.68 1.16
C GLU B 610 -17.06 13.42 2.43
N GLY B 611 -15.78 13.30 2.75
CA GLY B 611 -15.21 13.96 3.92
C GLY B 611 -14.48 13.02 4.85
N PRO B 614 -14.72 11.85 10.10
CA PRO B 614 -14.99 10.41 10.24
C PRO B 614 -13.91 9.70 11.05
N THR B 615 -12.81 10.39 11.31
CA THR B 615 -11.71 9.82 12.08
C THR B 615 -12.02 9.85 13.58
N ARG B 616 -12.32 8.68 14.14
CA ARG B 616 -12.69 8.57 15.55
C ARG B 616 -11.58 9.05 16.48
N MET B 617 -11.97 9.48 17.68
CA MET B 617 -11.04 10.01 18.65
C MET B 617 -10.88 9.08 19.85
N PHE B 618 -9.82 8.27 19.83
CA PHE B 618 -9.61 7.25 20.85
C PHE B 618 -8.74 7.75 22.00
N ALA B 619 -9.17 7.46 23.22
CA ALA B 619 -8.44 7.86 24.41
C ALA B 619 -8.84 7.00 25.61
N GLY B 620 -7.88 6.72 26.48
CA GLY B 620 -8.15 5.90 27.65
C GLY B 620 -6.88 5.58 28.42
N GLU B 621 -6.65 6.31 29.49
CA GLU B 621 -5.47 6.10 30.33
C GLU B 621 -5.65 6.77 31.69
N GLY B 622 -5.01 6.22 32.70
CA GLY B 622 -5.11 6.75 34.05
C GLY B 622 -6.51 6.64 34.63
N ASP B 623 -6.90 7.65 35.41
CA ASP B 623 -8.23 7.65 36.01
C ASP B 623 -9.23 8.33 35.09
N ALA B 624 -10.48 8.36 35.51
CA ALA B 624 -11.57 8.91 34.70
C ALA B 624 -11.35 10.38 34.36
N PHE B 625 -10.61 11.07 35.22
CA PHE B 625 -10.34 12.49 35.03
C PHE B 625 -9.39 12.74 33.87
N ARG B 626 -8.32 11.95 33.80
CA ARG B 626 -7.32 12.12 32.74
C ARG B 626 -7.88 11.75 31.37
N THR B 627 -8.63 10.65 31.32
CA THR B 627 -9.21 10.19 30.06
C THR B 627 -10.23 11.22 29.56
N ASN B 628 -10.98 11.82 30.48
CA ASN B 628 -11.95 12.84 30.12
C ASN B 628 -11.31 14.07 29.51
N ARG B 629 -10.20 14.51 30.10
CA ARG B 629 -9.55 15.73 29.66
C ARG B 629 -9.04 15.54 28.24
N ARG B 630 -8.45 14.38 27.99
CA ARG B 630 -7.96 14.06 26.66
C ARG B 630 -9.12 14.08 25.67
N PHE B 631 -10.26 13.53 26.10
CA PHE B 631 -11.47 13.54 25.27
C PHE B 631 -11.87 14.97 24.93
N LYS B 632 -11.89 15.82 25.95
CA LYS B 632 -12.27 17.22 25.75
C LYS B 632 -11.24 17.97 24.91
N LEU B 633 -9.97 17.57 25.03
CA LEU B 633 -8.90 18.24 24.31
C LEU B 633 -8.91 17.89 22.82
N VAL B 634 -8.98 16.60 22.52
CA VAL B 634 -9.00 16.14 21.14
C VAL B 634 -10.26 16.62 20.43
N SER B 635 -11.39 16.55 21.12
CA SER B 635 -12.68 16.92 20.54
C SER B 635 -13.01 18.40 20.71
N GLU B 636 -11.99 19.22 20.86
CA GLU B 636 -12.22 20.66 21.00
C GLU B 636 -12.66 21.27 19.67
N GLY B 637 -13.79 21.96 19.70
CA GLY B 637 -14.29 22.67 18.53
C GLY B 637 -14.62 21.76 17.37
N MET B 638 -15.24 20.62 17.65
CA MET B 638 -15.67 19.72 16.58
C MET B 638 -17.18 19.49 16.64
N GLU B 639 -17.78 19.36 15.46
CA GLU B 639 -19.23 19.21 15.36
C GLU B 639 -19.70 17.89 15.97
N ALA B 640 -19.12 16.79 15.50
CA ALA B 640 -19.50 15.47 16.00
C ALA B 640 -18.48 14.93 17.00
N LYS B 641 -18.96 14.65 18.21
CA LYS B 641 -18.11 14.00 19.21
C LYS B 641 -18.26 12.49 19.13
N ARG B 642 -17.25 11.83 18.55
CA ARG B 642 -17.23 10.38 18.46
C ARG B 642 -16.13 9.80 19.34
N LEU B 643 -16.52 9.33 20.52
CA LEU B 643 -15.56 8.85 21.52
C LEU B 643 -15.41 7.33 21.50
N SER B 644 -14.18 6.87 21.76
CA SER B 644 -13.91 5.45 21.87
C SER B 644 -13.09 5.17 23.13
N THR B 645 -13.69 4.44 24.07
CA THR B 645 -13.11 4.30 25.40
C THR B 645 -12.38 2.98 25.61
N ALA B 646 -11.14 3.06 26.10
CA ALA B 646 -10.34 1.88 26.43
C ALA B 646 -10.19 1.75 27.94
N PHE B 647 -10.55 0.59 28.48
CA PHE B 647 -10.46 0.37 29.92
C PHE B 647 -9.19 -0.38 30.29
N ASP B 648 -8.71 -0.17 31.51
CA ASP B 648 -7.51 -0.86 31.97
C ASP B 648 -7.82 -2.33 32.21
N SER B 649 -6.76 -3.14 32.30
CA SER B 649 -6.91 -4.59 32.42
C SER B 649 -7.77 -4.99 33.61
N VAL B 650 -7.70 -4.22 34.68
CA VAL B 650 -8.46 -4.50 35.89
C VAL B 650 -9.96 -4.35 35.66
N THR B 651 -10.35 -3.27 35.00
CA THR B 651 -11.76 -3.03 34.69
C THR B 651 -12.26 -4.02 33.65
N LEU B 652 -11.40 -4.34 32.69
CA LEU B 652 -11.74 -5.30 31.63
C LEU B 652 -12.12 -6.66 32.19
N TYR B 653 -11.63 -6.96 33.38
CA TYR B 653 -11.90 -8.24 34.02
C TYR B 653 -12.86 -8.10 35.21
N GLY B 654 -13.54 -6.96 35.26
CA GLY B 654 -14.60 -6.75 36.23
C GLY B 654 -14.15 -6.59 37.67
N GLU B 655 -12.88 -6.27 37.89
CA GLU B 655 -12.34 -6.18 39.24
C GLU B 655 -12.20 -4.73 39.69
N ASP B 656 -12.30 -4.52 40.99
CA ASP B 656 -12.03 -3.20 41.59
C ASP B 656 -10.53 -3.01 41.78
N PRO B 657 -10.06 -1.76 41.73
CA PRO B 657 -8.66 -1.50 42.03
C PRO B 657 -8.33 -1.85 43.47
N HIS B 658 -7.17 -2.44 43.71
CA HIS B 658 -6.83 -2.89 45.06
C HIS B 658 -5.34 -2.67 45.35
N GLU B 659 -4.97 -2.81 46.62
CA GLU B 659 -3.60 -2.61 47.06
C GLU B 659 -2.69 -3.76 46.65
N ARG B 660 -3.30 -4.93 46.51
CA ARG B 660 -2.64 -6.15 46.06
C ARG B 660 -1.80 -5.91 44.82
N PRO B 661 -0.50 -6.19 44.93
CA PRO B 661 0.47 -5.97 43.85
C PRO B 661 0.09 -6.64 42.53
N ASP B 662 -0.68 -7.73 42.57
CA ASP B 662 -1.10 -8.38 41.33
C ASP B 662 -2.16 -7.56 40.60
N ILE B 663 -2.73 -6.58 41.29
CA ILE B 663 -3.76 -5.72 40.71
C ILE B 663 -3.32 -4.26 40.64
N TYR B 664 -2.71 -3.78 41.71
CA TYR B 664 -2.36 -2.36 41.85
C TYR B 664 -1.53 -1.82 40.69
N GLY B 665 -0.50 -2.55 40.29
CA GLY B 665 0.38 -2.12 39.22
C GLY B 665 -0.30 -2.02 37.87
N LYS B 666 -1.48 -2.62 37.76
CA LYS B 666 -2.20 -2.66 36.49
C LYS B 666 -3.33 -1.63 36.42
N VAL B 667 -3.57 -0.93 37.53
CA VAL B 667 -4.67 0.02 37.60
C VAL B 667 -4.43 1.26 36.75
N GLY B 668 -5.28 1.45 35.74
CA GLY B 668 -5.20 2.61 34.87
C GLY B 668 -3.97 2.63 33.99
N ASN B 669 -3.36 1.46 33.83
CA ASN B 669 -2.11 1.32 33.11
C ASN B 669 -2.31 1.20 31.60
N SER B 670 -3.33 0.45 31.20
CA SER B 670 -3.54 0.15 29.79
C SER B 670 -4.86 0.70 29.27
N GLY B 671 -5.52 1.50 30.11
CA GLY B 671 -6.80 2.10 29.79
C GLY B 671 -7.34 2.83 31.01
N VAL B 672 -8.51 3.45 30.87
CA VAL B 672 -9.10 4.19 31.98
C VAL B 672 -9.61 3.23 33.06
N SER B 673 -9.35 3.56 34.32
CA SER B 673 -9.83 2.73 35.41
C SER B 673 -11.21 3.18 35.86
N ILE B 674 -12.23 2.40 35.51
CA ILE B 674 -13.60 2.69 35.89
C ILE B 674 -14.14 1.61 36.82
N ALA B 675 -14.45 1.99 38.06
CA ALA B 675 -14.86 1.02 39.07
C ALA B 675 -16.28 1.26 39.56
N THR B 676 -16.70 2.52 39.60
CA THR B 676 -18.04 2.86 40.07
C THR B 676 -18.79 3.73 39.07
N LEU B 677 -20.08 3.91 39.31
CA LEU B 677 -20.91 4.78 38.47
C LEU B 677 -20.40 6.22 38.51
N GLU B 678 -19.83 6.61 39.65
CA GLU B 678 -19.31 7.96 39.81
C GLU B 678 -18.09 8.17 38.92
N ASP B 679 -17.30 7.12 38.73
CA ASP B 679 -16.17 7.16 37.80
C ASP B 679 -16.66 7.31 36.37
N MET B 680 -17.70 6.56 36.03
CA MET B 680 -18.29 6.62 34.69
C MET B 680 -18.83 8.00 34.38
N LYS B 681 -19.46 8.63 35.39
CA LYS B 681 -20.01 9.96 35.23
C LYS B 681 -18.91 10.98 34.95
N VAL B 682 -17.82 10.88 35.70
CA VAL B 682 -16.67 11.75 35.51
C VAL B 682 -16.06 11.57 34.11
N LEU B 683 -16.00 10.31 33.67
CA LEU B 683 -15.42 9.96 32.38
C LEU B 683 -16.05 10.71 31.22
N TYR B 684 -17.36 10.95 31.29
CA TYR B 684 -18.06 11.59 30.18
C TYR B 684 -18.67 12.93 30.59
N ASP B 685 -18.13 13.54 31.64
CA ASP B 685 -18.57 14.86 32.04
C ASP B 685 -18.25 15.86 30.95
N GLY B 686 -19.19 16.77 30.68
CA GLY B 686 -19.01 17.76 29.64
C GLY B 686 -19.51 17.26 28.29
N PHE B 687 -19.73 15.95 28.19
CA PHE B 687 -20.25 15.37 26.97
C PHE B 687 -21.73 15.03 27.11
N ASP B 688 -22.56 15.63 26.28
CA ASP B 688 -23.98 15.32 26.28
C ASP B 688 -24.21 14.00 25.53
N LEU B 689 -24.40 12.93 26.29
CA LEU B 689 -24.54 11.59 25.71
C LEU B 689 -25.85 11.45 24.93
N THR B 690 -26.84 12.26 25.29
CA THR B 690 -28.15 12.21 24.65
C THR B 690 -28.25 13.17 23.48
N ASN B 691 -27.16 13.90 23.21
CA ASN B 691 -27.08 14.76 22.05
C ASN B 691 -26.99 13.92 20.78
N PRO B 692 -27.72 14.31 19.73
CA PRO B 692 -27.77 13.54 18.47
C PRO B 692 -26.42 13.42 17.76
N SER B 693 -25.51 14.35 18.00
CA SER B 693 -24.21 14.34 17.34
C SER B 693 -23.10 13.84 18.24
N THR B 694 -23.47 13.06 19.25
CA THR B 694 -22.50 12.49 20.18
C THR B 694 -22.69 10.99 20.35
N SER B 695 -21.65 10.22 20.06
CA SER B 695 -21.70 8.77 20.18
C SER B 695 -20.48 8.24 20.93
N VAL B 696 -20.71 7.38 21.91
CA VAL B 696 -19.62 6.83 22.71
C VAL B 696 -19.42 5.34 22.47
N SER B 697 -18.19 4.94 22.16
CA SER B 697 -17.89 3.54 21.89
C SER B 697 -16.99 2.92 22.95
N MET B 698 -17.60 2.23 23.91
CA MET B 698 -16.87 1.56 24.97
C MET B 698 -16.47 0.16 24.54
N THR B 699 -15.19 -0.17 24.67
CA THR B 699 -14.72 -1.51 24.35
C THR B 699 -14.56 -2.34 25.62
N ILE B 700 -15.56 -3.17 25.89
CA ILE B 700 -15.61 -3.97 27.10
C ILE B 700 -16.38 -5.26 26.79
N ASN B 701 -15.93 -6.38 27.35
CA ASN B 701 -16.51 -7.68 27.00
C ASN B 701 -17.15 -8.43 28.17
N GLY B 702 -16.31 -8.99 29.04
CA GLY B 702 -16.80 -9.73 30.19
C GLY B 702 -17.80 -8.97 31.04
N PRO B 703 -17.40 -7.83 31.61
CA PRO B 703 -18.28 -7.01 32.44
C PRO B 703 -19.14 -6.05 31.64
N ALA B 704 -19.22 -6.25 30.33
CA ALA B 704 -19.97 -5.35 29.44
C ALA B 704 -21.39 -5.02 29.93
N PRO B 705 -22.16 -6.03 30.41
CA PRO B 705 -23.49 -5.63 30.89
C PRO B 705 -23.42 -4.67 32.08
N THR B 706 -22.46 -4.86 32.97
CA THR B 706 -22.31 -4.01 34.13
C THR B 706 -21.87 -2.61 33.73
N ILE B 707 -20.90 -2.53 32.83
CA ILE B 707 -20.38 -1.25 32.34
C ILE B 707 -21.46 -0.50 31.55
N LEU B 708 -22.23 -1.24 30.76
CA LEU B 708 -23.32 -0.65 29.99
C LEU B 708 -24.36 -0.01 30.90
N ALA B 709 -24.67 -0.70 32.00
CA ALA B 709 -25.62 -0.18 32.98
C ALA B 709 -25.12 1.12 33.59
N MET B 710 -23.80 1.21 33.79
CA MET B 710 -23.19 2.44 34.27
C MET B 710 -23.35 3.56 33.27
N PHE B 711 -23.05 3.26 32.00
CA PHE B 711 -23.17 4.24 30.93
C PHE B 711 -24.60 4.74 30.80
N MET B 712 -25.54 3.81 30.79
CA MET B 712 -26.96 4.16 30.67
C MET B 712 -27.39 5.06 31.83
N ASN B 713 -27.02 4.69 33.05
CA ASN B 713 -27.34 5.51 34.21
C ASN B 713 -26.71 6.89 34.13
N THR B 714 -25.50 6.95 33.56
CA THR B 714 -24.81 8.23 33.38
C THR B 714 -25.58 9.12 32.41
N ALA B 715 -25.96 8.55 31.27
CA ALA B 715 -26.71 9.29 30.25
C ALA B 715 -28.04 9.78 30.79
N ILE B 716 -28.66 8.97 31.65
CA ILE B 716 -29.91 9.34 32.28
C ILE B 716 -29.72 10.48 33.28
N ASP B 717 -28.72 10.34 34.13
CA ASP B 717 -28.45 11.32 35.17
C ASP B 717 -28.05 12.68 34.60
N GLN B 718 -27.42 12.67 33.43
CA GLN B 718 -27.04 13.92 32.79
C GLN B 718 -28.26 14.75 32.43
N GLN B 719 -29.30 14.09 31.94
CA GLN B 719 -30.54 14.77 31.57
C GLN B 719 -31.35 15.16 32.79
N ILE B 720 -31.19 14.41 33.88
CA ILE B 720 -31.83 14.76 35.13
C ILE B 720 -31.20 16.02 35.69
N ASP B 721 -29.87 16.11 35.58
CA ASP B 721 -29.15 17.30 36.01
C ASP B 721 -29.49 18.49 35.12
N ARG B 722 -29.61 18.23 33.82
CA ARG B 722 -29.96 19.26 32.85
C ARG B 722 -31.35 19.81 33.12
N PHE B 723 -32.27 18.94 33.54
CA PHE B 723 -33.61 19.38 33.90
C PHE B 723 -33.59 20.18 35.20
N ARG B 724 -32.84 19.69 36.17
CA ARG B 724 -32.74 20.33 37.48
C ARG B 724 -32.10 21.71 37.37
N ALA B 725 -31.37 21.94 36.28
CA ALA B 725 -30.72 23.22 36.04
C ALA B 725 -31.62 24.17 35.25
N ASP B 726 -32.34 23.62 34.28
CA ASP B 726 -33.21 24.43 33.43
C ASP B 726 -34.54 24.75 34.10
N ASN B 727 -34.79 24.13 35.24
CA ASN B 727 -36.04 24.36 35.97
C ASN B 727 -35.80 24.69 37.45
N GLY B 728 -34.56 24.54 37.90
CA GLY B 728 -34.20 24.87 39.26
C GLY B 728 -34.87 24.00 40.30
N ARG B 729 -35.26 22.80 39.89
CA ARG B 729 -35.93 21.86 40.80
C ARG B 729 -35.80 20.43 40.29
N ASP B 730 -35.94 19.47 41.20
CA ASP B 730 -35.94 18.06 40.83
C ASP B 730 -37.21 17.74 40.05
N PRO B 731 -37.10 16.92 39.00
CA PRO B 731 -38.28 16.48 38.26
C PRO B 731 -39.18 15.60 39.10
N THR B 732 -40.49 15.66 38.87
CA THR B 732 -41.43 14.83 39.60
C THR B 732 -41.25 13.37 39.20
N ALA B 733 -41.91 12.47 39.92
CA ALA B 733 -41.82 11.04 39.64
C ALA B 733 -42.27 10.75 38.20
N ASP B 734 -43.23 11.53 37.72
CA ASP B 734 -43.73 11.37 36.36
C ASP B 734 -42.79 12.03 35.36
N GLU B 735 -42.29 13.21 35.70
CA GLU B 735 -41.37 13.95 34.85
C GLU B 735 -40.07 13.17 34.64
N GLU B 736 -39.55 12.61 35.72
CA GLU B 736 -38.33 11.81 35.65
C GLU B 736 -38.54 10.56 34.79
N ALA B 737 -39.71 9.95 34.95
CA ALA B 737 -40.06 8.75 34.18
C ALA B 737 -40.06 9.04 32.68
N LYS B 738 -40.55 10.22 32.31
CA LYS B 738 -40.56 10.63 30.91
C LYS B 738 -39.15 10.89 30.42
N ILE B 739 -38.35 11.56 31.24
CA ILE B 739 -36.96 11.85 30.93
C ILE B 739 -36.15 10.57 30.79
N ARG B 740 -36.28 9.70 31.79
CA ARG B 740 -35.53 8.46 31.84
C ARG B 740 -35.81 7.58 30.62
N ALA B 741 -37.08 7.51 30.23
CA ALA B 741 -37.48 6.72 29.08
C ALA B 741 -36.96 7.31 27.78
N TRP B 742 -36.99 8.64 27.68
CA TRP B 742 -36.52 9.33 26.48
C TRP B 742 -35.03 9.12 26.27
N VAL B 743 -34.26 9.18 27.35
CA VAL B 743 -32.82 8.99 27.30
C VAL B 743 -32.48 7.65 26.67
N LEU B 744 -33.15 6.60 27.12
CA LEU B 744 -32.90 5.24 26.64
C LEU B 744 -33.13 5.10 25.14
N GLN B 745 -34.08 5.87 24.62
CA GLN B 745 -34.44 5.77 23.21
C GLN B 745 -33.43 6.45 22.30
N ASN B 746 -32.96 7.62 22.71
CA ASN B 746 -32.12 8.45 21.85
C ASN B 746 -30.62 8.36 22.12
N VAL B 747 -30.24 7.69 23.20
CA VAL B 747 -28.82 7.58 23.54
C VAL B 747 -28.07 6.84 22.45
N ARG B 748 -27.02 7.49 21.94
CA ARG B 748 -26.23 6.90 20.87
C ARG B 748 -24.89 6.40 21.42
N GLY B 749 -24.54 5.17 21.08
CA GLY B 749 -23.29 4.60 21.53
C GLY B 749 -23.09 3.16 21.14
N THR B 750 -21.92 2.62 21.45
CA THR B 750 -21.58 1.25 21.07
C THR B 750 -20.76 0.56 22.14
N VAL B 751 -21.11 -0.69 22.43
CA VAL B 751 -20.29 -1.54 23.28
C VAL B 751 -19.64 -2.62 22.42
N GLN B 752 -18.36 -2.44 22.09
CA GLN B 752 -17.66 -3.42 21.27
C GLN B 752 -17.51 -4.76 22.00
N ALA B 753 -18.64 -5.43 22.22
CA ALA B 753 -18.66 -6.66 23.01
C ALA B 753 -18.87 -7.89 22.15
N ASP B 754 -17.82 -8.68 22.00
CA ASP B 754 -17.93 -9.99 21.38
C ASP B 754 -17.62 -11.04 22.42
N ILE B 755 -18.66 -11.68 22.94
CA ILE B 755 -18.49 -12.68 24.00
C ILE B 755 -17.80 -13.93 23.47
N LEU B 756 -18.17 -14.35 22.26
CA LEU B 756 -17.69 -15.60 21.70
C LEU B 756 -16.20 -15.62 21.40
N LYS B 757 -15.66 -14.49 20.92
CA LYS B 757 -14.25 -14.41 20.57
C LYS B 757 -13.33 -14.65 21.77
N GLU B 758 -13.83 -14.37 22.97
CA GLU B 758 -13.05 -14.46 24.19
C GLU B 758 -12.51 -15.86 24.42
N ASP B 759 -13.33 -16.87 24.15
CA ASP B 759 -12.93 -18.25 24.40
C ASP B 759 -12.25 -18.86 23.18
N GLN B 760 -12.56 -18.34 22.00
CA GLN B 760 -12.13 -18.97 20.76
C GLN B 760 -10.65 -18.78 20.43
N GLY B 761 -10.01 -17.78 21.01
CA GLY B 761 -8.59 -17.58 20.74
C GLY B 761 -7.86 -16.69 21.72
N GLN B 762 -8.49 -16.40 22.85
CA GLN B 762 -7.95 -15.41 23.77
C GLN B 762 -7.68 -15.91 25.19
N ASN B 763 -8.58 -16.74 25.71
CA ASN B 763 -8.60 -17.09 27.13
C ASN B 763 -8.73 -15.84 28.00
N THR B 764 -9.73 -15.02 27.69
CA THR B 764 -9.97 -13.75 28.37
C THR B 764 -11.23 -13.86 29.23
N CYS B 765 -11.94 -14.97 29.06
CA CYS B 765 -13.23 -15.17 29.73
C CYS B 765 -13.17 -14.97 31.23
N ILE B 766 -14.04 -14.10 31.73
CA ILE B 766 -14.17 -13.87 33.17
C ILE B 766 -15.48 -14.52 33.64
N PHE B 767 -16.44 -14.61 32.72
CA PHE B 767 -17.71 -15.28 32.98
C PHE B 767 -17.79 -16.55 32.14
N SER B 768 -18.56 -17.53 32.61
CA SER B 768 -18.80 -18.75 31.83
C SER B 768 -19.51 -18.36 30.55
N THR B 769 -19.13 -19.02 29.45
CA THR B 769 -19.57 -18.61 28.13
C THR B 769 -21.09 -18.57 27.99
N GLU B 770 -21.76 -19.60 28.48
CA GLU B 770 -23.21 -19.69 28.37
C GLU B 770 -23.91 -18.57 29.15
N PHE B 771 -23.38 -18.24 30.32
CA PHE B 771 -23.98 -17.20 31.14
C PHE B 771 -23.85 -15.84 30.48
N SER B 772 -22.68 -15.58 29.90
CA SER B 772 -22.43 -14.30 29.24
C SER B 772 -23.40 -14.09 28.09
N LEU B 773 -23.65 -15.16 27.33
CA LEU B 773 -24.58 -15.10 26.21
C LEU B 773 -26.01 -14.91 26.71
N LYS B 774 -26.32 -15.51 27.85
CA LYS B 774 -27.63 -15.36 28.47
C LYS B 774 -27.89 -13.91 28.82
N VAL B 775 -26.94 -13.28 29.51
CA VAL B 775 -27.08 -11.89 29.91
C VAL B 775 -27.04 -10.99 28.69
N MET B 776 -26.28 -11.41 27.69
CA MET B 776 -26.19 -10.67 26.43
C MET B 776 -27.57 -10.52 25.80
N GLY B 777 -28.33 -11.60 25.83
CA GLY B 777 -29.68 -11.60 25.30
C GLY B 777 -30.61 -10.75 26.14
N ASP B 778 -30.40 -10.77 27.45
CA ASP B 778 -31.15 -9.93 28.37
C ASP B 778 -31.02 -8.46 28.00
N ILE B 779 -29.81 -8.07 27.61
CA ILE B 779 -29.54 -6.70 27.20
C ILE B 779 -30.35 -6.34 25.96
N GLN B 780 -30.37 -7.25 24.98
CA GLN B 780 -31.11 -7.02 23.75
C GLN B 780 -32.62 -7.02 24.02
N GLU B 781 -33.02 -7.85 24.98
CA GLU B 781 -34.41 -7.93 25.41
C GLU B 781 -34.84 -6.63 26.07
N TYR B 782 -33.95 -6.08 26.89
CA TYR B 782 -34.17 -4.81 27.55
C TYR B 782 -34.25 -3.68 26.53
N PHE B 783 -33.38 -3.74 25.53
CA PHE B 783 -33.34 -2.73 24.48
C PHE B 783 -34.66 -2.65 23.71
N VAL B 784 -35.19 -3.82 23.34
CA VAL B 784 -36.42 -3.90 22.57
C VAL B 784 -37.59 -3.32 23.36
N HIS B 785 -37.66 -3.67 24.64
CA HIS B 785 -38.76 -3.22 25.48
C HIS B 785 -38.79 -1.71 25.67
N HIS B 786 -37.61 -1.11 25.78
CA HIS B 786 -37.51 0.33 26.01
C HIS B 786 -37.20 1.10 24.74
N GLN B 787 -37.30 0.41 23.60
CA GLN B 787 -37.12 1.03 22.29
C GLN B 787 -35.77 1.73 22.14
N VAL B 788 -34.73 1.11 22.69
CA VAL B 788 -33.37 1.60 22.52
C VAL B 788 -32.90 1.32 21.09
N ARG B 789 -33.26 2.19 20.16
CA ARG B 789 -33.02 1.95 18.75
C ARG B 789 -31.81 2.71 18.21
N ASN B 790 -31.03 3.31 19.09
CA ASN B 790 -29.86 4.06 18.67
C ASN B 790 -28.55 3.45 19.18
N PHE B 791 -28.64 2.64 20.23
CA PHE B 791 -27.44 2.06 20.82
C PHE B 791 -27.13 0.68 20.25
N TYR B 792 -25.84 0.42 20.03
CA TYR B 792 -25.38 -0.86 19.51
C TYR B 792 -24.71 -1.67 20.62
N SER B 793 -25.27 -2.83 20.94
CA SER B 793 -24.81 -3.61 22.08
C SER B 793 -23.82 -4.71 21.71
N VAL B 794 -23.70 -5.01 20.43
CA VAL B 794 -22.84 -6.09 19.98
C VAL B 794 -21.99 -5.71 18.78
N SER B 795 -20.70 -6.03 18.87
CA SER B 795 -19.79 -5.86 17.75
C SER B 795 -19.02 -7.15 17.52
N ILE B 796 -19.44 -7.93 16.53
CA ILE B 796 -18.78 -9.19 16.23
C ILE B 796 -17.40 -8.93 15.63
N SER B 797 -16.37 -9.44 16.28
CA SER B 797 -15.01 -9.24 15.81
C SER B 797 -14.38 -10.53 15.31
N GLY B 798 -13.33 -10.38 14.53
CA GLY B 798 -12.55 -11.49 14.04
C GLY B 798 -11.09 -11.06 13.93
N TYR B 799 -10.80 -9.89 14.50
CA TYR B 799 -9.46 -9.35 14.46
C TYR B 799 -8.55 -10.21 15.32
N HIS B 800 -8.99 -10.50 16.53
CA HIS B 800 -8.21 -11.31 17.44
C HIS B 800 -8.04 -12.73 16.93
N ILE B 801 -9.06 -13.27 16.26
CA ILE B 801 -9.00 -14.64 15.75
C ILE B 801 -7.91 -14.76 14.69
N ALA B 802 -7.82 -13.77 13.81
CA ALA B 802 -6.82 -13.75 12.75
C ALA B 802 -5.43 -13.47 13.33
N GLU B 803 -5.37 -12.46 14.20
CA GLU B 803 -4.14 -12.05 14.88
C GLU B 803 -3.52 -13.21 15.65
N ALA B 804 -4.37 -14.10 16.13
CA ALA B 804 -3.92 -15.28 16.86
C ALA B 804 -3.25 -16.30 15.93
N GLY B 805 -3.53 -16.19 14.64
CA GLY B 805 -2.88 -17.05 13.66
C GLY B 805 -3.78 -17.58 12.56
N ALA B 806 -5.08 -17.43 12.73
CA ALA B 806 -6.04 -17.97 11.76
C ALA B 806 -5.89 -17.32 10.39
N ASN B 807 -5.90 -18.15 9.34
CA ASN B 807 -5.85 -17.65 7.97
C ASN B 807 -7.17 -16.94 7.62
N PRO B 808 -7.18 -16.10 6.57
CA PRO B 808 -8.37 -15.32 6.22
C PRO B 808 -9.66 -16.13 6.08
N ILE B 809 -9.57 -17.38 5.64
CA ILE B 809 -10.75 -18.22 5.52
C ILE B 809 -11.32 -18.54 6.90
N SER B 810 -10.45 -18.99 7.80
CA SER B 810 -10.87 -19.31 9.16
C SER B 810 -11.43 -18.09 9.87
N GLN B 811 -10.76 -16.96 9.70
CA GLN B 811 -11.20 -15.72 10.34
C GLN B 811 -12.60 -15.34 9.89
N LEU B 812 -12.79 -15.26 8.57
CA LEU B 812 -14.07 -14.88 8.00
C LEU B 812 -15.17 -15.88 8.37
N ALA B 813 -14.86 -17.17 8.29
CA ALA B 813 -15.82 -18.22 8.57
C ALA B 813 -16.26 -18.17 10.04
N PHE B 814 -15.29 -18.18 10.94
CA PHE B 814 -15.59 -18.17 12.37
C PHE B 814 -16.39 -16.93 12.76
N THR B 815 -16.02 -15.78 12.21
CA THR B 815 -16.65 -14.51 12.55
C THR B 815 -18.10 -14.47 12.10
N LEU B 816 -18.36 -14.86 10.86
CA LEU B 816 -19.73 -14.94 10.36
C LEU B 816 -20.51 -15.97 11.17
N ALA B 817 -19.86 -17.07 11.50
CA ALA B 817 -20.47 -18.12 12.31
C ALA B 817 -20.87 -17.57 13.67
N ASN B 818 -19.97 -16.81 14.29
CA ASN B 818 -20.24 -16.18 15.57
C ASN B 818 -21.41 -15.21 15.45
N GLY B 819 -21.41 -14.44 14.37
CA GLY B 819 -22.47 -13.48 14.12
C GLY B 819 -23.82 -14.15 13.99
N PHE B 820 -23.88 -15.23 13.21
CA PHE B 820 -25.11 -15.97 13.03
C PHE B 820 -25.56 -16.61 14.34
N THR B 821 -24.61 -16.96 15.19
CA THR B 821 -24.91 -17.52 16.49
C THR B 821 -25.67 -16.53 17.36
N TYR B 822 -25.20 -15.28 17.36
CA TYR B 822 -25.89 -14.20 18.06
C TYR B 822 -27.29 -14.03 17.52
N VAL B 823 -27.43 -14.13 16.20
CA VAL B 823 -28.73 -14.02 15.55
C VAL B 823 -29.66 -15.12 16.04
N GLU B 824 -29.21 -16.36 15.97
CA GLU B 824 -29.99 -17.49 16.45
C GLU B 824 -30.29 -17.37 17.93
N ALA B 825 -29.35 -16.81 18.68
CA ALA B 825 -29.51 -16.63 20.11
C ALA B 825 -30.62 -15.66 20.42
N TYR B 826 -30.64 -14.54 19.70
CA TYR B 826 -31.65 -13.50 19.93
C TYR B 826 -33.01 -13.93 19.40
N LEU B 827 -33.00 -14.75 18.35
CA LEU B 827 -34.25 -15.23 17.77
C LEU B 827 -34.96 -16.21 18.70
N ALA B 828 -34.16 -17.03 19.37
CA ALA B 828 -34.71 -18.02 20.31
C ALA B 828 -35.20 -17.35 21.59
N ARG B 829 -34.99 -16.05 21.72
CA ARG B 829 -35.59 -15.32 22.83
C ARG B 829 -36.93 -14.75 22.37
N GLY B 830 -37.36 -15.18 21.19
CA GLY B 830 -38.63 -14.77 20.63
C GLY B 830 -38.59 -13.39 19.98
N MET B 831 -37.39 -12.88 19.75
CA MET B 831 -37.23 -11.53 19.21
C MET B 831 -37.33 -11.48 17.70
N HIS B 832 -37.64 -10.29 17.18
CA HIS B 832 -37.77 -10.09 15.75
C HIS B 832 -36.41 -9.77 15.13
N ILE B 833 -36.20 -10.27 13.92
CA ILE B 833 -34.92 -10.18 13.24
C ILE B 833 -34.58 -8.75 12.82
N ASP B 834 -35.60 -7.95 12.52
CA ASP B 834 -35.38 -6.58 12.08
C ASP B 834 -35.15 -5.62 13.24
N ASP B 835 -35.08 -6.16 14.46
CA ASP B 835 -34.92 -5.33 15.65
C ASP B 835 -33.48 -5.31 16.17
N PHE B 836 -32.71 -6.34 15.83
CA PHE B 836 -31.33 -6.41 16.33
C PHE B 836 -30.29 -6.55 15.23
N ALA B 837 -30.72 -7.02 14.05
CA ALA B 837 -29.79 -7.19 12.94
C ALA B 837 -29.15 -5.89 12.44
N PRO B 838 -29.92 -4.78 12.35
CA PRO B 838 -29.24 -3.56 11.93
C PRO B 838 -28.22 -3.02 12.95
N ASN B 839 -28.28 -3.52 14.18
CA ASN B 839 -27.35 -3.07 15.21
C ASN B 839 -26.05 -3.87 15.19
N LEU B 840 -26.02 -4.92 14.38
CA LEU B 840 -24.87 -5.80 14.36
C LEU B 840 -23.73 -5.24 13.51
N SER B 841 -22.61 -4.98 14.17
CA SER B 841 -21.42 -4.47 13.51
C SER B 841 -20.36 -5.57 13.40
N PHE B 842 -19.53 -5.49 12.37
CA PHE B 842 -18.47 -6.48 12.19
C PHE B 842 -17.08 -5.84 12.20
N PHE B 843 -16.04 -6.66 12.34
CA PHE B 843 -14.68 -6.19 12.56
C PHE B 843 -13.65 -7.19 12.05
N PHE B 844 -13.04 -6.92 10.90
CA PHE B 844 -12.13 -7.89 10.27
C PHE B 844 -10.67 -7.43 10.24
N SER B 845 -9.78 -8.33 9.83
CA SER B 845 -8.37 -8.05 9.66
C SER B 845 -7.99 -8.13 8.18
N ASN B 846 -7.07 -7.27 7.75
CA ASN B 846 -6.57 -7.32 6.38
C ASN B 846 -5.07 -7.57 6.34
N GLY B 847 -4.68 -8.76 5.92
CA GLY B 847 -3.28 -9.12 5.81
C GLY B 847 -2.78 -9.13 4.38
N MET B 848 -1.73 -9.89 4.13
CA MET B 848 -1.12 -9.93 2.80
C MET B 848 -1.72 -11.05 1.94
N ASP B 849 -2.36 -12.02 2.57
CA ASP B 849 -2.96 -13.15 1.85
C ASP B 849 -3.93 -12.68 0.78
N PRO B 850 -3.97 -13.39 -0.35
CA PRO B 850 -4.85 -13.05 -1.48
C PRO B 850 -6.32 -12.96 -1.10
N GLU B 851 -6.77 -13.82 -0.19
CA GLU B 851 -8.18 -13.87 0.20
C GLU B 851 -8.66 -12.58 0.84
N TYR B 852 -7.74 -11.83 1.44
CA TYR B 852 -8.10 -10.59 2.13
C TYR B 852 -8.66 -9.54 1.17
N SER B 853 -8.30 -9.66 -0.11
CA SER B 853 -8.75 -8.71 -1.11
C SER B 853 -10.26 -8.78 -1.32
N VAL B 854 -10.82 -9.97 -1.10
CA VAL B 854 -12.24 -10.19 -1.32
C VAL B 854 -12.97 -10.59 -0.04
N LEU B 855 -12.31 -10.42 1.09
CA LEU B 855 -12.90 -10.83 2.37
C LEU B 855 -14.18 -10.05 2.65
N GLY B 856 -14.13 -8.74 2.46
CA GLY B 856 -15.26 -7.88 2.76
C GLY B 856 -16.48 -8.15 1.90
N ARG B 857 -16.27 -8.26 0.59
CA ARG B 857 -17.36 -8.48 -0.35
C ARG B 857 -18.04 -9.82 -0.12
N VAL B 858 -17.24 -10.83 0.23
CA VAL B 858 -17.78 -12.15 0.55
C VAL B 858 -18.67 -12.08 1.79
N ALA B 859 -18.17 -11.38 2.81
CA ALA B 859 -18.91 -11.21 4.05
C ALA B 859 -20.25 -10.53 3.80
N ARG B 860 -20.25 -9.55 2.90
CA ARG B 860 -21.47 -8.82 2.59
C ARG B 860 -22.51 -9.69 1.88
N ARG B 861 -22.05 -10.49 0.92
CA ARG B 861 -22.97 -11.32 0.14
C ARG B 861 -23.57 -12.45 0.96
N ILE B 862 -22.73 -13.15 1.72
CA ILE B 862 -23.18 -14.24 2.57
C ILE B 862 -24.23 -13.74 3.55
N TRP B 863 -23.99 -12.55 4.10
CA TRP B 863 -24.92 -11.97 5.05
C TRP B 863 -26.23 -11.59 4.36
N ALA B 864 -26.13 -10.81 3.28
CA ALA B 864 -27.30 -10.30 2.57
C ALA B 864 -28.21 -11.42 2.10
N VAL B 865 -27.63 -12.45 1.48
CA VAL B 865 -28.41 -13.57 0.95
C VAL B 865 -29.11 -14.33 2.07
N THR B 866 -28.38 -14.66 3.12
CA THR B 866 -28.94 -15.38 4.26
C THR B 866 -29.99 -14.56 4.99
N MET B 867 -29.69 -13.28 5.25
CA MET B 867 -30.64 -12.43 5.98
C MET B 867 -31.95 -12.26 5.21
N ARG B 868 -31.88 -12.34 3.88
CA ARG B 868 -33.07 -12.17 3.06
C ARG B 868 -33.83 -13.49 2.89
N ASP B 869 -33.12 -14.52 2.43
CA ASP B 869 -33.76 -15.79 2.12
C ASP B 869 -34.06 -16.61 3.38
N LYS B 870 -33.06 -16.78 4.24
CA LYS B 870 -33.22 -17.62 5.43
C LYS B 870 -34.04 -16.94 6.53
N TYR B 871 -33.63 -15.74 6.93
CA TYR B 871 -34.26 -15.08 8.07
C TYR B 871 -35.35 -14.09 7.68
N GLY B 872 -35.45 -13.80 6.38
CA GLY B 872 -36.51 -12.94 5.86
C GLY B 872 -36.53 -11.55 6.46
N ALA B 873 -35.35 -10.97 6.65
CA ALA B 873 -35.24 -9.66 7.25
C ALA B 873 -35.31 -8.57 6.19
N ASN B 874 -35.37 -7.32 6.64
CA ASN B 874 -35.51 -6.20 5.73
C ASN B 874 -34.16 -5.75 5.16
N ASP B 875 -34.19 -4.67 4.38
CA ASP B 875 -33.00 -4.18 3.68
C ASP B 875 -31.88 -3.76 4.63
N ARG B 876 -32.23 -3.02 5.67
CA ARG B 876 -31.25 -2.54 6.64
C ARG B 876 -30.50 -3.69 7.30
N SER B 877 -31.19 -4.81 7.45
CA SER B 877 -30.61 -5.98 8.10
C SER B 877 -29.70 -6.76 7.17
N GLN B 878 -29.99 -6.73 5.87
CA GLN B 878 -29.20 -7.46 4.89
C GLN B 878 -27.85 -6.79 4.63
N LYS B 879 -27.71 -5.56 5.10
CA LYS B 879 -26.50 -4.79 4.87
C LYS B 879 -25.47 -4.99 5.98
N LEU B 880 -24.43 -5.77 5.69
CA LEU B 880 -23.37 -6.01 6.66
C LEU B 880 -22.35 -4.88 6.62
N LYS B 881 -22.30 -4.11 7.70
CA LYS B 881 -21.30 -3.05 7.83
C LYS B 881 -20.14 -3.57 8.68
N TYR B 882 -18.92 -3.23 8.29
CA TYR B 882 -17.75 -3.74 9.00
C TYR B 882 -16.60 -2.76 9.07
N HIS B 883 -15.74 -2.95 10.07
CA HIS B 883 -14.50 -2.19 10.21
C HIS B 883 -13.32 -3.09 9.84
N ILE B 884 -12.38 -2.56 9.08
CA ILE B 884 -11.17 -3.31 8.75
C ILE B 884 -9.94 -2.64 9.35
N GLN B 885 -9.16 -3.41 10.09
CA GLN B 885 -7.90 -2.92 10.63
C GLN B 885 -6.74 -3.74 10.08
N THR B 886 -5.72 -3.07 9.57
CA THR B 886 -4.60 -3.76 8.92
C THR B 886 -3.93 -4.73 9.91
N SER B 887 -3.44 -5.84 9.39
CA SER B 887 -2.88 -6.89 10.22
C SER B 887 -1.64 -6.40 10.97
N GLY B 888 -1.68 -6.51 12.29
CA GLY B 888 -0.56 -6.09 13.12
C GLY B 888 0.50 -7.17 13.17
N ARG B 889 0.06 -8.43 13.05
CA ARG B 889 0.93 -9.58 12.99
C ARG B 889 1.88 -9.49 11.79
N SER B 890 1.37 -8.95 10.69
CA SER B 890 2.12 -8.86 9.44
C SER B 890 3.27 -7.86 9.51
N LEU B 891 3.26 -7.01 10.53
CA LEU B 891 4.33 -6.05 10.74
C LEU B 891 5.35 -6.61 11.73
N HIS B 892 6.63 -6.30 11.50
CA HIS B 892 7.71 -6.90 12.29
C HIS B 892 8.62 -5.87 12.95
N ALA B 893 9.44 -6.36 13.89
CA ALA B 893 10.36 -5.52 14.62
C ALA B 893 11.61 -5.23 13.80
N GLN B 894 11.99 -6.19 12.96
CA GLN B 894 13.15 -6.03 12.08
C GLN B 894 12.79 -5.14 10.88
N GLU B 895 13.58 -4.10 10.65
CA GLU B 895 13.35 -3.15 9.57
C GLU B 895 11.94 -2.56 9.66
N ILE B 896 11.70 -1.73 10.67
CA ILE B 896 10.37 -1.21 10.94
C ILE B 896 9.87 -0.27 9.84
N ASP B 897 10.78 0.23 9.02
CA ASP B 897 10.41 1.11 7.92
C ASP B 897 9.64 0.35 6.84
N PHE B 898 9.83 -0.97 6.78
CA PHE B 898 9.18 -1.81 5.78
C PHE B 898 7.69 -1.95 6.04
N ASN B 899 7.30 -1.79 7.31
CA ASN B 899 5.92 -2.02 7.71
C ASN B 899 4.93 -1.04 7.08
N ASP B 900 5.38 0.16 6.76
CA ASP B 900 4.53 1.14 6.10
C ASP B 900 4.16 0.69 4.69
N ILE B 901 5.04 -0.09 4.07
CA ILE B 901 4.76 -0.66 2.76
C ILE B 901 3.61 -1.66 2.86
N ARG B 902 3.72 -2.57 3.82
CA ARG B 902 2.70 -3.59 4.02
C ARG B 902 1.39 -2.97 4.47
N THR B 903 1.46 -1.96 5.33
CA THR B 903 0.26 -1.33 5.86
C THR B 903 -0.44 -0.53 4.77
N THR B 904 0.31 -0.12 3.75
CA THR B 904 -0.26 0.59 2.61
C THR B 904 -1.07 -0.35 1.73
N LEU B 905 -0.45 -1.44 1.31
CA LEU B 905 -1.09 -2.44 0.47
C LEU B 905 -2.36 -2.98 1.13
N GLN B 906 -2.29 -3.21 2.44
CA GLN B 906 -3.44 -3.73 3.18
C GLN B 906 -4.55 -2.69 3.27
N ALA B 907 -4.16 -1.43 3.46
CA ALA B 907 -5.14 -0.35 3.52
C ALA B 907 -5.79 -0.13 2.16
N LEU B 908 -5.06 -0.45 1.09
CA LEU B 908 -5.56 -0.23 -0.26
C LEU B 908 -6.73 -1.15 -0.59
N ILE B 909 -6.53 -2.45 -0.41
CA ILE B 909 -7.57 -3.43 -0.75
C ILE B 909 -8.79 -3.29 0.15
N ALA B 910 -8.61 -2.67 1.30
CA ALA B 910 -9.71 -2.38 2.21
C ALA B 910 -10.62 -1.32 1.61
N ILE B 911 -10.01 -0.26 1.09
CA ILE B 911 -10.75 0.85 0.49
C ILE B 911 -11.32 0.46 -0.87
N TYR B 912 -10.55 -0.32 -1.63
CA TYR B 912 -11.02 -0.84 -2.91
C TYR B 912 -12.32 -1.61 -2.73
N ASP B 913 -12.33 -2.49 -1.73
CA ASP B 913 -13.48 -3.35 -1.46
C ASP B 913 -14.54 -2.63 -0.63
N ASN B 914 -14.47 -1.29 -0.63
CA ASN B 914 -15.49 -0.43 -0.05
C ASN B 914 -15.84 -0.76 1.39
N CYS B 915 -14.85 -0.69 2.27
CA CYS B 915 -15.05 -0.90 3.70
C CYS B 915 -15.78 0.28 4.32
N ASN B 916 -16.34 0.08 5.51
CA ASN B 916 -17.09 1.13 6.19
C ASN B 916 -16.23 1.93 7.17
N SER B 917 -15.15 1.30 7.63
CA SER B 917 -14.27 1.92 8.61
C SER B 917 -12.89 1.27 8.56
N LEU B 918 -11.84 2.09 8.59
CA LEU B 918 -10.49 1.59 8.42
C LEU B 918 -9.52 2.13 9.46
N HIS B 919 -8.76 1.23 10.09
CA HIS B 919 -7.64 1.63 10.95
C HIS B 919 -6.32 1.23 10.33
N THR B 920 -5.35 2.12 10.41
CA THR B 920 -4.04 1.89 9.82
C THR B 920 -2.96 1.81 10.89
N ASN B 921 -2.16 0.75 10.84
CA ASN B 921 -1.13 0.51 11.86
C ASN B 921 0.15 1.29 11.62
N ALA B 922 0.81 1.65 12.70
CA ALA B 922 2.05 2.42 12.65
C ALA B 922 3.22 1.53 12.23
N TYR B 923 4.35 2.16 11.88
CA TYR B 923 5.53 1.42 11.47
C TYR B 923 6.21 0.75 12.66
N ILE B 927 5.97 -2.20 18.24
CA ILE B 927 7.17 -2.27 19.06
C ILE B 927 7.13 -1.24 20.20
N THR B 928 7.50 0.00 19.90
CA THR B 928 7.56 1.05 20.91
C THR B 928 6.20 1.71 21.13
N THR B 929 6.21 2.77 21.95
CA THR B 929 4.98 3.50 22.27
C THR B 929 4.40 4.22 21.05
N PRO B 930 3.07 4.36 21.00
CA PRO B 930 2.42 5.03 19.87
C PRO B 930 2.74 6.52 19.81
N THR B 931 3.89 6.87 19.24
CA THR B 931 4.31 8.26 19.15
C THR B 931 3.40 9.05 18.22
N ALA B 932 3.33 10.36 18.42
CA ALA B 932 2.50 11.22 17.60
C ALA B 932 3.03 11.33 16.17
N GLU B 933 4.30 10.96 16.01
CA GLU B 933 4.93 10.96 14.69
C GLU B 933 4.58 9.67 13.96
N SER B 934 4.58 8.57 14.69
CA SER B 934 4.30 7.26 14.11
C SER B 934 2.83 7.14 13.68
N VAL B 935 1.95 7.82 14.40
CA VAL B 935 0.53 7.76 14.11
C VAL B 935 0.19 8.62 12.89
N ARG B 936 1.03 9.61 12.61
CA ARG B 936 0.82 10.48 11.45
C ARG B 936 1.15 9.76 10.15
N ARG B 937 2.21 8.95 10.18
CA ARG B 937 2.58 8.15 9.02
C ARG B 937 1.49 7.13 8.71
N ALA B 938 0.90 6.58 9.77
CA ALA B 938 -0.20 5.64 9.61
C ALA B 938 -1.45 6.35 9.09
N LEU B 939 -1.68 7.55 9.60
CA LEU B 939 -2.86 8.33 9.22
C LEU B 939 -2.69 8.90 7.81
N ALA B 940 -1.44 9.02 7.36
CA ALA B 940 -1.15 9.56 6.04
C ALA B 940 -1.43 8.54 4.94
N ILE B 941 -1.28 7.27 5.28
CA ILE B 941 -1.55 6.19 4.34
C ILE B 941 -2.97 6.30 3.82
N GLN B 942 -3.92 6.53 4.72
CA GLN B 942 -5.32 6.67 4.33
C GLN B 942 -5.55 7.94 3.53
N LEU B 943 -4.94 9.04 3.99
CA LEU B 943 -5.10 10.32 3.33
C LEU B 943 -4.54 10.31 1.91
N ILE B 944 -3.40 9.66 1.73
CA ILE B 944 -2.78 9.58 0.41
C ILE B 944 -3.61 8.74 -0.56
N ILE B 945 -4.11 7.60 -0.08
CA ILE B 945 -4.93 6.74 -0.93
C ILE B 945 -6.25 7.42 -1.26
N ASN B 946 -6.92 7.97 -0.25
CA ASN B 946 -8.23 8.58 -0.44
C ASN B 946 -8.18 9.84 -1.32
N ARG B 947 -7.13 10.63 -1.15
CA ARG B 947 -7.04 11.94 -1.81
C ARG B 947 -6.16 11.96 -3.06
N GLU B 948 -4.97 11.37 -2.96
CA GLU B 948 -4.00 11.43 -4.05
C GLU B 948 -4.13 10.28 -5.07
N TRP B 949 -4.43 9.09 -4.58
CA TRP B 949 -4.43 7.91 -5.43
C TRP B 949 -5.52 7.97 -6.49
N GLY B 950 -5.14 7.71 -7.74
CA GLY B 950 -6.01 7.89 -8.88
C GLY B 950 -7.08 6.83 -9.03
N VAL B 951 -6.69 5.57 -8.95
CA VAL B 951 -7.62 4.46 -9.07
C VAL B 951 -8.72 4.58 -8.01
N ALA B 952 -8.35 5.12 -6.85
CA ALA B 952 -9.26 5.23 -5.72
C ALA B 952 -10.45 6.14 -6.00
N LYS B 953 -10.35 6.96 -7.04
CA LYS B 953 -11.44 7.86 -7.44
C LYS B 953 -12.63 7.07 -7.96
N CYS B 954 -12.39 5.80 -8.28
CA CYS B 954 -13.46 4.89 -8.66
C CYS B 954 -13.86 4.07 -7.44
N GLU B 955 -15.16 3.92 -7.22
CA GLU B 955 -15.64 3.32 -5.97
C GLU B 955 -15.93 1.82 -6.09
N ASN B 956 -15.90 1.29 -7.31
CA ASN B 956 -15.99 -0.15 -7.50
C ASN B 956 -14.91 -0.70 -8.45
N PRO B 957 -13.63 -0.40 -8.15
CA PRO B 957 -12.58 -0.83 -9.08
C PRO B 957 -12.39 -2.34 -9.08
N ASN B 958 -12.78 -2.99 -8.00
CA ASN B 958 -12.67 -4.44 -7.90
C ASN B 958 -13.61 -5.15 -8.88
N GLN B 959 -14.80 -4.57 -9.06
CA GLN B 959 -15.84 -5.21 -9.86
C GLN B 959 -15.43 -5.39 -11.32
N GLY B 960 -15.73 -6.57 -11.86
CA GLY B 960 -15.36 -6.89 -13.22
C GLY B 960 -14.16 -7.81 -13.29
N SER B 961 -13.20 -7.59 -12.40
CA SER B 961 -11.95 -8.35 -12.40
C SER B 961 -12.19 -9.85 -12.34
N PHE B 962 -11.57 -10.57 -13.26
CA PHE B 962 -11.69 -12.02 -13.32
C PHE B 962 -11.18 -12.66 -12.04
N LEU B 963 -10.02 -12.18 -11.58
CA LEU B 963 -9.42 -12.68 -10.36
C LEU B 963 -10.32 -12.46 -9.15
N ILE B 964 -10.87 -11.25 -9.05
CA ILE B 964 -11.71 -10.90 -7.91
C ILE B 964 -12.97 -11.75 -7.85
N GLU B 965 -13.62 -11.93 -8.98
CA GLU B 965 -14.86 -12.71 -9.01
C GLU B 965 -14.60 -14.18 -8.70
N GLU B 966 -13.50 -14.72 -9.23
CA GLU B 966 -13.15 -16.10 -8.95
C GLU B 966 -12.80 -16.27 -7.47
N LEU B 967 -11.96 -15.38 -6.96
CA LEU B 967 -11.57 -15.41 -5.55
C LEU B 967 -12.78 -15.24 -4.63
N THR B 968 -13.72 -14.39 -5.05
CA THR B 968 -14.94 -14.15 -4.28
C THR B 968 -15.74 -15.44 -4.18
N ASP B 969 -15.88 -16.15 -5.29
CA ASP B 969 -16.63 -17.40 -5.31
C ASP B 969 -15.94 -18.46 -4.46
N LEU B 970 -14.62 -18.55 -4.58
CA LEU B 970 -13.85 -19.56 -3.85
C LEU B 970 -13.93 -19.35 -2.34
N VAL B 971 -13.59 -18.15 -1.90
CA VAL B 971 -13.61 -17.81 -0.49
C VAL B 971 -14.99 -18.03 0.12
N GLU B 972 -16.02 -17.63 -0.63
CA GLU B 972 -17.40 -17.82 -0.21
C GLU B 972 -17.69 -19.28 0.08
N GLU B 973 -17.36 -20.15 -0.87
CA GLU B 973 -17.59 -21.58 -0.74
C GLU B 973 -16.75 -22.17 0.40
N ALA B 974 -15.51 -21.71 0.50
CA ALA B 974 -14.61 -22.16 1.57
C ALA B 974 -15.21 -21.87 2.94
N VAL B 975 -15.82 -20.70 3.08
CA VAL B 975 -16.50 -20.32 4.30
C VAL B 975 -17.70 -21.23 4.56
N LEU B 976 -18.49 -21.48 3.52
CA LEU B 976 -19.67 -22.33 3.62
C LEU B 976 -19.31 -23.74 4.08
N GLN B 977 -18.21 -24.26 3.57
CA GLN B 977 -17.77 -25.60 3.96
C GLN B 977 -17.36 -25.61 5.42
N GLU B 978 -16.75 -24.53 5.88
CA GLU B 978 -16.38 -24.41 7.28
C GLU B 978 -17.61 -24.28 8.16
N PHE B 979 -18.65 -23.61 7.64
CA PHE B 979 -19.93 -23.54 8.34
C PHE B 979 -20.44 -24.94 8.63
N GLU B 980 -20.33 -25.81 7.63
CA GLU B 980 -20.79 -27.18 7.73
C GLU B 980 -19.96 -27.96 8.75
N ARG B 981 -18.66 -27.70 8.78
CA ARG B 981 -17.77 -28.36 9.72
C ARG B 981 -18.12 -27.99 11.16
N ILE B 982 -18.48 -26.73 11.38
CA ILE B 982 -18.85 -26.27 12.70
C ILE B 982 -20.24 -26.81 13.05
N ALA B 983 -21.10 -26.90 12.05
CA ALA B 983 -22.45 -27.38 12.26
C ALA B 983 -22.49 -28.84 12.71
N GLU B 984 -21.59 -29.66 12.16
CA GLU B 984 -21.53 -31.07 12.52
C GLU B 984 -20.76 -31.28 13.81
N ARG B 985 -20.39 -30.18 14.46
CA ARG B 985 -19.75 -30.24 15.77
C ARG B 985 -20.67 -29.65 16.83
N GLY B 986 -21.92 -29.40 16.45
CA GLY B 986 -22.93 -28.94 17.37
C GLY B 986 -23.15 -27.44 17.37
N GLY B 987 -22.79 -26.79 16.27
CA GLY B 987 -22.86 -25.34 16.18
C GLY B 987 -21.62 -24.69 16.73
N VAL B 988 -21.61 -23.36 16.80
CA VAL B 988 -20.45 -22.63 17.29
C VAL B 988 -20.19 -22.96 18.76
N LEU B 989 -21.26 -22.98 19.55
CA LEU B 989 -21.14 -23.31 20.97
C LEU B 989 -20.67 -24.75 21.15
N GLY B 990 -21.22 -25.65 20.35
CA GLY B 990 -20.84 -27.05 20.41
C GLY B 990 -19.39 -27.27 20.02
N ALA B 991 -18.90 -26.45 19.09
CA ALA B 991 -17.51 -26.52 18.67
C ALA B 991 -16.57 -25.98 19.76
N MET B 992 -16.98 -24.88 20.39
CA MET B 992 -16.20 -24.29 21.46
C MET B 992 -16.09 -25.24 22.64
N GLU B 993 -17.11 -26.07 22.82
CA GLU B 993 -17.13 -27.06 23.88
C GLU B 993 -15.99 -28.06 23.70
N THR B 994 -15.61 -28.28 22.44
CA THR B 994 -14.52 -29.19 22.11
C THR B 994 -13.20 -28.44 21.94
N GLY B 995 -13.30 -27.11 21.86
CA GLY B 995 -12.13 -26.30 21.59
C GLY B 995 -11.70 -26.45 20.13
N TYR B 996 -12.69 -26.59 19.25
CA TYR B 996 -12.43 -26.74 17.83
C TYR B 996 -11.79 -25.49 17.23
N GLN B 997 -12.41 -24.34 17.45
CA GLN B 997 -11.91 -23.09 16.92
C GLN B 997 -10.51 -22.81 17.45
N ARG B 998 -10.37 -22.89 18.77
CA ARG B 998 -9.08 -22.66 19.43
C ARG B 998 -8.02 -23.58 18.84
N GLY B 999 -8.39 -24.85 18.67
CA GLY B 999 -7.48 -25.83 18.11
C GLY B 999 -7.07 -25.49 16.70
N LYS B 1000 -8.05 -25.15 15.87
CA LYS B 1000 -7.81 -24.85 14.47
C LYS B 1000 -6.96 -23.59 14.31
N ILE B 1001 -7.24 -22.58 15.14
CA ILE B 1001 -6.44 -21.36 15.12
C ILE B 1001 -5.00 -21.66 15.48
N GLN B 1002 -4.84 -22.41 16.57
CA GLN B 1002 -3.54 -22.84 17.07
C GLN B 1002 -2.78 -23.65 16.05
N GLU B 1003 -3.51 -24.47 15.30
CA GLU B 1003 -2.92 -25.30 14.25
C GLU B 1003 -2.36 -24.45 13.11
N GLU B 1004 -3.12 -23.41 12.76
CA GLU B 1004 -2.75 -22.54 11.65
C GLU B 1004 -1.68 -21.54 12.05
N SER B 1005 -1.72 -21.10 13.30
CA SER B 1005 -0.70 -20.20 13.83
C SER B 1005 0.65 -20.86 13.81
N LEU B 1006 0.66 -22.16 14.12
CA LEU B 1006 1.90 -22.93 14.12
C LEU B 1006 2.40 -23.12 12.69
N TYR B 1007 1.48 -23.44 11.79
CA TYR B 1007 1.82 -23.65 10.38
C TYR B 1007 2.44 -22.41 9.76
N TYR B 1008 1.88 -21.24 10.07
CA TYR B 1008 2.44 -19.98 9.60
C TYR B 1008 3.82 -19.75 10.20
N GLU B 1009 3.91 -19.92 11.52
CA GLU B 1009 5.15 -19.65 12.23
C GLU B 1009 6.23 -20.65 11.79
N GLN B 1010 5.79 -21.79 11.27
CA GLN B 1010 6.70 -22.81 10.75
C GLN B 1010 7.29 -22.44 9.40
N LEU B 1011 6.43 -22.14 8.43
CA LEU B 1011 6.87 -21.78 7.09
C LEU B 1011 7.69 -20.50 7.09
N LYS B 1012 7.42 -19.64 8.06
CA LYS B 1012 8.20 -18.43 8.28
C LYS B 1012 9.65 -18.80 8.59
N HIS B 1013 9.81 -19.67 9.59
CA HIS B 1013 11.13 -20.18 9.98
C HIS B 1013 11.70 -21.10 8.89
N ASP B 1014 10.82 -21.81 8.21
CA ASP B 1014 11.21 -22.73 7.16
C ASP B 1014 11.91 -22.03 6.01
N GLY B 1015 11.66 -20.73 5.87
CA GLY B 1015 12.20 -19.96 4.77
C GLY B 1015 11.34 -20.13 3.53
N THR B 1016 10.23 -20.84 3.71
CA THR B 1016 9.33 -21.17 2.61
C THR B 1016 8.38 -20.02 2.35
N LEU B 1017 7.96 -19.35 3.42
CA LEU B 1017 7.14 -18.16 3.31
C LEU B 1017 8.01 -16.93 3.53
N PRO B 1018 8.38 -16.25 2.43
CA PRO B 1018 9.31 -15.12 2.49
C PRO B 1018 8.73 -13.90 3.20
N ILE B 1019 9.48 -13.37 4.16
CA ILE B 1019 9.13 -12.12 4.82
C ILE B 1019 10.31 -11.16 4.68
N ILE B 1020 10.14 -10.12 3.88
CA ILE B 1020 11.24 -9.21 3.58
C ILE B 1020 11.77 -8.50 4.81
N GLY B 1021 13.06 -8.69 5.09
CA GLY B 1021 13.70 -8.07 6.24
C GLY B 1021 13.75 -8.99 7.44
N VAL B 1022 13.04 -10.11 7.35
CA VAL B 1022 12.95 -11.05 8.47
C VAL B 1022 13.68 -12.37 8.17
N ASN B 1023 13.18 -13.13 7.19
CA ASN B 1023 13.83 -14.39 6.84
C ASN B 1023 14.56 -14.31 5.50
N THR B 1024 14.46 -13.16 4.85
CA THR B 1024 15.19 -12.89 3.62
C THR B 1024 15.45 -11.40 3.48
N PHE B 1025 16.50 -11.05 2.73
CA PHE B 1025 16.87 -9.65 2.53
C PHE B 1025 17.08 -8.98 3.88
N ARG B 1026 17.68 -9.71 4.81
CA ARG B 1026 17.86 -9.23 6.18
C ARG B 1026 18.83 -8.06 6.24
N ASN B 1027 18.73 -7.28 7.31
CA ASN B 1027 19.60 -6.12 7.50
C ASN B 1027 21.07 -6.54 7.60
N PRO B 1028 21.90 -6.08 6.65
CA PRO B 1028 23.32 -6.44 6.59
C PRO B 1028 24.13 -5.88 7.77
N ASN B 1029 23.52 -5.01 8.57
CA ASN B 1029 24.18 -4.45 9.74
C ASN B 1029 23.70 -5.10 11.03
N GLY B 1030 22.40 -5.37 11.11
CA GLY B 1030 21.81 -5.99 12.29
C GLY B 1030 20.40 -5.49 12.56
N LEU B 1039 4.94 0.93 28.01
CA LEU B 1039 4.80 2.20 27.33
C LEU B 1039 3.84 3.12 28.07
N ALA B 1040 2.55 2.79 28.04
CA ALA B 1040 1.52 3.60 28.69
C ALA B 1040 1.51 3.37 30.21
N ARG B 1041 1.47 4.45 30.98
CA ARG B 1041 1.50 4.37 32.43
C ARG B 1041 0.52 5.32 33.11
N SER B 1042 0.39 5.14 34.42
CA SER B 1042 -0.53 5.92 35.24
C SER B 1042 0.18 6.48 36.46
N SER B 1043 -0.20 7.69 36.86
CA SER B 1043 0.40 8.35 38.01
C SER B 1043 0.11 7.60 39.30
N GLU B 1044 1.01 7.70 40.28
CA GLU B 1044 0.81 7.08 41.58
C GLU B 1044 -0.39 7.72 42.29
N ASP B 1045 -0.50 9.03 42.16
CA ASP B 1045 -1.61 9.77 42.76
C ASP B 1045 -2.94 9.31 42.18
N GLU B 1046 -2.93 8.98 40.89
CA GLU B 1046 -4.14 8.51 40.22
C GLU B 1046 -4.58 7.15 40.74
N LYS B 1047 -3.62 6.32 41.10
CA LYS B 1047 -3.93 5.00 41.65
C LYS B 1047 -4.54 5.14 43.04
N GLN B 1048 -3.91 5.97 43.86
CA GLN B 1048 -4.41 6.25 45.20
C GLN B 1048 -5.75 6.96 45.16
N SER B 1049 -5.96 7.76 44.12
CA SER B 1049 -7.24 8.43 43.90
C SER B 1049 -8.36 7.41 43.69
N GLN B 1050 -8.12 6.47 42.79
CA GLN B 1050 -9.11 5.44 42.48
C GLN B 1050 -9.42 4.59 43.70
N LEU B 1051 -8.41 4.30 44.51
CA LEU B 1051 -8.60 3.53 45.74
C LEU B 1051 -9.46 4.29 46.73
N HIS B 1052 -9.19 5.59 46.87
CA HIS B 1052 -9.90 6.45 47.81
C HIS B 1052 -11.33 6.69 47.35
N ARG B 1053 -11.51 6.90 46.05
CA ARG B 1053 -12.84 7.08 45.50
C ARG B 1053 -13.69 5.83 45.68
N LEU B 1054 -13.05 4.67 45.56
CA LEU B 1054 -13.74 3.39 45.71
C LEU B 1054 -14.22 3.17 47.13
N THR B 1055 -13.30 3.35 48.09
CA THR B 1055 -13.64 3.14 49.50
C THR B 1055 -14.64 4.20 49.96
N GLU B 1056 -14.66 5.34 49.28
CA GLU B 1056 -15.61 6.39 49.60
C GLU B 1056 -16.98 6.05 49.03
N PHE B 1057 -16.98 5.47 47.83
CA PHE B 1057 -18.21 5.00 47.19
C PHE B 1057 -18.84 3.89 48.02
N HIS B 1058 -18.00 2.94 48.43
CA HIS B 1058 -18.45 1.81 49.23
C HIS B 1058 -19.07 2.25 50.55
N GLY B 1059 -18.44 3.24 51.18
CA GLY B 1059 -18.95 3.76 52.44
C GLY B 1059 -20.28 4.45 52.28
N ALA B 1060 -20.50 5.04 51.10
CA ALA B 1060 -21.71 5.78 50.83
C ALA B 1060 -22.93 4.87 50.74
N HIS B 1061 -22.76 3.71 50.10
CA HIS B 1061 -23.86 2.78 49.91
C HIS B 1061 -23.65 1.50 50.71
N GLN B 1062 -23.04 1.63 51.88
CA GLN B 1062 -22.72 0.50 52.73
C GLN B 1062 -23.98 -0.23 53.20
N ALA B 1063 -25.09 0.50 53.28
CA ALA B 1063 -26.34 -0.07 53.75
C ALA B 1063 -27.03 -0.92 52.67
N ASP B 1064 -27.10 -0.37 51.46
CA ASP B 1064 -27.87 -1.01 50.39
C ASP B 1064 -27.06 -1.98 49.56
N ALA B 1065 -25.78 -2.13 49.90
CA ALA B 1065 -24.86 -2.92 49.09
C ALA B 1065 -25.20 -4.41 49.08
N GLU B 1066 -25.16 -5.04 50.26
CA GLU B 1066 -25.40 -6.47 50.38
C GLU B 1066 -26.80 -6.85 49.90
N ALA B 1067 -27.76 -5.96 50.17
CA ALA B 1067 -29.14 -6.17 49.78
C ALA B 1067 -29.31 -6.20 48.25
N MET B 1068 -28.63 -5.28 47.57
CA MET B 1068 -28.72 -5.19 46.13
C MET B 1068 -28.04 -6.39 45.46
N LEU B 1069 -26.88 -6.78 45.99
CA LEU B 1069 -26.14 -7.92 45.46
C LEU B 1069 -26.94 -9.20 45.62
N ALA B 1070 -27.65 -9.31 46.73
CA ALA B 1070 -28.52 -10.46 46.99
C ALA B 1070 -29.66 -10.51 45.96
N ARG B 1071 -30.22 -9.34 45.66
CA ARG B 1071 -31.25 -9.23 44.64
C ARG B 1071 -30.73 -9.67 43.28
N LEU B 1072 -29.47 -9.31 43.01
CA LEU B 1072 -28.85 -9.64 41.74
C LEU B 1072 -28.69 -11.15 41.57
N ARG B 1073 -28.29 -11.83 42.64
CA ARG B 1073 -28.13 -13.28 42.61
C ARG B 1073 -29.47 -13.96 42.41
N GLN B 1074 -30.49 -13.45 43.09
CA GLN B 1074 -31.83 -13.99 42.98
C GLN B 1074 -32.38 -13.83 41.57
N ALA B 1075 -31.91 -12.80 40.88
CA ALA B 1075 -32.32 -12.56 39.50
C ALA B 1075 -31.80 -13.67 38.59
N VAL B 1076 -30.61 -14.18 38.90
CA VAL B 1076 -30.02 -15.26 38.12
C VAL B 1076 -30.65 -16.60 38.51
N ILE B 1077 -30.87 -16.78 39.81
CA ILE B 1077 -31.49 -18.00 40.32
C ILE B 1077 -32.91 -18.17 39.79
N ASP B 1078 -33.74 -17.15 39.99
CA ASP B 1078 -35.12 -17.20 39.52
C ASP B 1078 -35.21 -17.03 38.00
N ASN B 1079 -34.04 -16.89 37.37
CA ASN B 1079 -33.94 -16.79 35.92
C ASN B 1079 -34.75 -15.63 35.35
N ARG B 1080 -34.52 -14.44 35.89
CA ARG B 1080 -35.15 -13.23 35.37
C ARG B 1080 -34.18 -12.50 34.45
N ASN B 1081 -34.42 -11.21 34.22
CA ASN B 1081 -33.51 -10.42 33.40
C ASN B 1081 -32.39 -9.82 34.25
N VAL B 1082 -31.17 -10.25 33.97
CA VAL B 1082 -30.01 -9.82 34.76
C VAL B 1082 -29.68 -8.34 34.55
N PHE B 1083 -29.74 -7.88 33.30
CA PHE B 1083 -29.39 -6.50 32.99
C PHE B 1083 -30.37 -5.52 33.64
N ALA B 1084 -31.63 -5.90 33.72
CA ALA B 1084 -32.66 -5.06 34.30
C ALA B 1084 -32.34 -4.74 35.76
N VAL B 1085 -31.71 -5.69 36.43
CA VAL B 1085 -31.30 -5.50 37.81
C VAL B 1085 -30.01 -4.70 37.87
N LEU B 1086 -29.15 -4.89 36.88
CA LEU B 1086 -27.89 -4.16 36.79
C LEU B 1086 -28.12 -2.66 36.66
N MET B 1087 -29.25 -2.28 36.05
CA MET B 1087 -29.61 -0.89 35.90
C MET B 1087 -29.80 -0.21 37.25
N ASP B 1088 -30.09 -1.01 38.26
CA ASP B 1088 -30.23 -0.50 39.63
C ASP B 1088 -29.00 -0.83 40.46
N ALA B 1089 -28.35 -1.92 40.10
CA ALA B 1089 -27.22 -2.43 40.88
C ALA B 1089 -26.00 -1.50 40.84
N VAL B 1090 -25.74 -0.91 39.69
CA VAL B 1090 -24.54 -0.08 39.51
C VAL B 1090 -24.62 1.24 40.26
N ARG B 1091 -25.75 1.50 40.88
CA ARG B 1091 -25.95 2.74 41.64
C ARG B 1091 -25.48 2.63 43.08
N VAL B 1092 -25.38 1.41 43.58
CA VAL B 1092 -24.99 1.20 44.97
C VAL B 1092 -23.84 0.20 45.10
N CYS B 1093 -23.44 -0.38 43.98
CA CYS B 1093 -22.40 -1.40 43.98
C CYS B 1093 -21.27 -1.07 43.01
N SER B 1094 -20.07 -1.50 43.35
CA SER B 1094 -18.92 -1.30 42.48
C SER B 1094 -18.80 -2.44 41.47
N LEU B 1095 -17.93 -2.27 40.49
CA LEU B 1095 -17.73 -3.26 39.44
C LEU B 1095 -17.32 -4.61 40.02
N GLY B 1096 -16.36 -4.58 40.94
CA GLY B 1096 -15.88 -5.80 41.57
C GLY B 1096 -16.94 -6.51 42.38
N GLN B 1097 -17.72 -5.74 43.14
CA GLN B 1097 -18.79 -6.30 43.96
C GLN B 1097 -19.80 -7.06 43.09
N ILE B 1098 -20.20 -6.44 41.99
CA ILE B 1098 -21.16 -7.04 41.08
C ILE B 1098 -20.60 -8.30 40.42
N THR B 1099 -19.36 -8.20 39.92
CA THR B 1099 -18.72 -9.32 39.25
C THR B 1099 -18.58 -10.53 40.18
N HIS B 1100 -18.08 -10.29 41.38
CA HIS B 1100 -17.87 -11.37 42.34
C HIS B 1100 -19.20 -11.96 42.83
N ALA B 1101 -20.23 -11.12 42.88
CA ALA B 1101 -21.56 -11.59 43.25
C ALA B 1101 -22.10 -12.54 42.18
N LEU B 1102 -21.86 -12.19 40.92
CA LEU B 1102 -22.29 -13.03 39.80
C LEU B 1102 -21.48 -14.32 39.74
N PHE B 1103 -20.24 -14.27 40.20
CA PHE B 1103 -19.41 -15.47 40.31
C PHE B 1103 -20.05 -16.50 41.22
N GLU B 1104 -20.60 -15.99 42.33
CA GLU B 1104 -21.18 -16.78 43.41
C GLU B 1104 -22.44 -17.53 43.01
N VAL B 1105 -23.22 -16.92 42.11
CA VAL B 1105 -24.47 -17.51 41.68
C VAL B 1105 -24.20 -18.54 40.57
N GLY B 1106 -22.95 -18.61 40.13
CA GLY B 1106 -22.52 -19.66 39.22
C GLY B 1106 -22.04 -19.22 37.85
N GLY B 1107 -22.05 -17.92 37.60
CA GLY B 1107 -21.70 -17.40 36.29
C GLY B 1107 -20.22 -17.27 36.01
N GLN B 1108 -19.40 -17.77 36.94
CA GLN B 1108 -17.95 -17.67 36.77
C GLN B 1108 -17.45 -18.66 35.71
N TYR B 1109 -16.47 -18.22 34.92
CA TYR B 1109 -15.88 -19.09 33.91
C TYR B 1109 -15.12 -20.25 34.53
N ARG B 1110 -15.31 -21.44 33.99
CA ARG B 1110 -14.57 -22.61 34.44
C ARG B 1110 -13.60 -23.09 33.38
N ARG B 1111 -12.33 -23.25 33.77
CA ARG B 1111 -11.32 -23.80 32.89
C ARG B 1111 -11.69 -25.24 32.52
N ASN B 1112 -12.45 -25.38 31.45
CA ASN B 1112 -13.17 -26.61 31.18
C ASN B 1112 -12.52 -27.55 30.16
N MET B 1113 -11.21 -27.42 29.96
CA MET B 1113 -10.55 -28.29 28.99
C MET B 1113 -9.19 -28.74 29.47
CO B12 C . 16.32 14.72 -12.26
N21 B12 C . 17.26 14.78 -10.64
N22 B12 C . 17.85 14.00 -13.16
N23 B12 C . 15.23 14.91 -13.83
N24 B12 C . 14.82 15.14 -11.18
C1 B12 C . 16.54 15.24 -9.46
C20 B12 C . 16.67 16.75 -9.37
C2 B12 C . 17.17 14.44 -8.26
C25 B12 C . 17.17 15.21 -6.94
C26 B12 C . 16.54 13.05 -8.08
C27 B12 C . 17.29 12.08 -7.14
O28 B12 C . 18.15 11.32 -7.61
N29 B12 C . 16.97 12.10 -5.86
C3 B12 C . 18.61 14.15 -8.82
C30 B12 C . 19.64 15.18 -8.32
C31 B12 C . 20.71 14.55 -7.42
C32 B12 C . 21.72 15.55 -6.90
O34 B12 C . 22.42 15.29 -5.91
N33 B12 C . 21.82 16.68 -7.56
C4 B12 C . 18.38 14.19 -10.31
C5 B12 C . 19.31 13.56 -11.30
C35 B12 C . 20.52 12.95 -10.65
C6 B12 C . 19.05 13.51 -12.65
C7 B12 C . 19.90 12.90 -13.76
C36 B12 C . 21.27 13.58 -13.86
C37 B12 C . 20.03 11.37 -13.55
C38 B12 C . 21.20 10.78 -14.36
O39 B12 C . 21.10 10.57 -15.57
N40 B12 C . 22.30 10.52 -13.67
C8 B12 C . 19.05 13.10 -15.04
C41 B12 C . 19.70 13.89 -16.20
C42 B12 C . 19.43 15.39 -16.18
C43 B12 C . 20.01 16.12 -17.37
O44 B12 C . 20.80 17.06 -17.22
N45 B12 C . 19.63 15.69 -18.57
C9 B12 C . 17.79 13.71 -14.50
C10 B12 C . 16.70 13.82 -15.36
C11 B12 C . 15.49 14.36 -15.01
C12 B12 C . 14.31 14.42 -15.97
C46 B12 C . 13.51 13.12 -15.95
C47 B12 C . 14.78 14.71 -17.41
C13 B12 C . 13.45 15.54 -15.32
C48 B12 C . 13.78 16.95 -15.85
C49 B12 C . 12.70 17.50 -16.78
C50 B12 C . 13.08 18.84 -17.35
O51 B12 C . 13.37 19.79 -16.62
N52 B12 C . 13.09 18.93 -18.67
C14 B12 C . 13.93 15.43 -13.87
C15 B12 C . 13.12 15.78 -12.81
C53 B12 C . 11.74 16.27 -13.09
C16 B12 C . 13.60 15.59 -11.39
C17 B12 C . 12.81 15.81 -10.10
C54 B12 C . 11.84 14.62 -9.96
C55 B12 C . 12.00 17.12 -9.90
C56 B12 C . 12.71 18.37 -10.40
C57 B12 C . 11.66 19.33 -10.90
O58 B12 C . 11.63 19.69 -12.08
N59 B12 C . 10.81 19.79 -9.99
C18 B12 C . 13.95 15.78 -9.06
C60 B12 C . 13.59 15.22 -7.68
C61 B12 C . 12.65 16.08 -6.86
O63 B12 C . 13.07 17.07 -6.27
N62 B12 C . 11.39 15.71 -6.84
C19 B12 C . 15.04 14.93 -9.73
C1P B12 C . 9.79 20.78 -10.28
C2P B12 C . 10.17 22.20 -9.70
C3P B12 C . 9.32 23.25 -10.38
O3 B12 C . 9.84 22.24 -8.33
O4 B12 C . 10.26 21.50 -5.85
O5 B12 C . 12.09 21.44 -7.59
P B12 C . 10.83 22.14 -7.07
O2 B12 C . 11.26 23.68 -6.89
C3R B12 C . 10.57 24.65 -6.12
C2R B12 C . 11.39 25.76 -5.46
O7R B12 C . 12.70 25.31 -5.12
C1R B12 C . 11.43 26.82 -6.58
O6R B12 C . 10.36 26.56 -7.46
C4R B12 C . 9.59 25.44 -6.99
C5R B12 C . 8.35 25.93 -6.29
O8R B12 C . 7.56 24.84 -5.82
N1B B12 C . 12.68 26.87 -7.34
C8B B12 C . 13.05 28.01 -8.02
C2B B12 C . 13.34 25.84 -7.93
N3B B12 C . 14.11 26.21 -8.93
C9B B12 C . 13.95 27.59 -9.00
C4B B12 C . 14.51 28.52 -9.86
C5B B12 C . 14.18 29.87 -9.75
C5M B12 C . 14.80 30.86 -10.70
C6B B12 C . 13.26 30.29 -8.75
C6M B12 C . 12.87 31.74 -8.62
C7B B12 C . 12.70 29.35 -7.89
N1 5AD D . 20.00 6.47 -8.34
N1 5AD D . 19.25 6.61 -8.38
C2 5AD D . 18.68 6.25 -8.42
C2 5AD D . 17.93 6.51 -8.51
N3 5AD D . 17.75 6.98 -9.05
N3 5AD D . 17.09 7.30 -9.19
C4 5AD D . 18.29 8.06 -9.62
C4 5AD D . 17.75 8.31 -9.77
N9 5AD D . 17.64 9.03 -10.34
N9 5AD D . 17.22 9.32 -10.54
C8 5AD D . 18.62 9.92 -10.72
C8 5AD D . 18.29 10.10 -10.91
N7 5AD D . 19.82 9.60 -10.31
N7 5AD D . 19.44 9.68 -10.44
C5 5AD D . 19.63 8.42 -9.61
C5 5AD D . 19.11 8.55 -9.72
C6 5AD D . 20.52 7.56 -8.93
C6 5AD D . 19.89 7.64 -8.98
N6 5AD D . 21.83 7.77 -8.84
N6 5AD D . 21.22 7.73 -8.86
C1' 5AD D . 16.22 9.10 -10.65
C1' 5AD D . 15.82 9.52 -10.91
C2' 5AD D . 15.39 9.81 -9.58
C2' 5AD D . 15.04 10.33 -9.86
C3' 5AD D . 14.67 10.92 -10.36
C3' 5AD D . 14.07 11.12 -10.75
C4' 5AD D . 14.78 10.46 -11.81
C4' 5AD D . 14.89 11.37 -12.01
C5' 5AD D . 14.72 11.55 -12.85
C5' 5AD D . 15.71 12.64 -12.02
O4' 5AD D . 16.07 9.81 -11.87
O4' 5AD D . 15.78 10.23 -12.12
O2' 5AD D . 14.46 8.91 -8.98
O2' 5AD D . 14.36 9.45 -8.97
O3' 5AD D . 13.30 11.02 -10.00
O3' 5AD D . 12.90 10.38 -11.08
O9 IVC E . 12.02 -12.24 -26.88
P1 IVC E . 13.37 -12.80 -27.16
O5 IVC E . 13.32 -14.23 -27.74
O6 IVC E . 14.20 -11.93 -28.12
O2 IVC E . 14.23 -12.92 -25.81
C1 IVC E . 13.73 -13.05 -24.47
C2 IVC E . 13.03 -14.40 -24.28
O3 IVC E . 13.61 -15.38 -25.13
C4 IVC E . 13.34 -14.70 -22.81
N1 IVC E . 12.35 -14.22 -21.85
C7 IVC E . 12.45 -13.13 -21.03
N2 IVC E . 11.42 -12.95 -20.25
C8 IVC E . 10.57 -14.00 -20.58
C6 IVC E . 11.13 -14.79 -21.57
N3 IVC E . 10.59 -15.88 -22.13
C15 IVC E . 9.40 -16.15 -21.59
N4 IVC E . 8.74 -15.49 -20.64
C12 IVC E . 9.31 -14.39 -20.09
N5 IVC E . 8.65 -13.73 -19.13
O1 IVC E . 14.58 -14.07 -22.51
C3 IVC E . 14.98 -13.19 -23.59
C5 IVC E . 15.52 -11.90 -23.03
O4 IVC E . 14.46 -11.22 -22.32
P2 IVC E . 14.36 -9.63 -22.31
O12 IVC E . 15.54 -8.95 -22.90
O10 IVC E . 13.10 -9.22 -23.07
O7 IVC E . 14.19 -9.16 -20.79
P3 IVC E . 14.93 -8.06 -19.92
O14 IVC E . 16.37 -8.03 -20.26
O13 IVC E . 14.75 -8.42 -18.45
O8 IVC E . 14.20 -6.67 -20.16
C11 IVC E . 14.95 -5.59 -20.74
C9 IVC E . 14.01 -4.54 -21.33
C13 IVC E . 13.33 -5.12 -22.57
C14 IVC E . 12.95 -4.21 -20.28
C10 IVC E . 14.77 -3.25 -21.72
O11 IVC E . 13.84 -2.30 -22.21
C16 IVC E . 15.54 -2.65 -20.54
O15 IVC E . 16.64 -3.10 -20.23
N6 IVC E . 14.96 -1.64 -19.90
C17 IVC E . 15.60 -0.94 -18.81
C18 IVC E . 15.68 0.55 -19.06
C19 IVC E . 16.07 1.31 -17.82
O16 IVC E . 16.07 0.78 -16.72
N7 IVC E . 16.39 2.58 -18.00
C20 IVC E . 16.77 3.45 -16.90
C21 IVC E . 16.37 4.89 -17.12
S1 IVC E . 16.45 5.79 -15.55
C22 IVC E . 16.08 7.43 -16.06
O17 IVC E . 15.87 7.73 -17.21
C23 IVC E . 16.06 8.42 -14.92
C24 IVC E . 16.83 9.71 -15.22
C25 IVC E . 18.13 9.45 -15.95
C26 IVC E . 15.96 10.62 -16.08
PB GDP F . 13.67 33.13 -36.08
O1B GDP F . 12.80 33.72 -37.19
O2B GDP F . 12.90 33.23 -34.74
O3B GDP F . 14.90 33.92 -35.98
O3A GDP F . 14.01 31.65 -36.43
PA GDP F . 14.86 30.70 -35.46
O1A GDP F . 14.62 31.01 -34.09
O2A GDP F . 16.34 30.90 -35.73
O5' GDP F . 14.50 29.21 -35.74
C5' GDP F . 13.32 28.77 -35.44
C4' GDP F . 13.25 27.25 -35.68
O4' GDP F . 13.56 26.90 -37.09
C3' GDP F . 14.13 26.39 -34.86
O3' GDP F . 13.51 25.17 -34.47
C2' GDP F . 15.23 26.08 -35.74
O2' GDP F . 15.95 24.88 -35.39
C1' GDP F . 14.54 25.92 -37.04
N9 GDP F . 15.40 25.97 -38.27
C8 GDP F . 16.36 26.79 -38.52
N7 GDP F . 16.87 26.50 -39.71
C5 GDP F . 16.19 25.45 -40.21
C6 GDP F . 16.28 24.69 -41.43
O6 GDP F . 17.21 25.02 -42.38
N1 GDP F . 15.43 23.66 -41.64
C2 GDP F . 14.55 23.36 -40.76
N2 GDP F . 13.63 22.24 -41.01
N3 GDP F . 14.44 24.07 -39.58
C4 GDP F . 15.27 25.11 -39.32
MG MG G . 14.92 34.53 -33.71
MG MG H . 13.88 37.49 -34.02
CO B12 I . 0.90 -12.74 23.13
N21 B12 I . 2.10 -11.44 23.77
N22 B12 I . -0.57 -11.56 23.49
N23 B12 I . -0.15 -14.22 22.53
N24 B12 I . 2.47 -13.63 22.58
C1 B12 I . 3.51 -11.81 23.87
C20 B12 I . 3.72 -12.56 25.16
C2 B12 I . 4.29 -10.43 23.72
C25 B12 I . 5.59 -10.38 24.52
C26 B12 I . 4.54 -10.08 22.24
C27 B12 I . 5.05 -8.65 21.96
O28 B12 I . 4.23 -7.75 21.73
N29 B12 I . 6.36 -8.46 21.97
C3 B12 I . 3.21 -9.42 24.24
C30 B12 I . 3.35 -9.13 25.74
C31 B12 I . 3.58 -7.65 26.06
C32 B12 I . 3.47 -7.35 27.54
O34 B12 I . 4.46 -6.97 28.18
N33 B12 I . 2.29 -7.52 28.08
C4 B12 I . 1.93 -10.17 23.94
C5 B12 I . 0.62 -9.49 23.84
C35 B12 I . 0.74 -8.00 23.86
C6 B12 I . -0.56 -10.20 23.75
C7 B12 I . -1.98 -9.66 23.77
C36 B12 I . -2.25 -8.89 25.08
C37 B12 I . -2.27 -8.81 22.51
C38 B12 I . -3.49 -7.93 22.73
O39 B12 I . -4.61 -8.41 22.81
N40 B12 I . -3.25 -6.62 22.81
C8 B12 I . -2.87 -10.94 23.70
C41 B12 I . -3.59 -11.36 24.99
C42 B12 I . -5.05 -10.96 25.04
C43 B12 I . -5.83 -11.42 23.83
O44 B12 I . -6.51 -10.62 23.18
N45 B12 I . -5.72 -12.70 23.52
C9 B12 I . -1.85 -11.97 23.30
C10 B12 I . -2.31 -13.16 22.74
C11 B12 I . -1.48 -14.21 22.34
C12 B12 I . -2.00 -15.48 21.69
C46 B12 I . -2.09 -15.35 20.17
C47 B12 I . -3.37 -15.87 22.26
C13 B12 I . -0.84 -16.46 22.01
C48 B12 I . -1.03 -17.17 23.36
C49 B12 I . -1.29 -18.67 23.25
C50 B12 I . -1.50 -19.31 24.59
O51 B12 I . -0.60 -19.37 25.43
N52 B12 I . -2.72 -19.80 24.82
C14 B12 I . 0.34 -15.48 22.18
C15 B12 I . 1.63 -15.84 21.94
C53 B12 I . 1.93 -17.23 21.45
C16 B12 I . 2.78 -14.86 22.21
C17 B12 I . 4.27 -15.09 22.04
C54 B12 I . 4.62 -15.04 20.55
C55 B12 I . 4.92 -16.36 22.66
C56 B12 I . 4.46 -16.67 24.08
C57 B12 I . 4.73 -18.14 24.34
O58 B12 I . 3.82 -18.91 24.61
N59 B12 I . 6.00 -18.51 24.26
C18 B12 I . 4.82 -13.89 22.83
C60 B12 I . 6.20 -13.33 22.40
C61 B12 I . 7.37 -13.98 23.10
O63 B12 I . 7.77 -13.54 24.20
N62 B12 I . 7.92 -15.01 22.49
C19 B12 I . 3.72 -12.83 22.70
C1P B12 I . 6.44 -19.89 24.47
C2P B12 I . 7.61 -20.02 25.52
C3P B12 I . 7.82 -21.47 25.83
O3 B12 I . 8.82 -19.54 24.94
O4 B12 I . 10.91 -17.99 24.58
O5 B12 I . 8.84 -17.20 25.77
P B12 I . 9.79 -18.36 25.47
O2 B12 I . 10.22 -18.96 26.91
C3R B12 I . 11.45 -19.62 27.22
C2R B12 I . 12.00 -19.40 28.62
O7R B12 I . 11.68 -18.10 29.12
C1R B12 I . 11.29 -20.50 29.41
O6R B12 I . 10.86 -21.48 28.48
C4R B12 I . 11.28 -21.12 27.15
C5R B12 I . 12.52 -21.90 26.78
O8R B12 I . 12.94 -21.62 25.45
N1B B12 I . 10.15 -20.08 30.20
C8B B12 I . 9.73 -20.75 31.34
C2B B12 I . 9.07 -19.33 29.80
N3B B12 I . 8.01 -19.46 30.56
C9B B12 I . 8.42 -20.36 31.55
C4B B12 I . 7.72 -20.88 32.64
C5B B12 I . 8.33 -21.77 33.50
C5M B12 I . 7.57 -22.30 34.69
C6B B12 I . 9.68 -22.17 33.27
C6M B12 I . 10.36 -23.17 34.17
C7B B12 I . 10.37 -21.65 32.18
O9 IVC J . -31.03 5.36 8.68
P1 IVC J . -29.69 5.01 9.35
O5 IVC J . -29.42 3.54 9.37
O6 IVC J . -29.67 5.64 10.74
O2 IVC J . -28.55 5.78 8.49
C1 IVC J . -27.15 5.92 8.86
C2 IVC J . -26.25 5.27 7.80
O3 IVC J . -26.83 4.07 7.30
C4 IVC J . -26.25 6.36 6.73
N1 IVC J . -25.06 6.37 5.89
C7 IVC J . -23.76 6.42 6.30
N2 IVC J . -22.88 6.42 5.32
C8 IVC J . -23.67 6.36 4.19
C6 IVC J . -25.01 6.33 4.51
N3 IVC J . -26.05 6.28 3.66
C15 IVC J . -25.62 6.26 2.40
N4 IVC J . -24.37 6.28 1.93
C12 IVC J . -23.34 6.33 2.81
N5 IVC J . -22.10 6.35 2.34
O1 IVC J . -26.31 7.60 7.42
C3 IVC J . -26.82 7.40 8.76
C5 IVC J . -25.81 7.91 9.76
O4 IVC J . -24.53 7.31 9.51
P2 IVC J . -23.48 7.04 10.69
O12 IVC J . -22.34 8.04 10.54
O10 IVC J . -22.93 5.66 10.71
O7 IVC J . -24.21 7.34 12.08
PB GDP K . -13.85 -35.56 35.80
O1B GDP K . -14.36 -36.99 35.66
O2B GDP K . -12.37 -35.52 35.38
O3B GDP K . -13.96 -35.16 37.21
O3A GDP K . -14.72 -34.61 34.92
PA GDP K . -14.44 -33.05 34.80
O1A GDP K . -15.14 -32.32 35.90
O2A GDP K . -13.05 -32.77 34.88
O5' GDP K . -15.01 -32.53 33.43
C5' GDP K . -14.47 -32.91 32.32
C4' GDP K . -15.11 -32.16 31.12
O4' GDP K . -16.57 -32.41 31.06
C3' GDP K . -14.95 -30.71 31.08
O3' GDP K . -14.78 -30.21 29.76
C2' GDP K . -16.22 -30.20 31.58
O2' GDP K . -16.52 -28.86 31.15
C1' GDP K . -17.18 -31.16 30.97
N9 GDP K . -18.54 -31.18 31.56
C8 GDP K . -18.87 -31.15 32.80
N7 GDP K . -20.18 -31.20 32.91
C5 GDP K . -20.71 -31.26 31.68
C6 GDP K . -22.05 -31.32 31.16
O6 GDP K . -23.11 -31.33 32.01
N1 GDP K . -22.24 -31.38 29.83
C2 GDP K . -21.23 -31.38 29.03
N2 GDP K . -21.48 -31.44 27.57
N3 GDP K . -19.94 -31.31 29.50
C4 GDP K . -19.69 -31.26 30.82
MG MG L . -11.78 -34.45 37.70
MG MG M . -10.70 -36.95 39.70
#